data_4O0J
# 
_entry.id   4O0J 
# 
_audit_conform.dict_name       mmcif_pdbx.dic 
_audit_conform.dict_version    5.397 
_audit_conform.dict_location   http://mmcif.pdb.org/dictionaries/ascii/mmcif_pdbx.dic 
# 
loop_
_database_2.database_id 
_database_2.database_code 
_database_2.pdbx_database_accession 
_database_2.pdbx_DOI 
PDB   4O0J         pdb_00004o0j 10.2210/pdb4o0j/pdb 
RCSB  RCSB083888   ?            ?                   
WWPDB D_1000083888 ?            ?                   
# 
loop_
_pdbx_audit_revision_history.ordinal 
_pdbx_audit_revision_history.data_content_type 
_pdbx_audit_revision_history.major_revision 
_pdbx_audit_revision_history.minor_revision 
_pdbx_audit_revision_history.revision_date 
1 'Structure model' 1 0 2014-07-02 
2 'Structure model' 1 1 2017-11-22 
3 'Structure model' 1 2 2024-10-16 
# 
_pdbx_audit_revision_details.ordinal             1 
_pdbx_audit_revision_details.revision_ordinal    1 
_pdbx_audit_revision_details.data_content_type   'Structure model' 
_pdbx_audit_revision_details.provider            repository 
_pdbx_audit_revision_details.type                'Initial release' 
_pdbx_audit_revision_details.description         ? 
_pdbx_audit_revision_details.details             ? 
# 
loop_
_pdbx_audit_revision_group.ordinal 
_pdbx_audit_revision_group.revision_ordinal 
_pdbx_audit_revision_group.data_content_type 
_pdbx_audit_revision_group.group 
1 2 'Structure model' 'Refinement description' 
2 3 'Structure model' 'Data collection'        
3 3 'Structure model' 'Database references'    
4 3 'Structure model' 'Derived calculations'   
5 3 'Structure model' 'Structure summary'      
# 
loop_
_pdbx_audit_revision_category.ordinal 
_pdbx_audit_revision_category.revision_ordinal 
_pdbx_audit_revision_category.data_content_type 
_pdbx_audit_revision_category.category 
1 2 'Structure model' software                  
2 3 'Structure model' chem_comp_atom            
3 3 'Structure model' chem_comp_bond            
4 3 'Structure model' database_2                
5 3 'Structure model' pdbx_entry_details        
6 3 'Structure model' pdbx_modification_feature 
7 3 'Structure model' struct_conn               
8 3 'Structure model' struct_ref_seq_dif        
9 3 'Structure model' struct_site               
# 
loop_
_pdbx_audit_revision_item.ordinal 
_pdbx_audit_revision_item.revision_ordinal 
_pdbx_audit_revision_item.data_content_type 
_pdbx_audit_revision_item.item 
1 3 'Structure model' '_database_2.pdbx_DOI'                
2 3 'Structure model' '_database_2.pdbx_database_accession' 
3 3 'Structure model' '_struct_conn.pdbx_leaving_atom_flag' 
4 3 'Structure model' '_struct_ref_seq_dif.details'         
5 3 'Structure model' '_struct_site.pdbx_auth_asym_id'      
6 3 'Structure model' '_struct_site.pdbx_auth_comp_id'      
7 3 'Structure model' '_struct_site.pdbx_auth_seq_id'       
# 
_pdbx_database_status.entry_id                        4O0J 
_pdbx_database_status.status_code                     REL 
_pdbx_database_status.deposit_site                    RCSB 
_pdbx_database_status.process_site                    RCSB 
_pdbx_database_status.recvd_initial_deposition_date   2013-12-13 
_pdbx_database_status.status_code_sf                  REL 
_pdbx_database_status.status_code_mr                  ? 
_pdbx_database_status.SG_entry                        ? 
_pdbx_database_status.status_code_cs                  ? 
_pdbx_database_status.methods_development_category    ? 
_pdbx_database_status.pdb_format_compatible           Y 
_pdbx_database_status.status_code_nmr_data            ? 
# 
loop_
_pdbx_database_related.db_name 
_pdbx_database_related.db_id 
_pdbx_database_related.details 
_pdbx_database_related.content_type 
PDB 1ITG 'HIV-1 Integrase catalytic core domain' unspecified 
PDB 4O55 .                                       unspecified 
PDB 4O5B .                                       unspecified 
# 
loop_
_audit_author.name 
_audit_author.pdbx_ordinal 
'Feng, L.'          1 
'Kvaratskhelia, M.' 2 
# 
_citation.id                        primary 
_citation.title                     'A New Class of Multimerization Selective Inhibitors of HIV-1 Integrase.' 
_citation.journal_abbrev            'Plos Pathog.' 
_citation.journal_volume            10 
_citation.page_first                e1004171 
_citation.page_last                 e1004171 
_citation.year                      2014 
_citation.journal_id_ASTM           ? 
_citation.country                   US 
_citation.journal_id_ISSN           1553-7366 
_citation.journal_id_CSD            ? 
_citation.book_publisher            ? 
_citation.pdbx_database_id_PubMed   24874515 
_citation.pdbx_database_id_DOI      10.1371/journal.ppat.1004171 
# 
loop_
_citation_author.citation_id 
_citation_author.name 
_citation_author.ordinal 
_citation_author.identifier_ORCID 
primary 'Sharma, A.'        1  ? 
primary 'Slaughter, A.'     2  ? 
primary 'Jena, N.'          3  ? 
primary 'Feng, L.'          4  ? 
primary 'Kessl, J.J.'       5  ? 
primary 'Fadel, H.J.'       6  ? 
primary 'Malani, N.'        7  ? 
primary 'Male, F.'          8  ? 
primary 'Wu, L.'            9  ? 
primary 'Poeschla, E.'      10 ? 
primary 'Bushman, F.D.'     11 ? 
primary 'Fuchs, J.R.'       12 ? 
primary 'Kvaratskhelia, M.' 13 ? 
# 
loop_
_entity.id 
_entity.type 
_entity.src_method 
_entity.pdbx_description 
_entity.formula_weight 
_entity.pdbx_number_of_molecules 
_entity.pdbx_ec 
_entity.pdbx_mutation 
_entity.pdbx_fragment 
_entity.details 
1 polymer     man Integrase                                                                                           18152.445 1  
? ? ? ? 
2 non-polymer syn '(2S)-tert-butoxy[4-(4-chlorophenyl)-6-(3,4-dimethylphenyl)-2,5-dimethylpyridin-3-yl]ethanoic acid' 451.985   1  
? ? ? ? 
3 non-polymer syn 'SULFATE ION'                                                                                       96.063    3  
? ? ? ? 
4 water       nat water                                                                                               18.015    53 
? ? ? ? 
# 
_entity_poly.entity_id                      1 
_entity_poly.type                           'polypeptide(L)' 
_entity_poly.nstd_linkage                   no 
_entity_poly.nstd_monomer                   yes 
_entity_poly.pdbx_seq_one_letter_code       
;MHGQVDCSPGIWQLD(CAF)THLEGKVILVAVHVASGYIEAEVIPAETGQETAYFLLKLAGRWPVKTVHTDNGSNFTSTT
VKAA(CAF)WWAGIKQEFGIPYNPQSQGVIESMNKELKKIIGQVRDQAEHLKTAVQMAVFIHNKKRKGGIGGYSAGERIV
DIIATDIQTKE
;
_entity_poly.pdbx_seq_one_letter_code_can   
;MHGQVDCSPGIWQLDCTHLEGKVILVAVHVASGYIEAEVIPAETGQETAYFLLKLAGRWPVKTVHTDNGSNFTSTTVKAA
CWWAGIKQEFGIPYNPQSQGVIESMNKELKKIIGQVRDQAEHLKTAVQMAVFIHNKKRKGGIGGYSAGERIVDIIATDIQ
TKE
;
_entity_poly.pdbx_strand_id                 A 
_entity_poly.pdbx_target_identifier         ? 
# 
loop_
_pdbx_entity_nonpoly.entity_id 
_pdbx_entity_nonpoly.name 
_pdbx_entity_nonpoly.comp_id 
2 '(2S)-tert-butoxy[4-(4-chlorophenyl)-6-(3,4-dimethylphenyl)-2,5-dimethylpyridin-3-yl]ethanoic acid' LF8 
3 'SULFATE ION'                                                                                       SO4 
4 water                                                                                               HOH 
# 
loop_
_entity_poly_seq.entity_id 
_entity_poly_seq.num 
_entity_poly_seq.mon_id 
_entity_poly_seq.hetero 
1 1   MET n 
1 2   HIS n 
1 3   GLY n 
1 4   GLN n 
1 5   VAL n 
1 6   ASP n 
1 7   CYS n 
1 8   SER n 
1 9   PRO n 
1 10  GLY n 
1 11  ILE n 
1 12  TRP n 
1 13  GLN n 
1 14  LEU n 
1 15  ASP n 
1 16  CAF n 
1 17  THR n 
1 18  HIS n 
1 19  LEU n 
1 20  GLU n 
1 21  GLY n 
1 22  LYS n 
1 23  VAL n 
1 24  ILE n 
1 25  LEU n 
1 26  VAL n 
1 27  ALA n 
1 28  VAL n 
1 29  HIS n 
1 30  VAL n 
1 31  ALA n 
1 32  SER n 
1 33  GLY n 
1 34  TYR n 
1 35  ILE n 
1 36  GLU n 
1 37  ALA n 
1 38  GLU n 
1 39  VAL n 
1 40  ILE n 
1 41  PRO n 
1 42  ALA n 
1 43  GLU n 
1 44  THR n 
1 45  GLY n 
1 46  GLN n 
1 47  GLU n 
1 48  THR n 
1 49  ALA n 
1 50  TYR n 
1 51  PHE n 
1 52  LEU n 
1 53  LEU n 
1 54  LYS n 
1 55  LEU n 
1 56  ALA n 
1 57  GLY n 
1 58  ARG n 
1 59  TRP n 
1 60  PRO n 
1 61  VAL n 
1 62  LYS n 
1 63  THR n 
1 64  VAL n 
1 65  HIS n 
1 66  THR n 
1 67  ASP n 
1 68  ASN n 
1 69  GLY n 
1 70  SER n 
1 71  ASN n 
1 72  PHE n 
1 73  THR n 
1 74  SER n 
1 75  THR n 
1 76  THR n 
1 77  VAL n 
1 78  LYS n 
1 79  ALA n 
1 80  ALA n 
1 81  CAF n 
1 82  TRP n 
1 83  TRP n 
1 84  ALA n 
1 85  GLY n 
1 86  ILE n 
1 87  LYS n 
1 88  GLN n 
1 89  GLU n 
1 90  PHE n 
1 91  GLY n 
1 92  ILE n 
1 93  PRO n 
1 94  TYR n 
1 95  ASN n 
1 96  PRO n 
1 97  GLN n 
1 98  SER n 
1 99  GLN n 
1 100 GLY n 
1 101 VAL n 
1 102 ILE n 
1 103 GLU n 
1 104 SER n 
1 105 MET n 
1 106 ASN n 
1 107 LYS n 
1 108 GLU n 
1 109 LEU n 
1 110 LYS n 
1 111 LYS n 
1 112 ILE n 
1 113 ILE n 
1 114 GLY n 
1 115 GLN n 
1 116 VAL n 
1 117 ARG n 
1 118 ASP n 
1 119 GLN n 
1 120 ALA n 
1 121 GLU n 
1 122 HIS n 
1 123 LEU n 
1 124 LYS n 
1 125 THR n 
1 126 ALA n 
1 127 VAL n 
1 128 GLN n 
1 129 MET n 
1 130 ALA n 
1 131 VAL n 
1 132 PHE n 
1 133 ILE n 
1 134 HIS n 
1 135 ASN n 
1 136 LYS n 
1 137 LYS n 
1 138 ARG n 
1 139 LYS n 
1 140 GLY n 
1 141 GLY n 
1 142 ILE n 
1 143 GLY n 
1 144 GLY n 
1 145 TYR n 
1 146 SER n 
1 147 ALA n 
1 148 GLY n 
1 149 GLU n 
1 150 ARG n 
1 151 ILE n 
1 152 VAL n 
1 153 ASP n 
1 154 ILE n 
1 155 ILE n 
1 156 ALA n 
1 157 THR n 
1 158 ASP n 
1 159 ILE n 
1 160 GLN n 
1 161 THR n 
1 162 LYS n 
1 163 GLU n 
# 
_entity_src_gen.entity_id                          1 
_entity_src_gen.pdbx_src_id                        1 
_entity_src_gen.pdbx_alt_source_flag               sample 
_entity_src_gen.pdbx_seq_type                      ? 
_entity_src_gen.pdbx_beg_seq_num                   ? 
_entity_src_gen.pdbx_end_seq_num                   ? 
_entity_src_gen.gene_src_common_name               HIV-1 
_entity_src_gen.gene_src_genus                     ? 
_entity_src_gen.pdbx_gene_src_gene                 gag-pol 
_entity_src_gen.gene_src_species                   ? 
_entity_src_gen.gene_src_strain                    ? 
_entity_src_gen.gene_src_tissue                    ? 
_entity_src_gen.gene_src_tissue_fraction           ? 
_entity_src_gen.gene_src_details                   ? 
_entity_src_gen.pdbx_gene_src_fragment             ? 
_entity_src_gen.pdbx_gene_src_scientific_name      'Human immunodeficiency virus type 1' 
_entity_src_gen.pdbx_gene_src_ncbi_taxonomy_id     11698 
_entity_src_gen.pdbx_gene_src_variant              ? 
_entity_src_gen.pdbx_gene_src_cell_line            ? 
_entity_src_gen.pdbx_gene_src_atcc                 ? 
_entity_src_gen.pdbx_gene_src_organ                ? 
_entity_src_gen.pdbx_gene_src_organelle            ? 
_entity_src_gen.pdbx_gene_src_cell                 ? 
_entity_src_gen.pdbx_gene_src_cellular_location    ? 
_entity_src_gen.host_org_common_name               ? 
_entity_src_gen.pdbx_host_org_scientific_name      'Escherichia coli' 
_entity_src_gen.pdbx_host_org_ncbi_taxonomy_id     469008 
_entity_src_gen.host_org_genus                     ? 
_entity_src_gen.pdbx_host_org_gene                 ? 
_entity_src_gen.pdbx_host_org_organ                ? 
_entity_src_gen.host_org_species                   ? 
_entity_src_gen.pdbx_host_org_tissue               ? 
_entity_src_gen.pdbx_host_org_tissue_fraction      ? 
_entity_src_gen.pdbx_host_org_strain               'BL21(DE3)' 
_entity_src_gen.pdbx_host_org_variant              ? 
_entity_src_gen.pdbx_host_org_cell_line            ? 
_entity_src_gen.pdbx_host_org_atcc                 ? 
_entity_src_gen.pdbx_host_org_culture_collection   ? 
_entity_src_gen.pdbx_host_org_cell                 ? 
_entity_src_gen.pdbx_host_org_organelle            ? 
_entity_src_gen.pdbx_host_org_cellular_location    ? 
_entity_src_gen.pdbx_host_org_vector_type          plasmid 
_entity_src_gen.pdbx_host_org_vector               ? 
_entity_src_gen.host_org_details                   ? 
_entity_src_gen.expression_system_id               ? 
_entity_src_gen.plasmid_name                       ? 
_entity_src_gen.plasmid_details                    ? 
_entity_src_gen.pdbx_description                   ? 
# 
loop_
_chem_comp.id 
_chem_comp.type 
_chem_comp.mon_nstd_flag 
_chem_comp.name 
_chem_comp.pdbx_synonyms 
_chem_comp.formula 
_chem_comp.formula_weight 
ALA 'L-peptide linking' y ALANINE                                                                                             ? 
'C3 H7 N O2'       89.093  
ARG 'L-peptide linking' y ARGININE                                                                                            ? 
'C6 H15 N4 O2 1'   175.209 
ASN 'L-peptide linking' y ASPARAGINE                                                                                          ? 
'C4 H8 N2 O3'      132.118 
ASP 'L-peptide linking' y 'ASPARTIC ACID'                                                                                     ? 
'C4 H7 N O4'       133.103 
CAF 'L-peptide linking' n S-DIMETHYLARSINOYL-CYSTEINE                                                                         
'CYSTEIN-S-YL CACODYLATE' 'C5 H12 As N O3 S' 241.140 
CYS 'L-peptide linking' y CYSTEINE                                                                                            ? 
'C3 H7 N O2 S'     121.158 
GLN 'L-peptide linking' y GLUTAMINE                                                                                           ? 
'C5 H10 N2 O3'     146.144 
GLU 'L-peptide linking' y 'GLUTAMIC ACID'                                                                                     ? 
'C5 H9 N O4'       147.129 
GLY 'peptide linking'   y GLYCINE                                                                                             ? 
'C2 H5 N O2'       75.067  
HIS 'L-peptide linking' y HISTIDINE                                                                                           ? 
'C6 H10 N3 O2 1'   156.162 
HOH non-polymer         . WATER                                                                                               ? 
'H2 O'             18.015  
ILE 'L-peptide linking' y ISOLEUCINE                                                                                          ? 
'C6 H13 N O2'      131.173 
LEU 'L-peptide linking' y LEUCINE                                                                                             ? 
'C6 H13 N O2'      131.173 
LF8 non-polymer         . '(2S)-tert-butoxy[4-(4-chlorophenyl)-6-(3,4-dimethylphenyl)-2,5-dimethylpyridin-3-yl]ethanoic acid' ? 
'C27 H30 Cl N O3'  451.985 
LYS 'L-peptide linking' y LYSINE                                                                                              ? 
'C6 H15 N2 O2 1'   147.195 
MET 'L-peptide linking' y METHIONINE                                                                                          ? 
'C5 H11 N O2 S'    149.211 
PHE 'L-peptide linking' y PHENYLALANINE                                                                                       ? 
'C9 H11 N O2'      165.189 
PRO 'L-peptide linking' y PROLINE                                                                                             ? 
'C5 H9 N O2'       115.130 
SER 'L-peptide linking' y SERINE                                                                                              ? 
'C3 H7 N O3'       105.093 
SO4 non-polymer         . 'SULFATE ION'                                                                                       ? 
'O4 S -2'          96.063  
THR 'L-peptide linking' y THREONINE                                                                                           ? 
'C4 H9 N O3'       119.119 
TRP 'L-peptide linking' y TRYPTOPHAN                                                                                          ? 
'C11 H12 N2 O2'    204.225 
TYR 'L-peptide linking' y TYROSINE                                                                                            ? 
'C9 H11 N O3'      181.189 
VAL 'L-peptide linking' y VALINE                                                                                              ? 
'C5 H11 N O2'      117.146 
# 
loop_
_pdbx_poly_seq_scheme.asym_id 
_pdbx_poly_seq_scheme.entity_id 
_pdbx_poly_seq_scheme.seq_id 
_pdbx_poly_seq_scheme.mon_id 
_pdbx_poly_seq_scheme.ndb_seq_num 
_pdbx_poly_seq_scheme.pdb_seq_num 
_pdbx_poly_seq_scheme.auth_seq_num 
_pdbx_poly_seq_scheme.pdb_mon_id 
_pdbx_poly_seq_scheme.auth_mon_id 
_pdbx_poly_seq_scheme.pdb_strand_id 
_pdbx_poly_seq_scheme.pdb_ins_code 
_pdbx_poly_seq_scheme.hetero 
A 1 1   MET 1   50  ?   ?   ?   A . n 
A 1 2   HIS 2   51  ?   ?   ?   A . n 
A 1 3   GLY 3   52  ?   ?   ?   A . n 
A 1 4   GLN 4   53  ?   ?   ?   A . n 
A 1 5   VAL 5   54  ?   ?   ?   A . n 
A 1 6   ASP 6   55  ?   ?   ?   A . n 
A 1 7   CYS 7   56  56  CYS CYS A . n 
A 1 8   SER 8   57  57  SER SER A . n 
A 1 9   PRO 9   58  58  PRO PRO A . n 
A 1 10  GLY 10  59  59  GLY GLY A . n 
A 1 11  ILE 11  60  60  ILE ILE A . n 
A 1 12  TRP 12  61  61  TRP TRP A . n 
A 1 13  GLN 13  62  62  GLN GLN A . n 
A 1 14  LEU 14  63  63  LEU LEU A . n 
A 1 15  ASP 15  64  64  ASP ASP A . n 
A 1 16  CAF 16  65  65  CAF CAF A . n 
A 1 17  THR 17  66  66  THR THR A . n 
A 1 18  HIS 18  67  67  HIS HIS A . n 
A 1 19  LEU 19  68  68  LEU LEU A . n 
A 1 20  GLU 20  69  69  GLU GLU A . n 
A 1 21  GLY 21  70  70  GLY GLY A . n 
A 1 22  LYS 22  71  71  LYS LYS A . n 
A 1 23  VAL 23  72  72  VAL VAL A . n 
A 1 24  ILE 24  73  73  ILE ILE A . n 
A 1 25  LEU 25  74  74  LEU LEU A . n 
A 1 26  VAL 26  75  75  VAL VAL A . n 
A 1 27  ALA 27  76  76  ALA ALA A . n 
A 1 28  VAL 28  77  77  VAL VAL A . n 
A 1 29  HIS 29  78  78  HIS HIS A . n 
A 1 30  VAL 30  79  79  VAL VAL A . n 
A 1 31  ALA 31  80  80  ALA ALA A . n 
A 1 32  SER 32  81  81  SER SER A . n 
A 1 33  GLY 33  82  82  GLY GLY A . n 
A 1 34  TYR 34  83  83  TYR TYR A . n 
A 1 35  ILE 35  84  84  ILE ILE A . n 
A 1 36  GLU 36  85  85  GLU GLU A . n 
A 1 37  ALA 37  86  86  ALA ALA A . n 
A 1 38  GLU 38  87  87  GLU GLU A . n 
A 1 39  VAL 39  88  88  VAL VAL A . n 
A 1 40  ILE 40  89  89  ILE ILE A . n 
A 1 41  PRO 41  90  90  PRO PRO A . n 
A 1 42  ALA 42  91  91  ALA ALA A . n 
A 1 43  GLU 43  92  92  GLU GLU A . n 
A 1 44  THR 44  93  93  THR THR A . n 
A 1 45  GLY 45  94  94  GLY GLY A . n 
A 1 46  GLN 46  95  95  GLN GLN A . n 
A 1 47  GLU 47  96  96  GLU GLU A . n 
A 1 48  THR 48  97  97  THR THR A . n 
A 1 49  ALA 49  98  98  ALA ALA A . n 
A 1 50  TYR 50  99  99  TYR TYR A . n 
A 1 51  PHE 51  100 100 PHE PHE A . n 
A 1 52  LEU 52  101 101 LEU LEU A . n 
A 1 53  LEU 53  102 102 LEU LEU A . n 
A 1 54  LYS 54  103 103 LYS LYS A . n 
A 1 55  LEU 55  104 104 LEU LEU A . n 
A 1 56  ALA 56  105 105 ALA ALA A . n 
A 1 57  GLY 57  106 106 GLY GLY A . n 
A 1 58  ARG 58  107 107 ARG ARG A . n 
A 1 59  TRP 59  108 108 TRP TRP A . n 
A 1 60  PRO 60  109 109 PRO PRO A . n 
A 1 61  VAL 61  110 110 VAL VAL A . n 
A 1 62  LYS 62  111 111 LYS LYS A . n 
A 1 63  THR 63  112 112 THR THR A . n 
A 1 64  VAL 64  113 113 VAL VAL A . n 
A 1 65  HIS 65  114 114 HIS HIS A . n 
A 1 66  THR 66  115 115 THR THR A . n 
A 1 67  ASP 67  116 116 ASP ASP A . n 
A 1 68  ASN 68  117 117 ASN ASN A . n 
A 1 69  GLY 69  118 118 GLY GLY A . n 
A 1 70  SER 70  119 119 SER SER A . n 
A 1 71  ASN 71  120 120 ASN ASN A . n 
A 1 72  PHE 72  121 121 PHE PHE A . n 
A 1 73  THR 73  122 122 THR THR A . n 
A 1 74  SER 74  123 123 SER SER A . n 
A 1 75  THR 75  124 124 THR THR A . n 
A 1 76  THR 76  125 125 THR THR A . n 
A 1 77  VAL 77  126 126 VAL VAL A . n 
A 1 78  LYS 78  127 127 LYS LYS A . n 
A 1 79  ALA 79  128 128 ALA ALA A . n 
A 1 80  ALA 80  129 129 ALA ALA A . n 
A 1 81  CAF 81  130 130 CAF CAF A . n 
A 1 82  TRP 82  131 131 TRP TRP A . n 
A 1 83  TRP 83  132 132 TRP TRP A . n 
A 1 84  ALA 84  133 133 ALA ALA A . n 
A 1 85  GLY 85  134 134 GLY GLY A . n 
A 1 86  ILE 86  135 135 ILE ILE A . n 
A 1 87  LYS 87  136 136 LYS LYS A . n 
A 1 88  GLN 88  137 137 GLN GLN A . n 
A 1 89  GLU 89  138 138 GLU GLU A . n 
A 1 90  PHE 90  139 139 PHE PHE A . n 
A 1 91  GLY 91  140 140 GLY GLY A . n 
A 1 92  ILE 92  141 141 ILE ILE A . n 
A 1 93  PRO 93  142 ?   ?   ?   A . n 
A 1 94  TYR 94  143 ?   ?   ?   A . n 
A 1 95  ASN 95  144 ?   ?   ?   A . n 
A 1 96  PRO 96  145 ?   ?   ?   A . n 
A 1 97  GLN 97  146 ?   ?   ?   A . n 
A 1 98  SER 98  147 ?   ?   ?   A . n 
A 1 99  GLN 99  148 ?   ?   ?   A . n 
A 1 100 GLY 100 149 ?   ?   ?   A . n 
A 1 101 VAL 101 150 ?   ?   ?   A . n 
A 1 102 ILE 102 151 ?   ?   ?   A . n 
A 1 103 GLU 103 152 152 GLU GLU A . n 
A 1 104 SER 104 153 153 SER SER A . n 
A 1 105 MET 105 154 154 MET MET A . n 
A 1 106 ASN 106 155 155 ASN ASN A . n 
A 1 107 LYS 107 156 156 LYS LYS A . n 
A 1 108 GLU 108 157 157 GLU GLU A . n 
A 1 109 LEU 109 158 158 LEU LEU A . n 
A 1 110 LYS 110 159 159 LYS LYS A . n 
A 1 111 LYS 111 160 160 LYS LYS A . n 
A 1 112 ILE 112 161 161 ILE ILE A . n 
A 1 113 ILE 113 162 162 ILE ILE A . n 
A 1 114 GLY 114 163 163 GLY GLY A . n 
A 1 115 GLN 115 164 164 GLN GLN A . n 
A 1 116 VAL 116 165 165 VAL VAL A . n 
A 1 117 ARG 117 166 166 ARG ARG A . n 
A 1 118 ASP 118 167 167 ASP ASP A . n 
A 1 119 GLN 119 168 168 GLN GLN A . n 
A 1 120 ALA 120 169 169 ALA ALA A . n 
A 1 121 GLU 121 170 170 GLU GLU A . n 
A 1 122 HIS 122 171 171 HIS HIS A . n 
A 1 123 LEU 123 172 172 LEU LEU A . n 
A 1 124 LYS 124 173 173 LYS LYS A . n 
A 1 125 THR 125 174 174 THR THR A . n 
A 1 126 ALA 126 175 175 ALA ALA A . n 
A 1 127 VAL 127 176 176 VAL VAL A . n 
A 1 128 GLN 128 177 177 GLN GLN A . n 
A 1 129 MET 129 178 178 MET MET A . n 
A 1 130 ALA 130 179 179 ALA ALA A . n 
A 1 131 VAL 131 180 180 VAL VAL A . n 
A 1 132 PHE 132 181 181 PHE PHE A . n 
A 1 133 ILE 133 182 182 ILE ILE A . n 
A 1 134 HIS 134 183 183 HIS HIS A . n 
A 1 135 ASN 135 184 184 ASN ASN A . n 
A 1 136 LYS 136 185 185 LYS LYS A . n 
A 1 137 LYS 137 186 186 LYS LYS A . n 
A 1 138 ARG 138 187 187 ARG ARG A . n 
A 1 139 LYS 139 188 188 LYS LYS A . n 
A 1 140 GLY 140 189 189 GLY GLY A . n 
A 1 141 GLY 141 190 190 GLY GLY A . n 
A 1 142 ILE 142 191 ?   ?   ?   A . n 
A 1 143 GLY 143 192 ?   ?   ?   A . n 
A 1 144 GLY 144 193 193 GLY GLY A . n 
A 1 145 TYR 145 194 194 TYR TYR A . n 
A 1 146 SER 146 195 195 SER SER A . n 
A 1 147 ALA 147 196 196 ALA ALA A . n 
A 1 148 GLY 148 197 197 GLY GLY A . n 
A 1 149 GLU 149 198 198 GLU GLU A . n 
A 1 150 ARG 150 199 199 ARG ARG A . n 
A 1 151 ILE 151 200 200 ILE ILE A . n 
A 1 152 VAL 152 201 201 VAL VAL A . n 
A 1 153 ASP 153 202 202 ASP ASP A . n 
A 1 154 ILE 154 203 203 ILE ILE A . n 
A 1 155 ILE 155 204 204 ILE ILE A . n 
A 1 156 ALA 156 205 205 ALA ALA A . n 
A 1 157 THR 157 206 206 THR THR A . n 
A 1 158 ASP 158 207 207 ASP ASP A . n 
A 1 159 ILE 159 208 208 ILE ILE A . n 
A 1 160 GLN 160 209 209 GLN GLN A . n 
A 1 161 THR 161 210 ?   ?   ?   A . n 
A 1 162 LYS 162 211 ?   ?   ?   A . n 
A 1 163 GLU 163 212 ?   ?   ?   A . n 
# 
loop_
_pdbx_nonpoly_scheme.asym_id 
_pdbx_nonpoly_scheme.entity_id 
_pdbx_nonpoly_scheme.mon_id 
_pdbx_nonpoly_scheme.ndb_seq_num 
_pdbx_nonpoly_scheme.pdb_seq_num 
_pdbx_nonpoly_scheme.auth_seq_num 
_pdbx_nonpoly_scheme.pdb_mon_id 
_pdbx_nonpoly_scheme.auth_mon_id 
_pdbx_nonpoly_scheme.pdb_strand_id 
_pdbx_nonpoly_scheme.pdb_ins_code 
B 2 LF8 1  301 1  LF8 LF8 A . 
C 3 SO4 1  302 1  SO4 SO4 A . 
D 3 SO4 1  303 2  SO4 SO4 A . 
E 3 SO4 1  304 3  SO4 SO4 A . 
F 4 HOH 1  401 1  HOH HOH A . 
F 4 HOH 2  402 2  HOH HOH A . 
F 4 HOH 3  403 3  HOH HOH A . 
F 4 HOH 4  404 4  HOH HOH A . 
F 4 HOH 5  405 5  HOH HOH A . 
F 4 HOH 6  406 6  HOH HOH A . 
F 4 HOH 7  407 7  HOH HOH A . 
F 4 HOH 8  408 8  HOH HOH A . 
F 4 HOH 9  409 9  HOH HOH A . 
F 4 HOH 10 410 10 HOH HOH A . 
F 4 HOH 11 411 11 HOH HOH A . 
F 4 HOH 12 412 12 HOH HOH A . 
F 4 HOH 13 413 13 HOH HOH A . 
F 4 HOH 14 414 14 HOH HOH A . 
F 4 HOH 15 415 15 HOH HOH A . 
F 4 HOH 16 416 16 HOH HOH A . 
F 4 HOH 17 417 17 HOH HOH A . 
F 4 HOH 18 418 18 HOH HOH A . 
F 4 HOH 19 419 19 HOH HOH A . 
F 4 HOH 20 420 20 HOH HOH A . 
F 4 HOH 21 421 21 HOH HOH A . 
F 4 HOH 22 422 22 HOH HOH A . 
F 4 HOH 23 423 23 HOH HOH A . 
F 4 HOH 24 424 24 HOH HOH A . 
F 4 HOH 25 425 25 HOH HOH A . 
F 4 HOH 26 426 26 HOH HOH A . 
F 4 HOH 27 427 27 HOH HOH A . 
F 4 HOH 28 428 28 HOH HOH A . 
F 4 HOH 29 429 29 HOH HOH A . 
F 4 HOH 30 430 30 HOH HOH A . 
F 4 HOH 31 431 31 HOH HOH A . 
F 4 HOH 32 432 32 HOH HOH A . 
F 4 HOH 33 433 33 HOH HOH A . 
F 4 HOH 34 434 34 HOH HOH A . 
F 4 HOH 35 435 35 HOH HOH A . 
F 4 HOH 36 436 36 HOH HOH A . 
F 4 HOH 37 437 37 HOH HOH A . 
F 4 HOH 38 438 38 HOH HOH A . 
F 4 HOH 39 439 39 HOH HOH A . 
F 4 HOH 40 440 40 HOH HOH A . 
F 4 HOH 41 441 41 HOH HOH A . 
F 4 HOH 42 442 42 HOH HOH A . 
F 4 HOH 43 443 43 HOH HOH A . 
F 4 HOH 44 444 44 HOH HOH A . 
F 4 HOH 45 445 45 HOH HOH A . 
F 4 HOH 46 446 46 HOH HOH A . 
F 4 HOH 47 447 47 HOH HOH A . 
F 4 HOH 48 448 48 HOH HOH A . 
F 4 HOH 49 449 49 HOH HOH A . 
F 4 HOH 50 450 50 HOH HOH A . 
F 4 HOH 51 451 51 HOH HOH A . 
F 4 HOH 52 452 52 HOH HOH A . 
F 4 HOH 53 453 53 HOH HOH A . 
# 
loop_
_pdbx_unobs_or_zero_occ_atoms.id 
_pdbx_unobs_or_zero_occ_atoms.PDB_model_num 
_pdbx_unobs_or_zero_occ_atoms.polymer_flag 
_pdbx_unobs_or_zero_occ_atoms.occupancy_flag 
_pdbx_unobs_or_zero_occ_atoms.auth_asym_id 
_pdbx_unobs_or_zero_occ_atoms.auth_comp_id 
_pdbx_unobs_or_zero_occ_atoms.auth_seq_id 
_pdbx_unobs_or_zero_occ_atoms.PDB_ins_code 
_pdbx_unobs_or_zero_occ_atoms.auth_atom_id 
_pdbx_unobs_or_zero_occ_atoms.label_alt_id 
_pdbx_unobs_or_zero_occ_atoms.label_asym_id 
_pdbx_unobs_or_zero_occ_atoms.label_comp_id 
_pdbx_unobs_or_zero_occ_atoms.label_seq_id 
_pdbx_unobs_or_zero_occ_atoms.label_atom_id 
1 1 Y 1 A CAF 65  ? CE2 ? A CAF 16  CE2 
2 1 Y 1 A CAF 130 ? CE2 ? A CAF 81  CE2 
3 1 Y 1 A LYS 188 ? CG  ? A LYS 139 CG  
4 1 Y 1 A LYS 188 ? CD  ? A LYS 139 CD  
5 1 Y 1 A LYS 188 ? CE  ? A LYS 139 CE  
6 1 Y 1 A LYS 188 ? NZ  ? A LYS 139 NZ  
# 
loop_
_software.pdbx_ordinal 
_software.name 
_software.version 
_software.date 
_software.type 
_software.contact_author 
_software.contact_author_email 
_software.classification 
_software.location 
_software.language 
_software.citation_id 
1 DENZO        .        ?                          package 'Zbyszek Otwinowski' hkl@hkl-xray.com            'data reduction'  
http://www.hkl-xray.com/                     ?          ? 
2 SCALEPACK    .        ?                          package 'Zbyszek Otwinowski' hkl@hkl-xray.com            'data scaling'    
http://www.hkl-xray.com/                     ?          ? 
3 PHASER       2.2.1    'Tue Aug 24 18:17:37 2010' program 'Randy J. Read'      cimr-phaser@lists.cam.ac.uk phasing           
http://www-structmed.cimr.cam.ac.uk/phaser/  ?          ? 
4 REFMAC       5.8.0049 ?                          program 'Garib N. Murshudov' garib@ysbl.york.ac.uk       refinement        
http://www.ccp4.ac.uk/dist/html/refmac5.html Fortran_77 ? 
5 PDB_EXTRACT  3.11     'April 22, 2011'           package PDB                  deposit@deposit.rcsb.org    'data extraction' 
http://sw-tools.pdb.org/apps/PDB_EXTRACT/    C++        ? 
6 CrystalClear .        ?                          ?       ?                    ?                           'data collection' ? ? 
? 
7 HKL-2000     .        ?                          ?       ?                    ?                           'data reduction'  ? ? 
? 
8 HKL-2000     .        ?                          ?       ?                    ?                           'data scaling'    ? ? 
? 
# 
_cell.length_a           72.223 
_cell.length_b           72.223 
_cell.length_c           65.227 
_cell.angle_alpha        90.000 
_cell.angle_beta         90.000 
_cell.angle_gamma        120.000 
_cell.entry_id           4O0J 
_cell.pdbx_unique_axis   ? 
_cell.Z_PDB              6 
_cell.length_a_esd       ? 
_cell.length_b_esd       ? 
_cell.length_c_esd       ? 
_cell.angle_alpha_esd    ? 
_cell.angle_beta_esd     ? 
_cell.angle_gamma_esd    ? 
# 
_symmetry.space_group_name_H-M             'P 31 2 1' 
_symmetry.entry_id                         4O0J 
_symmetry.Int_Tables_number                152 
_symmetry.pdbx_full_space_group_name_H-M   ? 
_symmetry.cell_setting                     ? 
_symmetry.space_group_name_Hall            ? 
# 
_exptl.crystals_number   1 
_exptl.entry_id          4O0J 
_exptl.method            'X-RAY DIFFRACTION' 
# 
_exptl_crystal.id                    1 
_exptl_crystal.density_Matthews      2.71 
_exptl_crystal.density_meas          ? 
_exptl_crystal.density_percent_sol   54.53 
_exptl_crystal.description           ? 
_exptl_crystal.F_000                 ? 
_exptl_crystal.preparation           ? 
# 
_exptl_crystal_grow.crystal_id      1 
_exptl_crystal_grow.method          'VAPOR DIFFUSION, HANGING DROP' 
_exptl_crystal_grow.pH              6.5 
_exptl_crystal_grow.temp            277.5 
_exptl_crystal_grow.pdbx_details    
'10% PEG8000, 0.1 M Na Cacodylate, pH 6.5, 0.1 M Ammonium Sulphate, Vapor Diffusion,hanging drop, temperature 277.5K' 
_exptl_crystal_grow.temp_details    ? 
_exptl_crystal_grow.pdbx_pH_range   ? 
# 
_diffrn.id                     1 
_diffrn.ambient_temp           100 
_diffrn.ambient_temp_details   ? 
_diffrn.crystal_id             1 
# 
_diffrn_detector.diffrn_id              1 
_diffrn_detector.detector               'IMAGE PLATE' 
_diffrn_detector.type                   'RIGAKU RAXIS IV++' 
_diffrn_detector.pdbx_collection_date   2013-01-25 
_diffrn_detector.details                mirrors 
# 
_diffrn_radiation.diffrn_id                        1 
_diffrn_radiation.pdbx_diffrn_protocol             'SINGLE WAVELENGTH' 
_diffrn_radiation.monochromator                    ? 
_diffrn_radiation.wavelength_id                    1 
_diffrn_radiation.pdbx_monochromatic_or_laue_m_l   M 
_diffrn_radiation.pdbx_scattering_type             x-ray 
# 
_diffrn_radiation_wavelength.id           1 
_diffrn_radiation_wavelength.wavelength   1.541 
_diffrn_radiation_wavelength.wt           1.0 
# 
_diffrn_source.diffrn_id                   1 
_diffrn_source.source                      'ROTATING ANODE' 
_diffrn_source.type                        RIGAKU 
_diffrn_source.pdbx_wavelength_list        1.541 
_diffrn_source.pdbx_wavelength             ? 
_diffrn_source.pdbx_synchrotron_site       ? 
_diffrn_source.pdbx_synchrotron_beamline   ? 
# 
_reflns.entry_id                     4O0J 
_reflns.d_resolution_high            2.040 
_reflns.d_resolution_low             62.5500 
_reflns.number_obs                   12776 
_reflns.pdbx_Rmerge_I_obs            0.045 
_reflns.pdbx_netI_over_sigmaI        25.100 
_reflns.pdbx_chi_squared             1.869 
_reflns.pdbx_redundancy              5.200 
_reflns.percent_possible_obs         98.900 
_reflns.observed_criterion_sigma_F   3 
_reflns.observed_criterion_sigma_I   3 
_reflns.number_all                   12903 
_reflns.pdbx_Rsym_value              ? 
_reflns.B_iso_Wilson_estimate        ? 
_reflns.R_free_details               ? 
_reflns.limit_h_max                  ? 
_reflns.limit_h_min                  ? 
_reflns.limit_k_max                  ? 
_reflns.limit_k_min                  ? 
_reflns.limit_l_max                  ? 
_reflns.limit_l_min                  ? 
_reflns.observed_criterion_F_max     ? 
_reflns.observed_criterion_F_min     ? 
_reflns.pdbx_scaling_rejects         ? 
_reflns.pdbx_ordinal                 1 
_reflns.pdbx_diffrn_id               1 
# 
loop_
_reflns_shell.d_res_high 
_reflns_shell.d_res_low 
_reflns_shell.number_measured_obs 
_reflns_shell.number_measured_all 
_reflns_shell.number_unique_obs 
_reflns_shell.Rmerge_I_obs 
_reflns_shell.meanI_over_sigI_obs 
_reflns_shell.pdbx_Rsym_value 
_reflns_shell.pdbx_chi_squared 
_reflns_shell.pdbx_redundancy 
_reflns_shell.percent_possible_obs 
_reflns_shell.number_unique_all 
_reflns_shell.percent_possible_all 
_reflns_shell.pdbx_ordinal 
_reflns_shell.pdbx_diffrn_id 
2.040 2.080  ? ? ? 0.477 ? ? 1.519 5.200 ? 637 100.000 1  1 
2.080 2.110  ? ? ? 0.413 ? ? 1.504 5.200 ? 624 100.000 2  1 
2.110 2.150  ? ? ? 0.328 ? ? 1.528 5.200 ? 631 100.000 3  1 
2.150 2.200  ? ? ? 0.283 ? ? 1.577 5.200 ? 648 100.000 4  1 
2.200 2.250  ? ? ? 0.242 ? ? 1.638 5.300 ? 644 100.000 5  1 
2.250 2.300  ? ? ? 0.205 ? ? 1.591 5.300 ? 621 100.000 6  1 
2.300 2.350  ? ? ? 0.175 ? ? 1.627 5.200 ? 628 100.000 7  1 
2.350 2.420  ? ? ? 0.167 ? ? 1.756 5.300 ? 646 100.000 8  1 
2.420 2.490  ? ? ? 0.138 ? ? 1.740 5.300 ? 652 100.000 9  1 
2.490 2.570  ? ? ? 0.108 ? ? 1.830 5.300 ? 621 100.000 10 1 
2.570 2.660  ? ? ? 0.099 ? ? 1.838 5.300 ? 650 100.000 11 1 
2.660 2.770  ? ? ? 0.081 ? ? 2.024 5.300 ? 645 100.000 12 1 
2.770 2.890  ? ? ? 0.066 ? ? 2.090 5.300 ? 630 99.800  13 1 
2.890 3.050  ? ? ? 0.056 ? ? 2.179 5.300 ? 653 99.800  14 1 
3.050 3.240  ? ? ? 0.047 ? ? 2.264 5.300 ? 637 99.200  15 1 
3.240 3.490  ? ? ? 0.041 ? ? 2.281 5.300 ? 640 98.500  16 1 
3.490 3.840  ? ? ? 0.034 ? ? 2.152 5.200 ? 626 95.900  17 1 
3.840 4.390  ? ? ? 0.032 ? ? 2.147 5.100 ? 620 94.200  18 1 
4.390 5.540  ? ? ? 0.028 ? ? 1.898 5.100 ? 634 95.100  19 1 
5.540 50.000 ? ? ? 0.029 ? ? 2.177 4.900 ? 689 96.000  20 1 
# 
_refine.entry_id                                 4O0J 
_refine.ls_d_res_high                            2.0500 
_refine.ls_d_res_low                             62.5500 
_refine.pdbx_ls_sigma_F                          0.000 
_refine.pdbx_data_cutoff_high_absF               ? 
_refine.pdbx_data_cutoff_low_absF                ? 
_refine.ls_percent_reflns_obs                    98.5500 
_refine.ls_number_reflns_obs                     12531 
_refine.ls_number_reflns_all                     12715 
_refine.pdbx_ls_cross_valid_method               THROUGHOUT 
_refine.pdbx_R_Free_selection_details            RANDOM 
_refine.details                                  ? 
_refine.ls_R_factor_all                          0.1845 
_refine.ls_R_factor_obs                          0.1861 
_refine.ls_R_factor_R_work                       0.1838 
_refine.ls_wR_factor_R_work                      ? 
_refine.ls_R_factor_R_free                       0.2315 
_refine.ls_wR_factor_R_free                      ? 
_refine.ls_percent_reflns_R_free                 4.9000 
_refine.ls_number_reflns_R_free                  613 
_refine.ls_R_factor_R_free_error                 ? 
_refine.B_iso_mean                               49.7556 
_refine.solvent_model_param_bsol                 ? 
_refine.solvent_model_param_ksol                 ? 
_refine.pdbx_isotropic_thermal_model             ? 
_refine.aniso_B[1][1]                            0.3700 
_refine.aniso_B[2][2]                            0.3700 
_refine.aniso_B[3][3]                            -1.2100 
_refine.aniso_B[1][2]                            0.1900 
_refine.aniso_B[1][3]                            0.0000 
_refine.aniso_B[2][3]                            -0.0000 
_refine.correlation_coeff_Fo_to_Fc               0.9630 
_refine.correlation_coeff_Fo_to_Fc_free          0.9310 
_refine.overall_SU_R_Cruickshank_DPI             ? 
_refine.overall_SU_R_free                        ? 
_refine.pdbx_overall_ESU_R                       0.1590 
_refine.pdbx_overall_ESU_R_Free                  0.1540 
_refine.overall_SU_ML                            0.1070 
_refine.overall_SU_B                             3.9780 
_refine.solvent_model_details                    MASK 
_refine.pdbx_solvent_vdw_probe_radii             1.2000 
_refine.pdbx_solvent_ion_probe_radii             0.8000 
_refine.pdbx_solvent_shrinkage_radii             0.8000 
_refine.ls_number_parameters                     ? 
_refine.ls_number_restraints                     ? 
_refine.pdbx_starting_model                      ? 
_refine.pdbx_method_to_determine_struct          'MOLECULAR REPLACEMENT' 
_refine.pdbx_stereochemistry_target_values       'MAXIMUM LIKELIHOOD' 
_refine.pdbx_stereochem_target_val_spec_case     ? 
_refine.overall_FOM_work_R_set                   ? 
_refine.B_iso_max                                139.010 
_refine.B_iso_min                                28.450 
_refine.pdbx_overall_phase_error                 ? 
_refine.occupancy_max                            1.000 
_refine.occupancy_min                            0.500 
_refine.pdbx_ls_sigma_I                          ? 
_refine.ls_redundancy_reflns_obs                 ? 
_refine.ls_R_factor_R_free_error_details         ? 
_refine.pdbx_data_cutoff_high_rms_absF           ? 
_refine.overall_FOM_free_R_set                   ? 
_refine.pdbx_diffrn_id                           1 
_refine.pdbx_refine_id                           'X-RAY DIFFRACTION' 
_refine.pdbx_TLS_residual_ADP_flag               ? 
_refine.pdbx_overall_SU_R_free_Cruickshank_DPI   ? 
_refine.pdbx_overall_SU_R_Blow_DPI               ? 
_refine.pdbx_overall_SU_R_free_Blow_DPI          ? 
# 
_refine_hist.pdbx_refine_id                   'X-RAY DIFFRACTION' 
_refine_hist.cycle_id                         LAST 
_refine_hist.pdbx_number_atoms_protein        1100 
_refine_hist.pdbx_number_atoms_nucleic_acid   0 
_refine_hist.pdbx_number_atoms_ligand         47 
_refine_hist.number_atoms_solvent             53 
_refine_hist.number_atoms_total               1200 
_refine_hist.d_res_high                       2.0500 
_refine_hist.d_res_low                        62.5500 
# 
loop_
_refine_ls_restr.type 
_refine_ls_restr.number 
_refine_ls_restr.dev_ideal 
_refine_ls_restr.dev_ideal_target 
_refine_ls_restr.weight 
_refine_ls_restr.pdbx_restraint_function 
_refine_ls_restr.pdbx_refine_id 
r_bond_refined_d       1173 0.018  0.019  ? ? 'X-RAY DIFFRACTION' 
r_angle_refined_deg    1584 2.118  1.982  ? ? 'X-RAY DIFFRACTION' 
r_dihedral_angle_1_deg 137  6.063  5.000  ? ? 'X-RAY DIFFRACTION' 
r_dihedral_angle_2_deg 47   32.403 24.681 ? ? 'X-RAY DIFFRACTION' 
r_dihedral_angle_3_deg 193  17.758 15.000 ? ? 'X-RAY DIFFRACTION' 
r_dihedral_angle_4_deg 4    19.620 15.000 ? ? 'X-RAY DIFFRACTION' 
r_chiral_restr         178  0.154  0.200  ? ? 'X-RAY DIFFRACTION' 
r_gen_planes_refined   840  0.009  0.020  ? ? 'X-RAY DIFFRACTION' 
r_mcbond_it            563  4.585  4.690  ? ? 'X-RAY DIFFRACTION' 
r_mcangle_it           692  6.463  6.962  ? ? 'X-RAY DIFFRACTION' 
r_scbond_it            609  6.225  5.089  ? ? 'X-RAY DIFFRACTION' 
# 
_refine_ls_shell.d_res_high                       2.0500 
_refine_ls_shell.d_res_low                        2.1030 
_refine_ls_shell.pdbx_total_number_of_bins_used   20 
_refine_ls_shell.percent_reflns_obs               99.3600 
_refine_ls_shell.number_reflns_R_work             881 
_refine_ls_shell.R_factor_all                     ? 
_refine_ls_shell.R_factor_R_work                  0.2110 
_refine_ls_shell.R_factor_R_free                  0.2440 
_refine_ls_shell.percent_reflns_R_free            ? 
_refine_ls_shell.number_reflns_R_free             54 
_refine_ls_shell.R_factor_R_free_error            ? 
_refine_ls_shell.number_reflns_all                935 
_refine_ls_shell.number_reflns_obs                ? 
_refine_ls_shell.redundancy_reflns_obs            ? 
_refine_ls_shell.pdbx_refine_id                   'X-RAY DIFFRACTION' 
# 
_struct.entry_id                  4O0J 
_struct.title                     
;HIV-1 Integrase Catalytic Core Domain Complexed with Allosteric Inhibitor (2S)-tert-butoxy[4-(4-chlorophenyl)-6-(3,4-dimethylphenyl)-2,5-dimethylpyridin-3-yl]ethanoic acid
;
_struct.pdbx_model_details        ? 
_struct.pdbx_CASP_flag            ? 
_struct.pdbx_model_type_details   ? 
# 
_struct_keywords.entry_id        4O0J 
_struct_keywords.text            'HIV Integrase, CCD, DDE motif, allosteric inhibitor, VIRAL PROTEIN-INHIBITOR complex' 
_struct_keywords.pdbx_keywords   'VIRAL PROTEIN/INHIBITOR' 
# 
loop_
_struct_asym.id 
_struct_asym.pdbx_blank_PDB_chainid_flag 
_struct_asym.pdbx_modified 
_struct_asym.entity_id 
_struct_asym.details 
A N N 1 ? 
B N N 2 ? 
C N N 3 ? 
D N N 3 ? 
E N N 3 ? 
F N N 4 ? 
# 
_struct_ref.id                         1 
_struct_ref.db_name                    UNP 
_struct_ref.db_code                    POL_HV1N5 
_struct_ref.pdbx_db_accession          P12497 
_struct_ref.entity_id                  1 
_struct_ref.pdbx_seq_one_letter_code   
;MHGQVDCSPGIWQLDCTHLEGKVILVAVHVASGYIEAEVIPAETGQETAYFLLKLAGRWPVKTVHTDNGSNFTSTTVKAA
CWWAGIKQEFGIPYNPQSQGVIESMNKELKKIIGQVRDQAEHLKTAVQMAVFIHNFKRKGGIGGYSAGERIVDIIATDIQ
TKE
;
_struct_ref.pdbx_align_begin           1197 
_struct_ref.pdbx_db_isoform            ? 
# 
_struct_ref_seq.align_id                      1 
_struct_ref_seq.ref_id                        1 
_struct_ref_seq.pdbx_PDB_id_code              4O0J 
_struct_ref_seq.pdbx_strand_id                A 
_struct_ref_seq.seq_align_beg                 1 
_struct_ref_seq.pdbx_seq_align_beg_ins_code   ? 
_struct_ref_seq.seq_align_end                 163 
_struct_ref_seq.pdbx_seq_align_end_ins_code   ? 
_struct_ref_seq.pdbx_db_accession             P12497 
_struct_ref_seq.db_align_beg                  1197 
_struct_ref_seq.pdbx_db_align_beg_ins_code    ? 
_struct_ref_seq.db_align_end                  1359 
_struct_ref_seq.pdbx_db_align_end_ins_code    ? 
_struct_ref_seq.pdbx_auth_seq_align_beg       50 
_struct_ref_seq.pdbx_auth_seq_align_end       212 
# 
_struct_ref_seq_dif.align_id                     1 
_struct_ref_seq_dif.pdbx_pdb_id_code             4O0J 
_struct_ref_seq_dif.mon_id                       LYS 
_struct_ref_seq_dif.pdbx_pdb_strand_id           A 
_struct_ref_seq_dif.seq_num                      136 
_struct_ref_seq_dif.pdbx_pdb_ins_code            ? 
_struct_ref_seq_dif.pdbx_seq_db_name             UNP 
_struct_ref_seq_dif.pdbx_seq_db_accession_code   P12497 
_struct_ref_seq_dif.db_mon_id                    PHE 
_struct_ref_seq_dif.pdbx_seq_db_seq_num          1332 
_struct_ref_seq_dif.details                      conflict 
_struct_ref_seq_dif.pdbx_auth_seq_num            185 
_struct_ref_seq_dif.pdbx_ordinal                 1 
# 
_pdbx_struct_assembly.id                   1 
_pdbx_struct_assembly.details              author_and_software_defined_assembly 
_pdbx_struct_assembly.method_details       PISA 
_pdbx_struct_assembly.oligomeric_details   dimeric 
_pdbx_struct_assembly.oligomeric_count     2 
# 
loop_
_pdbx_struct_assembly_prop.biol_id 
_pdbx_struct_assembly_prop.type 
_pdbx_struct_assembly_prop.value 
_pdbx_struct_assembly_prop.details 
1 'ABSA (A^2)' 4450  ? 
1 MORE         -93   ? 
1 'SSA (A^2)'  13090 ? 
# 
_pdbx_struct_assembly_gen.assembly_id       1 
_pdbx_struct_assembly_gen.oper_expression   1,2 
_pdbx_struct_assembly_gen.asym_id_list      A,B,C,D,E,F 
# 
loop_
_pdbx_struct_oper_list.id 
_pdbx_struct_oper_list.type 
_pdbx_struct_oper_list.name 
_pdbx_struct_oper_list.symmetry_operation 
_pdbx_struct_oper_list.matrix[1][1] 
_pdbx_struct_oper_list.matrix[1][2] 
_pdbx_struct_oper_list.matrix[1][3] 
_pdbx_struct_oper_list.vector[1] 
_pdbx_struct_oper_list.matrix[2][1] 
_pdbx_struct_oper_list.matrix[2][2] 
_pdbx_struct_oper_list.matrix[2][3] 
_pdbx_struct_oper_list.vector[2] 
_pdbx_struct_oper_list.matrix[3][1] 
_pdbx_struct_oper_list.matrix[3][2] 
_pdbx_struct_oper_list.matrix[3][3] 
_pdbx_struct_oper_list.vector[3] 
1 'identity operation'         1_555 x,y,z         1.0000000000  0.0000000000 0.0000000000 0.0000000000 0.0000000000 1.0000000000  0.0000000000 0.0000000000   0.0000000000 0.0000000000 1.0000000000 0.0000000000 
2 'crystal symmetry operation' 5_555 x-y,-y,-z+2/3 -0.4899074168 0.2708458087 0.8286333754 3.8001501654 0.2708458087 -0.8561879657 0.4399826307 -18.8021941250 0.8286333754 0.4399826307 0.3460953825 3.8063480811 
# 
_struct_biol.id        1 
_struct_biol.details   ? 
# 
loop_
_struct_conf.conf_type_id 
_struct_conf.id 
_struct_conf.pdbx_PDB_helix_id 
_struct_conf.beg_label_comp_id 
_struct_conf.beg_label_asym_id 
_struct_conf.beg_label_seq_id 
_struct_conf.pdbx_beg_PDB_ins_code 
_struct_conf.end_label_comp_id 
_struct_conf.end_label_asym_id 
_struct_conf.end_label_seq_id 
_struct_conf.pdbx_end_PDB_ins_code 
_struct_conf.beg_auth_comp_id 
_struct_conf.beg_auth_asym_id 
_struct_conf.beg_auth_seq_id 
_struct_conf.end_auth_comp_id 
_struct_conf.end_auth_asym_id 
_struct_conf.end_auth_seq_id 
_struct_conf.pdbx_PDB_helix_class 
_struct_conf.details 
_struct_conf.pdbx_PDB_helix_length 
HELX_P HELX_P1 1 THR A 44  ? TRP A 59  ? THR A 93  TRP A 108 1 ? 16 
HELX_P HELX_P2 2 ASN A 68  ? THR A 73  ? ASN A 117 THR A 122 5 ? 6  
HELX_P HELX_P3 3 SER A 74  ? GLY A 85  ? SER A 123 GLY A 134 1 ? 12 
HELX_P HELX_P4 4 SER A 104 ? ARG A 117 ? SER A 153 ARG A 166 1 ? 14 
HELX_P HELX_P5 5 ASP A 118 ? ALA A 120 ? ASP A 167 ALA A 169 5 ? 3  
HELX_P HELX_P6 6 HIS A 122 ? LYS A 137 ? HIS A 171 LYS A 186 1 ? 16 
HELX_P HELX_P7 7 SER A 146 ? GLN A 160 ? SER A 195 GLN A 209 1 ? 15 
# 
_struct_conf_type.id          HELX_P 
_struct_conf_type.criteria    ? 
_struct_conf_type.reference   ? 
# 
loop_
_struct_conn.id 
_struct_conn.conn_type_id 
_struct_conn.pdbx_leaving_atom_flag 
_struct_conn.pdbx_PDB_id 
_struct_conn.ptnr1_label_asym_id 
_struct_conn.ptnr1_label_comp_id 
_struct_conn.ptnr1_label_seq_id 
_struct_conn.ptnr1_label_atom_id 
_struct_conn.pdbx_ptnr1_label_alt_id 
_struct_conn.pdbx_ptnr1_PDB_ins_code 
_struct_conn.pdbx_ptnr1_standard_comp_id 
_struct_conn.ptnr1_symmetry 
_struct_conn.ptnr2_label_asym_id 
_struct_conn.ptnr2_label_comp_id 
_struct_conn.ptnr2_label_seq_id 
_struct_conn.ptnr2_label_atom_id 
_struct_conn.pdbx_ptnr2_label_alt_id 
_struct_conn.pdbx_ptnr2_PDB_ins_code 
_struct_conn.ptnr1_auth_asym_id 
_struct_conn.ptnr1_auth_comp_id 
_struct_conn.ptnr1_auth_seq_id 
_struct_conn.ptnr2_auth_asym_id 
_struct_conn.ptnr2_auth_comp_id 
_struct_conn.ptnr2_auth_seq_id 
_struct_conn.ptnr2_symmetry 
_struct_conn.pdbx_ptnr3_label_atom_id 
_struct_conn.pdbx_ptnr3_label_seq_id 
_struct_conn.pdbx_ptnr3_label_comp_id 
_struct_conn.pdbx_ptnr3_label_asym_id 
_struct_conn.pdbx_ptnr3_label_alt_id 
_struct_conn.pdbx_ptnr3_PDB_ins_code 
_struct_conn.details 
_struct_conn.pdbx_dist_value 
_struct_conn.pdbx_value_order 
_struct_conn.pdbx_role 
covale1 covale both ? A ASP 15 C ? ? ? 1_555 A CAF 16 N ? ? A ASP 64  A CAF 65  1_555 ? ? ? ? ? ? ? 1.441 ? ? 
covale2 covale both ? A CAF 16 C ? ? ? 1_555 A THR 17 N ? ? A CAF 65  A THR 66  1_555 ? ? ? ? ? ? ? 1.516 ? ? 
covale3 covale both ? A ALA 80 C ? ? ? 1_555 A CAF 81 N ? ? A ALA 129 A CAF 130 1_555 ? ? ? ? ? ? ? 1.527 ? ? 
covale4 covale both ? A CAF 81 C ? ? ? 1_555 A TRP 82 N ? ? A CAF 130 A TRP 131 1_555 ? ? ? ? ? ? ? 1.448 ? ? 
# 
_struct_conn_type.id          covale 
_struct_conn_type.criteria    ? 
_struct_conn_type.reference   ? 
# 
loop_
_pdbx_modification_feature.ordinal 
_pdbx_modification_feature.label_comp_id 
_pdbx_modification_feature.label_asym_id 
_pdbx_modification_feature.label_seq_id 
_pdbx_modification_feature.label_alt_id 
_pdbx_modification_feature.modified_residue_label_comp_id 
_pdbx_modification_feature.modified_residue_label_asym_id 
_pdbx_modification_feature.modified_residue_label_seq_id 
_pdbx_modification_feature.modified_residue_label_alt_id 
_pdbx_modification_feature.auth_comp_id 
_pdbx_modification_feature.auth_asym_id 
_pdbx_modification_feature.auth_seq_id 
_pdbx_modification_feature.PDB_ins_code 
_pdbx_modification_feature.symmetry 
_pdbx_modification_feature.modified_residue_auth_comp_id 
_pdbx_modification_feature.modified_residue_auth_asym_id 
_pdbx_modification_feature.modified_residue_auth_seq_id 
_pdbx_modification_feature.modified_residue_PDB_ins_code 
_pdbx_modification_feature.modified_residue_symmetry 
_pdbx_modification_feature.comp_id_linking_atom 
_pdbx_modification_feature.modified_residue_id_linking_atom 
_pdbx_modification_feature.modified_residue_id 
_pdbx_modification_feature.ref_pcm_id 
_pdbx_modification_feature.ref_comp_id 
_pdbx_modification_feature.type 
_pdbx_modification_feature.category 
1 CAF A 16 ? . . . . CAF A 65  ? 1_555 . . . . . . . CYS 1 CAF None 'Non-standard residue' 
2 CAF A 81 ? . . . . CAF A 130 ? 1_555 . . . . . . . CYS 1 CAF None 'Non-standard residue' 
# 
_struct_mon_prot_cis.pdbx_id                1 
_struct_mon_prot_cis.label_comp_id          GLU 
_struct_mon_prot_cis.label_seq_id           103 
_struct_mon_prot_cis.label_asym_id          A 
_struct_mon_prot_cis.label_alt_id           . 
_struct_mon_prot_cis.pdbx_PDB_ins_code      ? 
_struct_mon_prot_cis.auth_comp_id           GLU 
_struct_mon_prot_cis.auth_seq_id            152 
_struct_mon_prot_cis.auth_asym_id           A 
_struct_mon_prot_cis.pdbx_label_comp_id_2   SER 
_struct_mon_prot_cis.pdbx_label_seq_id_2    104 
_struct_mon_prot_cis.pdbx_label_asym_id_2   A 
_struct_mon_prot_cis.pdbx_PDB_ins_code_2    ? 
_struct_mon_prot_cis.pdbx_auth_comp_id_2    SER 
_struct_mon_prot_cis.pdbx_auth_seq_id_2     153 
_struct_mon_prot_cis.pdbx_auth_asym_id_2    A 
_struct_mon_prot_cis.pdbx_PDB_model_num     1 
_struct_mon_prot_cis.pdbx_omega_angle       8.67 
# 
_struct_sheet.id               A 
_struct_sheet.type             ? 
_struct_sheet.number_strands   5 
_struct_sheet.details          ? 
# 
loop_
_struct_sheet_order.sheet_id 
_struct_sheet_order.range_id_1 
_struct_sheet_order.range_id_2 
_struct_sheet_order.offset 
_struct_sheet_order.sense 
A 1 2 ? anti-parallel 
A 2 3 ? anti-parallel 
A 3 4 ? parallel      
A 4 5 ? parallel      
# 
loop_
_struct_sheet_range.sheet_id 
_struct_sheet_range.id 
_struct_sheet_range.beg_label_comp_id 
_struct_sheet_range.beg_label_asym_id 
_struct_sheet_range.beg_label_seq_id 
_struct_sheet_range.pdbx_beg_PDB_ins_code 
_struct_sheet_range.end_label_comp_id 
_struct_sheet_range.end_label_asym_id 
_struct_sheet_range.end_label_seq_id 
_struct_sheet_range.pdbx_end_PDB_ins_code 
_struct_sheet_range.beg_auth_comp_id 
_struct_sheet_range.beg_auth_asym_id 
_struct_sheet_range.beg_auth_seq_id 
_struct_sheet_range.end_auth_comp_id 
_struct_sheet_range.end_auth_asym_id 
_struct_sheet_range.end_auth_seq_id 
A 1 ILE A 35 ? ILE A 40 ? ILE A 84  ILE A 89  
A 2 LYS A 22 ? HIS A 29 ? LYS A 71  HIS A 78  
A 3 ILE A 11 ? LEU A 19 ? ILE A 60  LEU A 68  
A 4 THR A 63 ? HIS A 65 ? THR A 112 HIS A 114 
A 5 LYS A 87 ? GLN A 88 ? LYS A 136 GLN A 137 
# 
loop_
_pdbx_struct_sheet_hbond.sheet_id 
_pdbx_struct_sheet_hbond.range_id_1 
_pdbx_struct_sheet_hbond.range_id_2 
_pdbx_struct_sheet_hbond.range_1_label_atom_id 
_pdbx_struct_sheet_hbond.range_1_label_comp_id 
_pdbx_struct_sheet_hbond.range_1_label_asym_id 
_pdbx_struct_sheet_hbond.range_1_label_seq_id 
_pdbx_struct_sheet_hbond.range_1_PDB_ins_code 
_pdbx_struct_sheet_hbond.range_1_auth_atom_id 
_pdbx_struct_sheet_hbond.range_1_auth_comp_id 
_pdbx_struct_sheet_hbond.range_1_auth_asym_id 
_pdbx_struct_sheet_hbond.range_1_auth_seq_id 
_pdbx_struct_sheet_hbond.range_2_label_atom_id 
_pdbx_struct_sheet_hbond.range_2_label_comp_id 
_pdbx_struct_sheet_hbond.range_2_label_asym_id 
_pdbx_struct_sheet_hbond.range_2_label_seq_id 
_pdbx_struct_sheet_hbond.range_2_PDB_ins_code 
_pdbx_struct_sheet_hbond.range_2_auth_atom_id 
_pdbx_struct_sheet_hbond.range_2_auth_comp_id 
_pdbx_struct_sheet_hbond.range_2_auth_asym_id 
_pdbx_struct_sheet_hbond.range_2_auth_seq_id 
A 1 2 O GLU A 36 ? O GLU A 85  N ALA A 27 ? N ALA A 76  
A 2 3 O VAL A 26 ? O VAL A 75  N ASP A 15 ? N ASP A 64  
A 3 4 N TRP A 12 ? N TRP A 61  O HIS A 65 ? O HIS A 114 
A 4 5 N VAL A 64 ? N VAL A 113 O LYS A 87 ? O LYS A 136 
# 
loop_
_struct_site.id 
_struct_site.pdbx_evidence_code 
_struct_site.pdbx_auth_asym_id 
_struct_site.pdbx_auth_comp_id 
_struct_site.pdbx_auth_seq_id 
_struct_site.pdbx_auth_ins_code 
_struct_site.pdbx_num_residues 
_struct_site.details 
AC1 Software A LF8 301 ? 12 'BINDING SITE FOR RESIDUE LF8 A 301' 
AC2 Software A SO4 302 ? 8  'BINDING SITE FOR RESIDUE SO4 A 302' 
AC3 Software A SO4 303 ? 5  'BINDING SITE FOR RESIDUE SO4 A 303' 
AC4 Software A SO4 304 ? 3  'BINDING SITE FOR RESIDUE SO4 A 304' 
# 
loop_
_struct_site_gen.id 
_struct_site_gen.site_id 
_struct_site_gen.pdbx_num_res 
_struct_site_gen.label_comp_id 
_struct_site_gen.label_asym_id 
_struct_site_gen.label_seq_id 
_struct_site_gen.pdbx_auth_ins_code 
_struct_site_gen.auth_comp_id 
_struct_site_gen.auth_asym_id 
_struct_site_gen.auth_seq_id 
_struct_site_gen.label_atom_id 
_struct_site_gen.label_alt_id 
_struct_site_gen.symmetry 
_struct_site_gen.details 
1  AC1 12 THR A 75  ? THR A 124 . ? 1_555 ? 
2  AC1 12 THR A 76  ? THR A 125 . ? 1_555 ? 
3  AC1 12 ALA A 79  ? ALA A 128 . ? 1_555 ? 
4  AC1 12 ALA A 80  ? ALA A 129 . ? 1_555 ? 
5  AC1 12 TRP A 83  ? TRP A 132 . ? 1_555 ? 
6  AC1 12 ILE A 92  ? ILE A 141 . ? 2_545 ? 
7  AC1 12 ALA A 120 ? ALA A 169 . ? 5_555 ? 
8  AC1 12 GLU A 121 ? GLU A 170 . ? 5_555 ? 
9  AC1 12 HIS A 122 ? HIS A 171 . ? 5_555 ? 
10 AC1 12 THR A 125 ? THR A 174 . ? 5_555 ? 
11 AC1 12 HOH F .   ? HOH A 406 . ? 1_555 ? 
12 AC1 12 HOH F .   ? HOH A 452 . ? 1_555 ? 
13 AC2 8  GLY A 45  ? GLY A 94  . ? 1_555 ? 
14 AC2 8  GLN A 46  ? GLN A 95  . ? 1_555 ? 
15 AC2 8  SER A 74  ? SER A 123 . ? 1_555 ? 
16 AC2 8  THR A 75  ? THR A 124 . ? 1_555 ? 
17 AC2 8  THR A 76  ? THR A 125 . ? 1_555 ? 
18 AC2 8  LYS A 137 ? LYS A 186 . ? 6_655 ? 
19 AC2 8  HOH F .   ? HOH A 407 . ? 1_555 ? 
20 AC2 8  HOH F .   ? HOH A 409 . ? 1_555 ? 
21 AC3 5  LYS A 22  ? LYS A 71  . ? 1_555 ? 
22 AC3 5  HIS A 122 ? HIS A 171 . ? 1_555 ? 
23 AC3 5  LEU A 123 ? LEU A 172 . ? 1_555 ? 
24 AC3 5  HOH F .   ? HOH A 411 . ? 1_555 ? 
25 AC3 5  HOH F .   ? HOH A 426 . ? 1_555 ? 
26 AC4 3  THR A 17  ? THR A 66  . ? 1_555 ? 
27 AC4 3  HIS A 18  ? HIS A 67  . ? 1_555 ? 
28 AC4 3  LYS A 110 ? LYS A 159 . ? 1_555 ? 
# 
_pdbx_entry_details.entry_id                   4O0J 
_pdbx_entry_details.compound_details           ? 
_pdbx_entry_details.source_details             ? 
_pdbx_entry_details.nonpolymer_details         ? 
_pdbx_entry_details.sequence_details           ? 
_pdbx_entry_details.has_ligand_of_interest     ? 
_pdbx_entry_details.has_protein_modification   Y 
# 
_pdbx_validate_symm_contact.id                1 
_pdbx_validate_symm_contact.PDB_model_num     1 
_pdbx_validate_symm_contact.auth_atom_id_1    O 
_pdbx_validate_symm_contact.auth_asym_id_1    A 
_pdbx_validate_symm_contact.auth_comp_id_1    HOH 
_pdbx_validate_symm_contact.auth_seq_id_1     408 
_pdbx_validate_symm_contact.PDB_ins_code_1    ? 
_pdbx_validate_symm_contact.label_alt_id_1    ? 
_pdbx_validate_symm_contact.site_symmetry_1   1_555 
_pdbx_validate_symm_contact.auth_atom_id_2    O 
_pdbx_validate_symm_contact.auth_asym_id_2    A 
_pdbx_validate_symm_contact.auth_comp_id_2    HOH 
_pdbx_validate_symm_contact.auth_seq_id_2     432 
_pdbx_validate_symm_contact.PDB_ins_code_2    ? 
_pdbx_validate_symm_contact.label_alt_id_2    ? 
_pdbx_validate_symm_contact.site_symmetry_2   6_655 
_pdbx_validate_symm_contact.dist              1.85 
# 
loop_
_pdbx_validate_rmsd_bond.id 
_pdbx_validate_rmsd_bond.PDB_model_num 
_pdbx_validate_rmsd_bond.auth_atom_id_1 
_pdbx_validate_rmsd_bond.auth_asym_id_1 
_pdbx_validate_rmsd_bond.auth_comp_id_1 
_pdbx_validate_rmsd_bond.auth_seq_id_1 
_pdbx_validate_rmsd_bond.PDB_ins_code_1 
_pdbx_validate_rmsd_bond.label_alt_id_1 
_pdbx_validate_rmsd_bond.auth_atom_id_2 
_pdbx_validate_rmsd_bond.auth_asym_id_2 
_pdbx_validate_rmsd_bond.auth_comp_id_2 
_pdbx_validate_rmsd_bond.auth_seq_id_2 
_pdbx_validate_rmsd_bond.PDB_ins_code_2 
_pdbx_validate_rmsd_bond.label_alt_id_2 
_pdbx_validate_rmsd_bond.bond_value 
_pdbx_validate_rmsd_bond.bond_target_value 
_pdbx_validate_rmsd_bond.bond_deviation 
_pdbx_validate_rmsd_bond.bond_standard_deviation 
_pdbx_validate_rmsd_bond.linker_flag 
1 1 C A CAF 65  ? ? N A THR 66  ? ? 1.516 1.336 0.180 0.023 Y 
2 1 C A ALA 129 ? ? N A CAF 130 ? ? 1.527 1.336 0.191 0.023 Y 
# 
loop_
_pdbx_validate_rmsd_angle.id 
_pdbx_validate_rmsd_angle.PDB_model_num 
_pdbx_validate_rmsd_angle.auth_atom_id_1 
_pdbx_validate_rmsd_angle.auth_asym_id_1 
_pdbx_validate_rmsd_angle.auth_comp_id_1 
_pdbx_validate_rmsd_angle.auth_seq_id_1 
_pdbx_validate_rmsd_angle.PDB_ins_code_1 
_pdbx_validate_rmsd_angle.label_alt_id_1 
_pdbx_validate_rmsd_angle.auth_atom_id_2 
_pdbx_validate_rmsd_angle.auth_asym_id_2 
_pdbx_validate_rmsd_angle.auth_comp_id_2 
_pdbx_validate_rmsd_angle.auth_seq_id_2 
_pdbx_validate_rmsd_angle.PDB_ins_code_2 
_pdbx_validate_rmsd_angle.label_alt_id_2 
_pdbx_validate_rmsd_angle.auth_atom_id_3 
_pdbx_validate_rmsd_angle.auth_asym_id_3 
_pdbx_validate_rmsd_angle.auth_comp_id_3 
_pdbx_validate_rmsd_angle.auth_seq_id_3 
_pdbx_validate_rmsd_angle.PDB_ins_code_3 
_pdbx_validate_rmsd_angle.label_alt_id_3 
_pdbx_validate_rmsd_angle.angle_value 
_pdbx_validate_rmsd_angle.angle_target_value 
_pdbx_validate_rmsd_angle.angle_deviation 
_pdbx_validate_rmsd_angle.angle_standard_deviation 
_pdbx_validate_rmsd_angle.linker_flag 
1 1 O  A ALA 129 ? ? C  A ALA 129 ? ? N   A CAF 130 ? ? 111.82 122.70 -10.88 1.60 Y 
2 1 NE A ARG 166 ? ? CZ A ARG 166 ? ? NH1 A ARG 166 ? ? 123.65 120.30 3.35   0.50 N 
# 
_pdbx_validate_torsion.id              1 
_pdbx_validate_torsion.PDB_model_num   1 
_pdbx_validate_torsion.auth_comp_id    LYS 
_pdbx_validate_torsion.auth_asym_id    A 
_pdbx_validate_torsion.auth_seq_id     188 
_pdbx_validate_torsion.PDB_ins_code    ? 
_pdbx_validate_torsion.label_alt_id    ? 
_pdbx_validate_torsion.phi             -105.89 
_pdbx_validate_torsion.psi             58.67 
# 
loop_
_pdbx_struct_mod_residue.id 
_pdbx_struct_mod_residue.label_asym_id 
_pdbx_struct_mod_residue.label_comp_id 
_pdbx_struct_mod_residue.label_seq_id 
_pdbx_struct_mod_residue.auth_asym_id 
_pdbx_struct_mod_residue.auth_comp_id 
_pdbx_struct_mod_residue.auth_seq_id 
_pdbx_struct_mod_residue.PDB_ins_code 
_pdbx_struct_mod_residue.parent_comp_id 
_pdbx_struct_mod_residue.details 
1 A CAF 16 A CAF 65  ? CYS S-DIMETHYLARSINOYL-CYSTEINE 
2 A CAF 81 A CAF 130 ? CYS S-DIMETHYLARSINOYL-CYSTEINE 
# 
_pdbx_phasing_MR.entry_id                     4O0J 
_pdbx_phasing_MR.method_rotation              ? 
_pdbx_phasing_MR.method_translation           ? 
_pdbx_phasing_MR.model_details                'Phaser MODE: MR_AUTO' 
_pdbx_phasing_MR.R_factor                     ? 
_pdbx_phasing_MR.R_rigid_body                 ? 
_pdbx_phasing_MR.correlation_coeff_Fo_to_Fc   ? 
_pdbx_phasing_MR.correlation_coeff_Io_to_Ic   ? 
_pdbx_phasing_MR.d_res_high_rotation          2.500 
_pdbx_phasing_MR.d_res_low_rotation           22.570 
_pdbx_phasing_MR.d_res_high_translation       2.500 
_pdbx_phasing_MR.d_res_low_translation        22.570 
_pdbx_phasing_MR.packing                      ? 
_pdbx_phasing_MR.reflns_percent_rotation      ? 
_pdbx_phasing_MR.reflns_percent_translation   ? 
_pdbx_phasing_MR.sigma_F_rotation             ? 
_pdbx_phasing_MR.sigma_F_translation          ? 
_pdbx_phasing_MR.sigma_I_rotation             ? 
_pdbx_phasing_MR.sigma_I_translation          ? 
# 
_phasing.method   MR 
# 
loop_
_pdbx_unobs_or_zero_occ_residues.id 
_pdbx_unobs_or_zero_occ_residues.PDB_model_num 
_pdbx_unobs_or_zero_occ_residues.polymer_flag 
_pdbx_unobs_or_zero_occ_residues.occupancy_flag 
_pdbx_unobs_or_zero_occ_residues.auth_asym_id 
_pdbx_unobs_or_zero_occ_residues.auth_comp_id 
_pdbx_unobs_or_zero_occ_residues.auth_seq_id 
_pdbx_unobs_or_zero_occ_residues.PDB_ins_code 
_pdbx_unobs_or_zero_occ_residues.label_asym_id 
_pdbx_unobs_or_zero_occ_residues.label_comp_id 
_pdbx_unobs_or_zero_occ_residues.label_seq_id 
1  1 Y 1 A MET 50  ? A MET 1   
2  1 Y 1 A HIS 51  ? A HIS 2   
3  1 Y 1 A GLY 52  ? A GLY 3   
4  1 Y 1 A GLN 53  ? A GLN 4   
5  1 Y 1 A VAL 54  ? A VAL 5   
6  1 Y 1 A ASP 55  ? A ASP 6   
7  1 Y 1 A PRO 142 ? A PRO 93  
8  1 Y 1 A TYR 143 ? A TYR 94  
9  1 Y 1 A ASN 144 ? A ASN 95  
10 1 Y 1 A PRO 145 ? A PRO 96  
11 1 Y 1 A GLN 146 ? A GLN 97  
12 1 Y 1 A SER 147 ? A SER 98  
13 1 Y 1 A GLN 148 ? A GLN 99  
14 1 Y 1 A GLY 149 ? A GLY 100 
15 1 Y 1 A VAL 150 ? A VAL 101 
16 1 Y 1 A ILE 151 ? A ILE 102 
17 1 Y 1 A ILE 191 ? A ILE 142 
18 1 Y 1 A GLY 192 ? A GLY 143 
19 1 Y 1 A THR 210 ? A THR 161 
20 1 Y 1 A LYS 211 ? A LYS 162 
21 1 Y 1 A GLU 212 ? A GLU 163 
# 
loop_
_chem_comp_atom.comp_id 
_chem_comp_atom.atom_id 
_chem_comp_atom.type_symbol 
_chem_comp_atom.pdbx_aromatic_flag 
_chem_comp_atom.pdbx_stereo_config 
_chem_comp_atom.pdbx_ordinal 
ALA N    N  N N 1   
ALA CA   C  N S 2   
ALA C    C  N N 3   
ALA O    O  N N 4   
ALA CB   C  N N 5   
ALA OXT  O  N N 6   
ALA H    H  N N 7   
ALA H2   H  N N 8   
ALA HA   H  N N 9   
ALA HB1  H  N N 10  
ALA HB2  H  N N 11  
ALA HB3  H  N N 12  
ALA HXT  H  N N 13  
ARG N    N  N N 14  
ARG CA   C  N S 15  
ARG C    C  N N 16  
ARG O    O  N N 17  
ARG CB   C  N N 18  
ARG CG   C  N N 19  
ARG CD   C  N N 20  
ARG NE   N  N N 21  
ARG CZ   C  N N 22  
ARG NH1  N  N N 23  
ARG NH2  N  N N 24  
ARG OXT  O  N N 25  
ARG H    H  N N 26  
ARG H2   H  N N 27  
ARG HA   H  N N 28  
ARG HB2  H  N N 29  
ARG HB3  H  N N 30  
ARG HG2  H  N N 31  
ARG HG3  H  N N 32  
ARG HD2  H  N N 33  
ARG HD3  H  N N 34  
ARG HE   H  N N 35  
ARG HH11 H  N N 36  
ARG HH12 H  N N 37  
ARG HH21 H  N N 38  
ARG HH22 H  N N 39  
ARG HXT  H  N N 40  
ASN N    N  N N 41  
ASN CA   C  N S 42  
ASN C    C  N N 43  
ASN O    O  N N 44  
ASN CB   C  N N 45  
ASN CG   C  N N 46  
ASN OD1  O  N N 47  
ASN ND2  N  N N 48  
ASN OXT  O  N N 49  
ASN H    H  N N 50  
ASN H2   H  N N 51  
ASN HA   H  N N 52  
ASN HB2  H  N N 53  
ASN HB3  H  N N 54  
ASN HD21 H  N N 55  
ASN HD22 H  N N 56  
ASN HXT  H  N N 57  
ASP N    N  N N 58  
ASP CA   C  N S 59  
ASP C    C  N N 60  
ASP O    O  N N 61  
ASP CB   C  N N 62  
ASP CG   C  N N 63  
ASP OD1  O  N N 64  
ASP OD2  O  N N 65  
ASP OXT  O  N N 66  
ASP H    H  N N 67  
ASP H2   H  N N 68  
ASP HA   H  N N 69  
ASP HB2  H  N N 70  
ASP HB3  H  N N 71  
ASP HD2  H  N N 72  
ASP HXT  H  N N 73  
CAF N    N  N N 74  
CAF CA   C  N R 75  
CAF CB   C  N N 76  
CAF C    C  N N 77  
CAF O    O  N N 78  
CAF OXT  O  N N 79  
CAF SG   S  N N 80  
CAF AS   AS N N 81  
CAF CE1  C  N N 82  
CAF CE2  C  N N 83  
CAF O1   O  N N 84  
CAF H    H  N N 85  
CAF H2   H  N N 86  
CAF HA   H  N N 87  
CAF HB2  H  N N 88  
CAF HB3  H  N N 89  
CAF HXT  H  N N 90  
CAF HE11 H  N N 91  
CAF HE12 H  N N 92  
CAF HE13 H  N N 93  
CAF HE21 H  N N 94  
CAF HE22 H  N N 95  
CAF HE23 H  N N 96  
CYS N    N  N N 97  
CYS CA   C  N R 98  
CYS C    C  N N 99  
CYS O    O  N N 100 
CYS CB   C  N N 101 
CYS SG   S  N N 102 
CYS OXT  O  N N 103 
CYS H    H  N N 104 
CYS H2   H  N N 105 
CYS HA   H  N N 106 
CYS HB2  H  N N 107 
CYS HB3  H  N N 108 
CYS HG   H  N N 109 
CYS HXT  H  N N 110 
GLN N    N  N N 111 
GLN CA   C  N S 112 
GLN C    C  N N 113 
GLN O    O  N N 114 
GLN CB   C  N N 115 
GLN CG   C  N N 116 
GLN CD   C  N N 117 
GLN OE1  O  N N 118 
GLN NE2  N  N N 119 
GLN OXT  O  N N 120 
GLN H    H  N N 121 
GLN H2   H  N N 122 
GLN HA   H  N N 123 
GLN HB2  H  N N 124 
GLN HB3  H  N N 125 
GLN HG2  H  N N 126 
GLN HG3  H  N N 127 
GLN HE21 H  N N 128 
GLN HE22 H  N N 129 
GLN HXT  H  N N 130 
GLU N    N  N N 131 
GLU CA   C  N S 132 
GLU C    C  N N 133 
GLU O    O  N N 134 
GLU CB   C  N N 135 
GLU CG   C  N N 136 
GLU CD   C  N N 137 
GLU OE1  O  N N 138 
GLU OE2  O  N N 139 
GLU OXT  O  N N 140 
GLU H    H  N N 141 
GLU H2   H  N N 142 
GLU HA   H  N N 143 
GLU HB2  H  N N 144 
GLU HB3  H  N N 145 
GLU HG2  H  N N 146 
GLU HG3  H  N N 147 
GLU HE2  H  N N 148 
GLU HXT  H  N N 149 
GLY N    N  N N 150 
GLY CA   C  N N 151 
GLY C    C  N N 152 
GLY O    O  N N 153 
GLY OXT  O  N N 154 
GLY H    H  N N 155 
GLY H2   H  N N 156 
GLY HA2  H  N N 157 
GLY HA3  H  N N 158 
GLY HXT  H  N N 159 
HIS N    N  N N 160 
HIS CA   C  N S 161 
HIS C    C  N N 162 
HIS O    O  N N 163 
HIS CB   C  N N 164 
HIS CG   C  Y N 165 
HIS ND1  N  Y N 166 
HIS CD2  C  Y N 167 
HIS CE1  C  Y N 168 
HIS NE2  N  Y N 169 
HIS OXT  O  N N 170 
HIS H    H  N N 171 
HIS H2   H  N N 172 
HIS HA   H  N N 173 
HIS HB2  H  N N 174 
HIS HB3  H  N N 175 
HIS HD1  H  N N 176 
HIS HD2  H  N N 177 
HIS HE1  H  N N 178 
HIS HE2  H  N N 179 
HIS HXT  H  N N 180 
HOH O    O  N N 181 
HOH H1   H  N N 182 
HOH H2   H  N N 183 
ILE N    N  N N 184 
ILE CA   C  N S 185 
ILE C    C  N N 186 
ILE O    O  N N 187 
ILE CB   C  N S 188 
ILE CG1  C  N N 189 
ILE CG2  C  N N 190 
ILE CD1  C  N N 191 
ILE OXT  O  N N 192 
ILE H    H  N N 193 
ILE H2   H  N N 194 
ILE HA   H  N N 195 
ILE HB   H  N N 196 
ILE HG12 H  N N 197 
ILE HG13 H  N N 198 
ILE HG21 H  N N 199 
ILE HG22 H  N N 200 
ILE HG23 H  N N 201 
ILE HD11 H  N N 202 
ILE HD12 H  N N 203 
ILE HD13 H  N N 204 
ILE HXT  H  N N 205 
LEU N    N  N N 206 
LEU CA   C  N S 207 
LEU C    C  N N 208 
LEU O    O  N N 209 
LEU CB   C  N N 210 
LEU CG   C  N N 211 
LEU CD1  C  N N 212 
LEU CD2  C  N N 213 
LEU OXT  O  N N 214 
LEU H    H  N N 215 
LEU H2   H  N N 216 
LEU HA   H  N N 217 
LEU HB2  H  N N 218 
LEU HB3  H  N N 219 
LEU HG   H  N N 220 
LEU HD11 H  N N 221 
LEU HD12 H  N N 222 
LEU HD13 H  N N 223 
LEU HD21 H  N N 224 
LEU HD22 H  N N 225 
LEU HD23 H  N N 226 
LEU HXT  H  N N 227 
LF8 N1   N  Y N 228 
LF8 C2   C  Y N 229 
LF8 C3   C  Y N 230 
LF8 C4   C  Y N 231 
LF8 C5   C  Y N 232 
LF8 C6   C  Y N 233 
LF8 C7   C  Y N 234 
LF8 C8   C  Y N 235 
LF8 C9   C  Y N 236 
LF8 C10  C  Y N 237 
LF8 C11  C  Y N 238 
LF8 C12  C  Y N 239 
LF8 CL   CL N N 240 
LF8 C14  C  N N 241 
LF8 C15  C  N N 242 
LF8 C16  C  Y N 243 
LF8 C17  C  Y N 244 
LF8 C18  C  Y N 245 
LF8 C19  C  Y N 246 
LF8 C20  C  Y N 247 
LF8 C21  C  Y N 248 
LF8 C22  C  N N 249 
LF8 C23  C  N N 250 
LF8 C24  C  N S 251 
LF8 C25  C  N N 252 
LF8 O26  O  N N 253 
LF8 C27  C  N N 254 
LF8 C28  C  N N 255 
LF8 C29  C  N N 256 
LF8 C30  C  N N 257 
LF8 O33  O  N N 258 
LF8 O34  O  N N 259 
LF8 H1   H  N N 260 
LF8 H2   H  N N 261 
LF8 H3   H  N N 262 
LF8 H4   H  N N 263 
LF8 H5   H  N N 264 
LF8 H6   H  N N 265 
LF8 H7   H  N N 266 
LF8 H8   H  N N 267 
LF8 H9   H  N N 268 
LF8 H10  H  N N 269 
LF8 H11  H  N N 270 
LF8 H12  H  N N 271 
LF8 H13  H  N N 272 
LF8 H14  H  N N 273 
LF8 H15  H  N N 274 
LF8 H16  H  N N 275 
LF8 H17  H  N N 276 
LF8 H18  H  N N 277 
LF8 H19  H  N N 278 
LF8 H20  H  N N 279 
LF8 H21  H  N N 280 
LF8 H22  H  N N 281 
LF8 H23  H  N N 282 
LF8 H24  H  N N 283 
LF8 H25  H  N N 284 
LF8 H26  H  N N 285 
LF8 H27  H  N N 286 
LF8 H28  H  N N 287 
LF8 H29  H  N N 288 
LF8 H30  H  N N 289 
LYS N    N  N N 290 
LYS CA   C  N S 291 
LYS C    C  N N 292 
LYS O    O  N N 293 
LYS CB   C  N N 294 
LYS CG   C  N N 295 
LYS CD   C  N N 296 
LYS CE   C  N N 297 
LYS NZ   N  N N 298 
LYS OXT  O  N N 299 
LYS H    H  N N 300 
LYS H2   H  N N 301 
LYS HA   H  N N 302 
LYS HB2  H  N N 303 
LYS HB3  H  N N 304 
LYS HG2  H  N N 305 
LYS HG3  H  N N 306 
LYS HD2  H  N N 307 
LYS HD3  H  N N 308 
LYS HE2  H  N N 309 
LYS HE3  H  N N 310 
LYS HZ1  H  N N 311 
LYS HZ2  H  N N 312 
LYS HZ3  H  N N 313 
LYS HXT  H  N N 314 
MET N    N  N N 315 
MET CA   C  N S 316 
MET C    C  N N 317 
MET O    O  N N 318 
MET CB   C  N N 319 
MET CG   C  N N 320 
MET SD   S  N N 321 
MET CE   C  N N 322 
MET OXT  O  N N 323 
MET H    H  N N 324 
MET H2   H  N N 325 
MET HA   H  N N 326 
MET HB2  H  N N 327 
MET HB3  H  N N 328 
MET HG2  H  N N 329 
MET HG3  H  N N 330 
MET HE1  H  N N 331 
MET HE2  H  N N 332 
MET HE3  H  N N 333 
MET HXT  H  N N 334 
PHE N    N  N N 335 
PHE CA   C  N S 336 
PHE C    C  N N 337 
PHE O    O  N N 338 
PHE CB   C  N N 339 
PHE CG   C  Y N 340 
PHE CD1  C  Y N 341 
PHE CD2  C  Y N 342 
PHE CE1  C  Y N 343 
PHE CE2  C  Y N 344 
PHE CZ   C  Y N 345 
PHE OXT  O  N N 346 
PHE H    H  N N 347 
PHE H2   H  N N 348 
PHE HA   H  N N 349 
PHE HB2  H  N N 350 
PHE HB3  H  N N 351 
PHE HD1  H  N N 352 
PHE HD2  H  N N 353 
PHE HE1  H  N N 354 
PHE HE2  H  N N 355 
PHE HZ   H  N N 356 
PHE HXT  H  N N 357 
PRO N    N  N N 358 
PRO CA   C  N S 359 
PRO C    C  N N 360 
PRO O    O  N N 361 
PRO CB   C  N N 362 
PRO CG   C  N N 363 
PRO CD   C  N N 364 
PRO OXT  O  N N 365 
PRO H    H  N N 366 
PRO HA   H  N N 367 
PRO HB2  H  N N 368 
PRO HB3  H  N N 369 
PRO HG2  H  N N 370 
PRO HG3  H  N N 371 
PRO HD2  H  N N 372 
PRO HD3  H  N N 373 
PRO HXT  H  N N 374 
SER N    N  N N 375 
SER CA   C  N S 376 
SER C    C  N N 377 
SER O    O  N N 378 
SER CB   C  N N 379 
SER OG   O  N N 380 
SER OXT  O  N N 381 
SER H    H  N N 382 
SER H2   H  N N 383 
SER HA   H  N N 384 
SER HB2  H  N N 385 
SER HB3  H  N N 386 
SER HG   H  N N 387 
SER HXT  H  N N 388 
SO4 S    S  N N 389 
SO4 O1   O  N N 390 
SO4 O2   O  N N 391 
SO4 O3   O  N N 392 
SO4 O4   O  N N 393 
THR N    N  N N 394 
THR CA   C  N S 395 
THR C    C  N N 396 
THR O    O  N N 397 
THR CB   C  N R 398 
THR OG1  O  N N 399 
THR CG2  C  N N 400 
THR OXT  O  N N 401 
THR H    H  N N 402 
THR H2   H  N N 403 
THR HA   H  N N 404 
THR HB   H  N N 405 
THR HG1  H  N N 406 
THR HG21 H  N N 407 
THR HG22 H  N N 408 
THR HG23 H  N N 409 
THR HXT  H  N N 410 
TRP N    N  N N 411 
TRP CA   C  N S 412 
TRP C    C  N N 413 
TRP O    O  N N 414 
TRP CB   C  N N 415 
TRP CG   C  Y N 416 
TRP CD1  C  Y N 417 
TRP CD2  C  Y N 418 
TRP NE1  N  Y N 419 
TRP CE2  C  Y N 420 
TRP CE3  C  Y N 421 
TRP CZ2  C  Y N 422 
TRP CZ3  C  Y N 423 
TRP CH2  C  Y N 424 
TRP OXT  O  N N 425 
TRP H    H  N N 426 
TRP H2   H  N N 427 
TRP HA   H  N N 428 
TRP HB2  H  N N 429 
TRP HB3  H  N N 430 
TRP HD1  H  N N 431 
TRP HE1  H  N N 432 
TRP HE3  H  N N 433 
TRP HZ2  H  N N 434 
TRP HZ3  H  N N 435 
TRP HH2  H  N N 436 
TRP HXT  H  N N 437 
TYR N    N  N N 438 
TYR CA   C  N S 439 
TYR C    C  N N 440 
TYR O    O  N N 441 
TYR CB   C  N N 442 
TYR CG   C  Y N 443 
TYR CD1  C  Y N 444 
TYR CD2  C  Y N 445 
TYR CE1  C  Y N 446 
TYR CE2  C  Y N 447 
TYR CZ   C  Y N 448 
TYR OH   O  N N 449 
TYR OXT  O  N N 450 
TYR H    H  N N 451 
TYR H2   H  N N 452 
TYR HA   H  N N 453 
TYR HB2  H  N N 454 
TYR HB3  H  N N 455 
TYR HD1  H  N N 456 
TYR HD2  H  N N 457 
TYR HE1  H  N N 458 
TYR HE2  H  N N 459 
TYR HH   H  N N 460 
TYR HXT  H  N N 461 
VAL N    N  N N 462 
VAL CA   C  N S 463 
VAL C    C  N N 464 
VAL O    O  N N 465 
VAL CB   C  N N 466 
VAL CG1  C  N N 467 
VAL CG2  C  N N 468 
VAL OXT  O  N N 469 
VAL H    H  N N 470 
VAL H2   H  N N 471 
VAL HA   H  N N 472 
VAL HB   H  N N 473 
VAL HG11 H  N N 474 
VAL HG12 H  N N 475 
VAL HG13 H  N N 476 
VAL HG21 H  N N 477 
VAL HG22 H  N N 478 
VAL HG23 H  N N 479 
VAL HXT  H  N N 480 
# 
loop_
_chem_comp_bond.comp_id 
_chem_comp_bond.atom_id_1 
_chem_comp_bond.atom_id_2 
_chem_comp_bond.value_order 
_chem_comp_bond.pdbx_aromatic_flag 
_chem_comp_bond.pdbx_stereo_config 
_chem_comp_bond.pdbx_ordinal 
ALA N   CA   sing N N 1   
ALA N   H    sing N N 2   
ALA N   H2   sing N N 3   
ALA CA  C    sing N N 4   
ALA CA  CB   sing N N 5   
ALA CA  HA   sing N N 6   
ALA C   O    doub N N 7   
ALA C   OXT  sing N N 8   
ALA CB  HB1  sing N N 9   
ALA CB  HB2  sing N N 10  
ALA CB  HB3  sing N N 11  
ALA OXT HXT  sing N N 12  
ARG N   CA   sing N N 13  
ARG N   H    sing N N 14  
ARG N   H2   sing N N 15  
ARG CA  C    sing N N 16  
ARG CA  CB   sing N N 17  
ARG CA  HA   sing N N 18  
ARG C   O    doub N N 19  
ARG C   OXT  sing N N 20  
ARG CB  CG   sing N N 21  
ARG CB  HB2  sing N N 22  
ARG CB  HB3  sing N N 23  
ARG CG  CD   sing N N 24  
ARG CG  HG2  sing N N 25  
ARG CG  HG3  sing N N 26  
ARG CD  NE   sing N N 27  
ARG CD  HD2  sing N N 28  
ARG CD  HD3  sing N N 29  
ARG NE  CZ   sing N N 30  
ARG NE  HE   sing N N 31  
ARG CZ  NH1  sing N N 32  
ARG CZ  NH2  doub N N 33  
ARG NH1 HH11 sing N N 34  
ARG NH1 HH12 sing N N 35  
ARG NH2 HH21 sing N N 36  
ARG NH2 HH22 sing N N 37  
ARG OXT HXT  sing N N 38  
ASN N   CA   sing N N 39  
ASN N   H    sing N N 40  
ASN N   H2   sing N N 41  
ASN CA  C    sing N N 42  
ASN CA  CB   sing N N 43  
ASN CA  HA   sing N N 44  
ASN C   O    doub N N 45  
ASN C   OXT  sing N N 46  
ASN CB  CG   sing N N 47  
ASN CB  HB2  sing N N 48  
ASN CB  HB3  sing N N 49  
ASN CG  OD1  doub N N 50  
ASN CG  ND2  sing N N 51  
ASN ND2 HD21 sing N N 52  
ASN ND2 HD22 sing N N 53  
ASN OXT HXT  sing N N 54  
ASP N   CA   sing N N 55  
ASP N   H    sing N N 56  
ASP N   H2   sing N N 57  
ASP CA  C    sing N N 58  
ASP CA  CB   sing N N 59  
ASP CA  HA   sing N N 60  
ASP C   O    doub N N 61  
ASP C   OXT  sing N N 62  
ASP CB  CG   sing N N 63  
ASP CB  HB2  sing N N 64  
ASP CB  HB3  sing N N 65  
ASP CG  OD1  doub N N 66  
ASP CG  OD2  sing N N 67  
ASP OD2 HD2  sing N N 68  
ASP OXT HXT  sing N N 69  
CAF N   CA   sing N N 70  
CAF N   H    sing N N 71  
CAF N   H2   sing N N 72  
CAF CA  CB   sing N N 73  
CAF CA  C    sing N N 74  
CAF CA  HA   sing N N 75  
CAF CB  SG   sing N N 76  
CAF CB  HB2  sing N N 77  
CAF CB  HB3  sing N N 78  
CAF C   O    doub N N 79  
CAF C   OXT  sing N N 80  
CAF OXT HXT  sing N N 81  
CAF SG  AS   sing N N 82  
CAF AS  CE1  sing N N 83  
CAF AS  CE2  sing N N 84  
CAF AS  O1   doub N N 85  
CAF CE1 HE11 sing N N 86  
CAF CE1 HE12 sing N N 87  
CAF CE1 HE13 sing N N 88  
CAF CE2 HE21 sing N N 89  
CAF CE2 HE22 sing N N 90  
CAF CE2 HE23 sing N N 91  
CYS N   CA   sing N N 92  
CYS N   H    sing N N 93  
CYS N   H2   sing N N 94  
CYS CA  C    sing N N 95  
CYS CA  CB   sing N N 96  
CYS CA  HA   sing N N 97  
CYS C   O    doub N N 98  
CYS C   OXT  sing N N 99  
CYS CB  SG   sing N N 100 
CYS CB  HB2  sing N N 101 
CYS CB  HB3  sing N N 102 
CYS SG  HG   sing N N 103 
CYS OXT HXT  sing N N 104 
GLN N   CA   sing N N 105 
GLN N   H    sing N N 106 
GLN N   H2   sing N N 107 
GLN CA  C    sing N N 108 
GLN CA  CB   sing N N 109 
GLN CA  HA   sing N N 110 
GLN C   O    doub N N 111 
GLN C   OXT  sing N N 112 
GLN CB  CG   sing N N 113 
GLN CB  HB2  sing N N 114 
GLN CB  HB3  sing N N 115 
GLN CG  CD   sing N N 116 
GLN CG  HG2  sing N N 117 
GLN CG  HG3  sing N N 118 
GLN CD  OE1  doub N N 119 
GLN CD  NE2  sing N N 120 
GLN NE2 HE21 sing N N 121 
GLN NE2 HE22 sing N N 122 
GLN OXT HXT  sing N N 123 
GLU N   CA   sing N N 124 
GLU N   H    sing N N 125 
GLU N   H2   sing N N 126 
GLU CA  C    sing N N 127 
GLU CA  CB   sing N N 128 
GLU CA  HA   sing N N 129 
GLU C   O    doub N N 130 
GLU C   OXT  sing N N 131 
GLU CB  CG   sing N N 132 
GLU CB  HB2  sing N N 133 
GLU CB  HB3  sing N N 134 
GLU CG  CD   sing N N 135 
GLU CG  HG2  sing N N 136 
GLU CG  HG3  sing N N 137 
GLU CD  OE1  doub N N 138 
GLU CD  OE2  sing N N 139 
GLU OE2 HE2  sing N N 140 
GLU OXT HXT  sing N N 141 
GLY N   CA   sing N N 142 
GLY N   H    sing N N 143 
GLY N   H2   sing N N 144 
GLY CA  C    sing N N 145 
GLY CA  HA2  sing N N 146 
GLY CA  HA3  sing N N 147 
GLY C   O    doub N N 148 
GLY C   OXT  sing N N 149 
GLY OXT HXT  sing N N 150 
HIS N   CA   sing N N 151 
HIS N   H    sing N N 152 
HIS N   H2   sing N N 153 
HIS CA  C    sing N N 154 
HIS CA  CB   sing N N 155 
HIS CA  HA   sing N N 156 
HIS C   O    doub N N 157 
HIS C   OXT  sing N N 158 
HIS CB  CG   sing N N 159 
HIS CB  HB2  sing N N 160 
HIS CB  HB3  sing N N 161 
HIS CG  ND1  sing Y N 162 
HIS CG  CD2  doub Y N 163 
HIS ND1 CE1  doub Y N 164 
HIS ND1 HD1  sing N N 165 
HIS CD2 NE2  sing Y N 166 
HIS CD2 HD2  sing N N 167 
HIS CE1 NE2  sing Y N 168 
HIS CE1 HE1  sing N N 169 
HIS NE2 HE2  sing N N 170 
HIS OXT HXT  sing N N 171 
HOH O   H1   sing N N 172 
HOH O   H2   sing N N 173 
ILE N   CA   sing N N 174 
ILE N   H    sing N N 175 
ILE N   H2   sing N N 176 
ILE CA  C    sing N N 177 
ILE CA  CB   sing N N 178 
ILE CA  HA   sing N N 179 
ILE C   O    doub N N 180 
ILE C   OXT  sing N N 181 
ILE CB  CG1  sing N N 182 
ILE CB  CG2  sing N N 183 
ILE CB  HB   sing N N 184 
ILE CG1 CD1  sing N N 185 
ILE CG1 HG12 sing N N 186 
ILE CG1 HG13 sing N N 187 
ILE CG2 HG21 sing N N 188 
ILE CG2 HG22 sing N N 189 
ILE CG2 HG23 sing N N 190 
ILE CD1 HD11 sing N N 191 
ILE CD1 HD12 sing N N 192 
ILE CD1 HD13 sing N N 193 
ILE OXT HXT  sing N N 194 
LEU N   CA   sing N N 195 
LEU N   H    sing N N 196 
LEU N   H2   sing N N 197 
LEU CA  C    sing N N 198 
LEU CA  CB   sing N N 199 
LEU CA  HA   sing N N 200 
LEU C   O    doub N N 201 
LEU C   OXT  sing N N 202 
LEU CB  CG   sing N N 203 
LEU CB  HB2  sing N N 204 
LEU CB  HB3  sing N N 205 
LEU CG  CD1  sing N N 206 
LEU CG  CD2  sing N N 207 
LEU CG  HG   sing N N 208 
LEU CD1 HD11 sing N N 209 
LEU CD1 HD12 sing N N 210 
LEU CD1 HD13 sing N N 211 
LEU CD2 HD21 sing N N 212 
LEU CD2 HD22 sing N N 213 
LEU CD2 HD23 sing N N 214 
LEU OXT HXT  sing N N 215 
LF8 C28 C27  sing N N 216 
LF8 C29 C27  sing N N 217 
LF8 C27 C30  sing N N 218 
LF8 C27 O26  sing N N 219 
LF8 C18 C17  doub Y N 220 
LF8 C18 C19  sing Y N 221 
LF8 C17 C16  sing Y N 222 
LF8 C12 C11  doub Y N 223 
LF8 C12 C7   sing Y N 224 
LF8 O26 C24  sing N N 225 
LF8 C11 C10  sing Y N 226 
LF8 C22 C19  sing N N 227 
LF8 C19 C20  doub Y N 228 
LF8 C16 C2   sing N N 229 
LF8 C16 C21  doub Y N 230 
LF8 N1  C2   doub Y N 231 
LF8 N1  C6   sing Y N 232 
LF8 C15 C6   sing N N 233 
LF8 C2  C3   sing Y N 234 
LF8 C6  C5   doub Y N 235 
LF8 C5  C4   sing Y N 236 
LF8 C5  C24  sing N N 237 
LF8 C3  C14  sing N N 238 
LF8 C3  C4   doub Y N 239 
LF8 C4  C7   sing N N 240 
LF8 C24 C25  sing N N 241 
LF8 C7  C8   doub Y N 242 
LF8 C21 C20  sing Y N 243 
LF8 C20 C23  sing N N 244 
LF8 C10 CL   sing N N 245 
LF8 C10 C9   doub Y N 246 
LF8 C25 O33  doub N N 247 
LF8 C25 O34  sing N N 248 
LF8 C8  C9   sing Y N 249 
LF8 C8  H1   sing N N 250 
LF8 C9  H2   sing N N 251 
LF8 C11 H3   sing N N 252 
LF8 C12 H4   sing N N 253 
LF8 C14 H5   sing N N 254 
LF8 C14 H6   sing N N 255 
LF8 C14 H7   sing N N 256 
LF8 C15 H8   sing N N 257 
LF8 C15 H9   sing N N 258 
LF8 C15 H10  sing N N 259 
LF8 C17 H11  sing N N 260 
LF8 C18 H12  sing N N 261 
LF8 C21 H13  sing N N 262 
LF8 C22 H14  sing N N 263 
LF8 C22 H15  sing N N 264 
LF8 C22 H16  sing N N 265 
LF8 C23 H17  sing N N 266 
LF8 C23 H18  sing N N 267 
LF8 C23 H19  sing N N 268 
LF8 C24 H20  sing N N 269 
LF8 C28 H21  sing N N 270 
LF8 C28 H22  sing N N 271 
LF8 C28 H23  sing N N 272 
LF8 C29 H24  sing N N 273 
LF8 C29 H25  sing N N 274 
LF8 C29 H26  sing N N 275 
LF8 C30 H27  sing N N 276 
LF8 C30 H28  sing N N 277 
LF8 C30 H29  sing N N 278 
LF8 O34 H30  sing N N 279 
LYS N   CA   sing N N 280 
LYS N   H    sing N N 281 
LYS N   H2   sing N N 282 
LYS CA  C    sing N N 283 
LYS CA  CB   sing N N 284 
LYS CA  HA   sing N N 285 
LYS C   O    doub N N 286 
LYS C   OXT  sing N N 287 
LYS CB  CG   sing N N 288 
LYS CB  HB2  sing N N 289 
LYS CB  HB3  sing N N 290 
LYS CG  CD   sing N N 291 
LYS CG  HG2  sing N N 292 
LYS CG  HG3  sing N N 293 
LYS CD  CE   sing N N 294 
LYS CD  HD2  sing N N 295 
LYS CD  HD3  sing N N 296 
LYS CE  NZ   sing N N 297 
LYS CE  HE2  sing N N 298 
LYS CE  HE3  sing N N 299 
LYS NZ  HZ1  sing N N 300 
LYS NZ  HZ2  sing N N 301 
LYS NZ  HZ3  sing N N 302 
LYS OXT HXT  sing N N 303 
MET N   CA   sing N N 304 
MET N   H    sing N N 305 
MET N   H2   sing N N 306 
MET CA  C    sing N N 307 
MET CA  CB   sing N N 308 
MET CA  HA   sing N N 309 
MET C   O    doub N N 310 
MET C   OXT  sing N N 311 
MET CB  CG   sing N N 312 
MET CB  HB2  sing N N 313 
MET CB  HB3  sing N N 314 
MET CG  SD   sing N N 315 
MET CG  HG2  sing N N 316 
MET CG  HG3  sing N N 317 
MET SD  CE   sing N N 318 
MET CE  HE1  sing N N 319 
MET CE  HE2  sing N N 320 
MET CE  HE3  sing N N 321 
MET OXT HXT  sing N N 322 
PHE N   CA   sing N N 323 
PHE N   H    sing N N 324 
PHE N   H2   sing N N 325 
PHE CA  C    sing N N 326 
PHE CA  CB   sing N N 327 
PHE CA  HA   sing N N 328 
PHE C   O    doub N N 329 
PHE C   OXT  sing N N 330 
PHE CB  CG   sing N N 331 
PHE CB  HB2  sing N N 332 
PHE CB  HB3  sing N N 333 
PHE CG  CD1  doub Y N 334 
PHE CG  CD2  sing Y N 335 
PHE CD1 CE1  sing Y N 336 
PHE CD1 HD1  sing N N 337 
PHE CD2 CE2  doub Y N 338 
PHE CD2 HD2  sing N N 339 
PHE CE1 CZ   doub Y N 340 
PHE CE1 HE1  sing N N 341 
PHE CE2 CZ   sing Y N 342 
PHE CE2 HE2  sing N N 343 
PHE CZ  HZ   sing N N 344 
PHE OXT HXT  sing N N 345 
PRO N   CA   sing N N 346 
PRO N   CD   sing N N 347 
PRO N   H    sing N N 348 
PRO CA  C    sing N N 349 
PRO CA  CB   sing N N 350 
PRO CA  HA   sing N N 351 
PRO C   O    doub N N 352 
PRO C   OXT  sing N N 353 
PRO CB  CG   sing N N 354 
PRO CB  HB2  sing N N 355 
PRO CB  HB3  sing N N 356 
PRO CG  CD   sing N N 357 
PRO CG  HG2  sing N N 358 
PRO CG  HG3  sing N N 359 
PRO CD  HD2  sing N N 360 
PRO CD  HD3  sing N N 361 
PRO OXT HXT  sing N N 362 
SER N   CA   sing N N 363 
SER N   H    sing N N 364 
SER N   H2   sing N N 365 
SER CA  C    sing N N 366 
SER CA  CB   sing N N 367 
SER CA  HA   sing N N 368 
SER C   O    doub N N 369 
SER C   OXT  sing N N 370 
SER CB  OG   sing N N 371 
SER CB  HB2  sing N N 372 
SER CB  HB3  sing N N 373 
SER OG  HG   sing N N 374 
SER OXT HXT  sing N N 375 
SO4 S   O1   doub N N 376 
SO4 S   O2   doub N N 377 
SO4 S   O3   sing N N 378 
SO4 S   O4   sing N N 379 
THR N   CA   sing N N 380 
THR N   H    sing N N 381 
THR N   H2   sing N N 382 
THR CA  C    sing N N 383 
THR CA  CB   sing N N 384 
THR CA  HA   sing N N 385 
THR C   O    doub N N 386 
THR C   OXT  sing N N 387 
THR CB  OG1  sing N N 388 
THR CB  CG2  sing N N 389 
THR CB  HB   sing N N 390 
THR OG1 HG1  sing N N 391 
THR CG2 HG21 sing N N 392 
THR CG2 HG22 sing N N 393 
THR CG2 HG23 sing N N 394 
THR OXT HXT  sing N N 395 
TRP N   CA   sing N N 396 
TRP N   H    sing N N 397 
TRP N   H2   sing N N 398 
TRP CA  C    sing N N 399 
TRP CA  CB   sing N N 400 
TRP CA  HA   sing N N 401 
TRP C   O    doub N N 402 
TRP C   OXT  sing N N 403 
TRP CB  CG   sing N N 404 
TRP CB  HB2  sing N N 405 
TRP CB  HB3  sing N N 406 
TRP CG  CD1  doub Y N 407 
TRP CG  CD2  sing Y N 408 
TRP CD1 NE1  sing Y N 409 
TRP CD1 HD1  sing N N 410 
TRP CD2 CE2  doub Y N 411 
TRP CD2 CE3  sing Y N 412 
TRP NE1 CE2  sing Y N 413 
TRP NE1 HE1  sing N N 414 
TRP CE2 CZ2  sing Y N 415 
TRP CE3 CZ3  doub Y N 416 
TRP CE3 HE3  sing N N 417 
TRP CZ2 CH2  doub Y N 418 
TRP CZ2 HZ2  sing N N 419 
TRP CZ3 CH2  sing Y N 420 
TRP CZ3 HZ3  sing N N 421 
TRP CH2 HH2  sing N N 422 
TRP OXT HXT  sing N N 423 
TYR N   CA   sing N N 424 
TYR N   H    sing N N 425 
TYR N   H2   sing N N 426 
TYR CA  C    sing N N 427 
TYR CA  CB   sing N N 428 
TYR CA  HA   sing N N 429 
TYR C   O    doub N N 430 
TYR C   OXT  sing N N 431 
TYR CB  CG   sing N N 432 
TYR CB  HB2  sing N N 433 
TYR CB  HB3  sing N N 434 
TYR CG  CD1  doub Y N 435 
TYR CG  CD2  sing Y N 436 
TYR CD1 CE1  sing Y N 437 
TYR CD1 HD1  sing N N 438 
TYR CD2 CE2  doub Y N 439 
TYR CD2 HD2  sing N N 440 
TYR CE1 CZ   doub Y N 441 
TYR CE1 HE1  sing N N 442 
TYR CE2 CZ   sing Y N 443 
TYR CE2 HE2  sing N N 444 
TYR CZ  OH   sing N N 445 
TYR OH  HH   sing N N 446 
TYR OXT HXT  sing N N 447 
VAL N   CA   sing N N 448 
VAL N   H    sing N N 449 
VAL N   H2   sing N N 450 
VAL CA  C    sing N N 451 
VAL CA  CB   sing N N 452 
VAL CA  HA   sing N N 453 
VAL C   O    doub N N 454 
VAL C   OXT  sing N N 455 
VAL CB  CG1  sing N N 456 
VAL CB  CG2  sing N N 457 
VAL CB  HB   sing N N 458 
VAL CG1 HG11 sing N N 459 
VAL CG1 HG12 sing N N 460 
VAL CG1 HG13 sing N N 461 
VAL CG2 HG21 sing N N 462 
VAL CG2 HG22 sing N N 463 
VAL CG2 HG23 sing N N 464 
VAL OXT HXT  sing N N 465 
# 
_atom_sites.entry_id                    4O0J 
_atom_sites.fract_transf_matrix[1][1]   -0.00060755 
_atom_sites.fract_transf_matrix[1][2]   -0.00775327 
_atom_sites.fract_transf_matrix[1][3]   -0.01396902 
_atom_sites.fract_transf_matrix[2][1]   0.01276994 
_atom_sites.fract_transf_matrix[2][2]   -0.00808084 
_atom_sites.fract_transf_matrix[2][3]   -0.00521967 
_atom_sites.fract_transf_matrix[3][1]   -0.00501490 
_atom_sites.fract_transf_matrix[3][2]   -0.01257360 
_atom_sites.fract_transf_matrix[3][3]   0.00719687 
_atom_sites.fract_transf_vector[1]      0.429611 
_atom_sites.fract_transf_vector[2]      -0.090299 
_atom_sites.fract_transf_vector[3]      0.210958 
# 
loop_
_atom_type.symbol 
AS 
C  
CL 
N  
O  
S  
# 
loop_
_atom_site.group_PDB 
_atom_site.id 
_atom_site.type_symbol 
_atom_site.label_atom_id 
_atom_site.label_alt_id 
_atom_site.label_comp_id 
_atom_site.label_asym_id 
_atom_site.label_entity_id 
_atom_site.label_seq_id 
_atom_site.pdbx_PDB_ins_code 
_atom_site.Cartn_x 
_atom_site.Cartn_y 
_atom_site.Cartn_z 
_atom_site.occupancy 
_atom_site.B_iso_or_equiv 
_atom_site.pdbx_formal_charge 
_atom_site.auth_seq_id 
_atom_site.auth_comp_id 
_atom_site.auth_asym_id 
_atom_site.auth_atom_id 
_atom_site.pdbx_PDB_model_num 
ATOM   1    N  N   . CYS A 1 7   ? 3.413   10.461  13.875  1.00 81.38  ? 56  CYS A N   1 
ATOM   2    C  CA  . CYS A 1 7   ? 2.420   9.742   13.021  1.00 81.47  ? 56  CYS A CA  1 
ATOM   3    C  C   . CYS A 1 7   ? 2.076   8.310   13.513  1.00 81.11  ? 56  CYS A C   1 
ATOM   4    O  O   . CYS A 1 7   ? 2.966   7.459   13.628  1.00 80.82  ? 56  CYS A O   1 
ATOM   5    C  CB  . CYS A 1 7   ? 2.893   9.701   11.565  1.00 72.11  ? 56  CYS A CB  1 
ATOM   6    S  SG  . CYS A 1 7   ? 1.830   8.618   10.542  1.00 81.88  ? 56  CYS A SG  1 
ATOM   7    N  N   . SER A 1 8   ? 0.792   8.042   13.764  1.00 64.28  ? 57  SER A N   1 
ATOM   8    C  CA  . SER A 1 8   ? 0.366   6.745   14.295  1.00 62.14  ? 57  SER A CA  1 
ATOM   9    C  C   . SER A 1 8   ? 0.845   5.531   13.457  1.00 60.70  ? 57  SER A C   1 
ATOM   10   O  O   . SER A 1 8   ? 0.868   5.591   12.214  1.00 54.42  ? 57  SER A O   1 
ATOM   11   C  CB  . SER A 1 8   ? -1.163  6.706   14.450  1.00 66.93  ? 57  SER A CB  1 
ATOM   12   O  OG  . SER A 1 8   ? -1.628  5.368   14.673  1.00 68.71  ? 57  SER A OG  1 
ATOM   13   N  N   . PRO A 1 9   ? 1.218   4.423   14.133  1.00 58.94  ? 58  PRO A N   1 
ATOM   14   C  CA  . PRO A 1 9   ? 1.749   3.198   13.498  1.00 50.31  ? 58  PRO A CA  1 
ATOM   15   C  C   . PRO A 1 9   ? 0.664   2.320   12.796  1.00 49.87  ? 58  PRO A C   1 
ATOM   16   O  O   . PRO A 1 9   ? 1.032   1.409   12.045  1.00 47.99  ? 58  PRO A O   1 
ATOM   17   C  CB  . PRO A 1 9   ? 2.290   2.418   14.685  1.00 56.17  ? 58  PRO A CB  1 
ATOM   18   C  CG  . PRO A 1 9   ? 2.134   3.302   15.904  1.00 59.01  ? 58  PRO A CG  1 
ATOM   19   C  CD  . PRO A 1 9   ? 1.045   4.235   15.588  1.00 58.43  ? 58  PRO A CD  1 
ATOM   20   N  N   . GLY A 1 10  ? -0.625  2.572   13.070  1.00 42.97  ? 59  GLY A N   1 
ATOM   21   C  CA  . GLY A 1 10  ? -1.755  1.820   12.493  1.00 39.19  ? 59  GLY A CA  1 
ATOM   22   C  C   . GLY A 1 10  ? -2.315  2.486   11.224  1.00 37.56  ? 59  GLY A C   1 
ATOM   23   O  O   . GLY A 1 10  ? -3.298  2.021   10.657  1.00 39.81  ? 59  GLY A O   1 
ATOM   24   N  N   . ILE A 1 11  ? -1.680  3.545   10.738  1.00 39.09  ? 60  ILE A N   1 
ATOM   25   C  CA  . ILE A 1 11  ? -2.254  4.322   9.599   1.00 36.91  ? 60  ILE A CA  1 
ATOM   26   C  C   . ILE A 1 11  ? -1.628  3.953   8.255   1.00 36.04  ? 60  ILE A C   1 
ATOM   27   O  O   . ILE A 1 11  ? -0.412  3.960   8.088   1.00 37.20  ? 60  ILE A O   1 
ATOM   28   C  CB  . ILE A 1 11  ? -2.106  5.868   9.809   1.00 41.61  ? 60  ILE A CB  1 
ATOM   29   C  CG1 . ILE A 1 11  ? -2.916  6.304   11.022  1.00 50.49  ? 60  ILE A CG1 1 
ATOM   30   C  CG2 . ILE A 1 11  ? -2.683  6.654   8.623   1.00 44.98  ? 60  ILE A CG2 1 
ATOM   31   C  CD1 . ILE A 1 11  ? -2.564  7.693   11.545  1.00 59.42  ? 60  ILE A CD1 1 
ATOM   32   N  N   . TRP A 1 12  ? -2.480  3.628   7.292   1.00 35.45  ? 61  TRP A N   1 
ATOM   33   C  CA  . TRP A 1 12  ? -2.016  3.267   5.970   1.00 33.91  ? 61  TRP A CA  1 
ATOM   34   C  C   . TRP A 1 12  ? -2.782  4.119   4.959   1.00 38.86  ? 61  TRP A C   1 
ATOM   35   O  O   . TRP A 1 12  ? -3.919  4.550   5.207   1.00 41.30  ? 61  TRP A O   1 
ATOM   36   C  CB  . TRP A 1 12  ? -2.397  1.802   5.728   1.00 32.42  ? 61  TRP A CB  1 
ATOM   37   C  CG  . TRP A 1 12  ? -1.590  0.831   6.545   1.00 32.56  ? 61  TRP A CG  1 
ATOM   38   C  CD1 . TRP A 1 12  ? -1.684  0.565   7.905   1.00 31.70  ? 61  TRP A CD1 1 
ATOM   39   C  CD2 . TRP A 1 12  ? -0.492  0.061   6.049   1.00 30.62  ? 61  TRP A CD2 1 
ATOM   40   N  NE1 . TRP A 1 12  ? -0.744  -0.412  8.231   1.00 31.19  ? 61  TRP A NE1 1 
ATOM   41   C  CE2 . TRP A 1 12  ? 0.019   -0.689  7.121   1.00 32.69  ? 61  TRP A CE2 1 
ATOM   42   C  CE3 . TRP A 1 12  ? 0.093   -0.084  4.758   1.00 30.39  ? 61  TRP A CE3 1 
ATOM   43   C  CZ2 . TRP A 1 12  ? 1.056   -1.636  6.944   1.00 32.48  ? 61  TRP A CZ2 1 
ATOM   44   C  CZ3 . TRP A 1 12  ? 1.144   -0.992  4.588   1.00 34.65  ? 61  TRP A CZ3 1 
ATOM   45   C  CH2 . TRP A 1 12  ? 1.614   -1.763  5.703   1.00 33.45  ? 61  TRP A CH2 1 
ATOM   46   N  N   . GLN A 1 13  ? -2.164  4.369   3.827   1.00 33.39  ? 62  GLN A N   1 
ATOM   47   C  CA  . GLN A 1 13  ? -2.816  5.073   2.727   1.00 39.16  ? 62  GLN A CA  1 
ATOM   48   C  C   . GLN A 1 13  ? -2.961  4.083   1.581   1.00 40.00  ? 62  GLN A C   1 
ATOM   49   O  O   . GLN A 1 13  ? -2.016  3.372   1.217   1.00 37.97  ? 62  GLN A O   1 
ATOM   50   C  CB  . GLN A 1 13  ? -1.911  6.233   2.289   1.00 42.02  ? 62  GLN A CB  1 
ATOM   51   C  CG  . GLN A 1 13  ? -2.316  6.825   0.934   1.00 50.65  ? 62  GLN A CG  1 
ATOM   52   C  CD  . GLN A 1 13  ? -3.051  8.165   1.031   1.00 57.09  ? 62  GLN A CD  1 
ATOM   53   O  OE1 . GLN A 1 13  ? -3.054  8.816   2.103   1.00 52.92  ? 62  GLN A OE1 1 
ATOM   54   N  NE2 . GLN A 1 13  ? -3.671  8.595   -0.090  1.00 55.64  ? 62  GLN A NE2 1 
ATOM   55   N  N   . LEU A 1 14  ? -4.130  4.044   0.976   1.00 35.04  ? 63  LEU A N   1 
ATOM   56   C  CA  . LEU A 1 14  ? -4.338  3.143   -0.158  1.00 35.81  ? 63  LEU A CA  1 
ATOM   57   C  C   . LEU A 1 14  ? -4.938  3.895   -1.312  1.00 38.76  ? 63  LEU A C   1 
ATOM   58   O  O   . LEU A 1 14  ? -5.888  4.663   -1.112  1.00 34.62  ? 63  LEU A O   1 
ATOM   59   C  CB  . LEU A 1 14  ? -5.385  2.137   0.340   1.00 43.64  ? 63  LEU A CB  1 
ATOM   60   C  CG  . LEU A 1 14  ? -5.564  0.759   -0.250  1.00 54.93  ? 63  LEU A CG  1 
ATOM   61   C  CD1 . LEU A 1 14  ? -6.410  -0.093  0.672   1.00 44.14  ? 63  LEU A CD1 1 
ATOM   62   C  CD2 . LEU A 1 14  ? -6.367  1.002   -1.504  1.00 66.44  ? 63  LEU A CD2 1 
ATOM   63   N  N   . ASP A 1 15  ? -4.400  3.665   -2.501  1.00 33.53  ? 64  ASP A N   1 
ATOM   64   C  CA  . ASP A 1 15  ? -4.805  4.281   -3.742  1.00 37.78  ? 64  ASP A CA  1 
ATOM   65   C  C   . ASP A 1 15  ? -4.611  3.306   -4.881  1.00 37.62  ? 64  ASP A C   1 
ATOM   66   O  O   . ASP A 1 15  ? -3.739  2.435   -4.838  1.00 40.99  ? 64  ASP A O   1 
ATOM   67   C  CB  . ASP A 1 15  ? -3.937  5.535   -4.013  1.00 38.54  ? 64  ASP A CB  1 
ATOM   68   C  CG  . ASP A 1 15  ? -4.193  6.579   -2.983  1.00 47.32  ? 64  ASP A CG  1 
ATOM   69   O  OD1 . ASP A 1 15  ? -5.274  7.241   -3.009  1.00 53.65  ? 64  ASP A OD1 1 
ATOM   70   O  OD2 . ASP A 1 15  ? -3.347  6.694   -2.083  1.00 51.64  ? 64  ASP A OD2 1 
HETATM 71   N  N   . CAF A 1 16  ? -5.283  3.626   -6.115  1.00 34.86  ? 65  CAF A N   1 
HETATM 72   C  CA  . CAF A 1 16  ? -4.967  2.835   -7.300  1.00 38.14  ? 65  CAF A CA  1 
HETATM 73   C  CB  . CAF A 1 16  ? -6.169  2.265   -8.022  1.00 35.92  ? 65  CAF A CB  1 
HETATM 74   C  C   . CAF A 1 16  ? -4.294  3.805   -8.214  1.00 37.80  ? 65  CAF A C   1 
HETATM 75   O  O   . CAF A 1 16  ? -4.627  4.976   -8.239  1.00 37.46  ? 65  CAF A O   1 
HETATM 76   S  SG  . CAF A 1 16  ? -6.864  0.929   -7.078  1.00 39.68  ? 65  CAF A SG  1 
HETATM 77   AS AS  . CAF A 1 16  ? -8.425  2.076   -5.888  1.00 45.30  ? 65  CAF A AS  1 
HETATM 78   C  CE1 . CAF A 1 16  ? -9.791  0.713   -6.207  1.00 39.79  ? 65  CAF A CE1 1 
HETATM 79   O  O1  . CAF A 1 16  ? -7.969  1.791   -4.137  1.00 51.19  ? 65  CAF A O1  1 
ATOM   80   N  N   . THR A 1 17  ? -3.185  3.330   -9.132  1.00 37.54  ? 66  THR A N   1 
ATOM   81   C  CA  . THR A 1 17  ? -2.724  4.160   -10.264 1.00 46.95  ? 66  THR A CA  1 
ATOM   82   C  C   . THR A 1 17  ? -2.904  3.264   -11.458 1.00 43.46  ? 66  THR A C   1 
ATOM   83   O  O   . THR A 1 17  ? -3.273  2.101   -11.324 1.00 43.49  ? 66  THR A O   1 
ATOM   84   C  CB  . THR A 1 17  ? -1.187  4.358   -10.270 1.00 53.88  ? 66  THR A CB  1 
ATOM   85   O  OG1 . THR A 1 17  ? -0.575  3.850   -9.092  1.00 53.39  ? 66  THR A OG1 1 
ATOM   86   C  CG2 . THR A 1 17  ? -0.816  5.737   -10.483 1.00 42.46  ? 66  THR A CG2 1 
ATOM   87   N  N   . HIS A 1 18  ? -2.536  3.798   -12.623 1.00 40.71  ? 67  HIS A N   1 
ATOM   88   C  CA  . HIS A 1 18  ? -2.748  3.121   -13.884 1.00 41.19  ? 67  HIS A CA  1 
ATOM   89   C  C   . HIS A 1 18  ? -1.426  3.122   -14.578 1.00 40.78  ? 67  HIS A C   1 
ATOM   90   O  O   . HIS A 1 18  ? -0.650  4.063   -14.453 1.00 43.08  ? 67  HIS A O   1 
ATOM   91   C  CB  . HIS A 1 18  ? -3.829  3.830   -14.660 1.00 46.64  ? 67  HIS A CB  1 
ATOM   92   C  CG  . HIS A 1 18  ? -5.112  3.863   -13.902 1.00 53.23  ? 67  HIS A CG  1 
ATOM   93   N  ND1 . HIS A 1 18  ? -5.356  4.792   -12.904 1.00 59.47  ? 67  HIS A ND1 1 
ATOM   94   C  CD2 . HIS A 1 18  ? -6.154  3.001   -13.881 1.00 54.39  ? 67  HIS A CD2 1 
ATOM   95   C  CE1 . HIS A 1 18  ? -6.524  4.526   -12.343 1.00 60.81  ? 67  HIS A CE1 1 
ATOM   96   N  NE2 . HIS A 1 18  ? -7.027  3.444   -12.914 1.00 56.55  ? 67  HIS A NE2 1 
ATOM   97   N  N   . LEU A 1 19  ? -1.135  1.992   -15.205 1.00 45.28  ? 68  LEU A N   1 
ATOM   98   C  CA  . LEU A 1 19  ? 0.064   1.859   -16.003 1.00 43.18  ? 68  LEU A CA  1 
ATOM   99   C  C   . LEU A 1 19  ? -0.267  0.810   -17.017 1.00 46.63  ? 68  LEU A C   1 
ATOM   100  O  O   . LEU A 1 19  ? -0.891  -0.220  -16.678 1.00 45.93  ? 68  LEU A O   1 
ATOM   101  C  CB  . LEU A 1 19  ? 1.279   1.494   -15.147 1.00 44.71  ? 68  LEU A CB  1 
ATOM   102  C  CG  . LEU A 1 19  ? 2.633   1.963   -15.664 1.00 52.86  ? 68  LEU A CG  1 
ATOM   103  C  CD1 . LEU A 1 19  ? 2.725   3.488   -15.870 1.00 48.46  ? 68  LEU A CD1 1 
ATOM   104  C  CD2 . LEU A 1 19  ? 3.671   1.523   -14.642 1.00 46.69  ? 68  LEU A CD2 1 
ATOM   105  N  N   . GLU A 1 20  ? 0.056   1.116   -18.291 1.00 47.81  ? 69  GLU A N   1 
ATOM   106  C  CA  . GLU A 1 20  ? -0.081  0.170   -19.396 1.00 40.51  ? 69  GLU A CA  1 
ATOM   107  C  C   . GLU A 1 20  ? -1.447  -0.393  -19.480 1.00 40.61  ? 69  GLU A C   1 
ATOM   108  O  O   . GLU A 1 20  ? -1.616  -1.564  -19.809 1.00 46.60  ? 69  GLU A O   1 
ATOM   109  C  CB  . GLU A 1 20  ? 0.908   -1.006  -19.249 1.00 44.50  ? 69  GLU A CB  1 
ATOM   110  C  CG  . GLU A 1 20  ? 2.354   -0.568  -19.211 1.00 44.39  ? 69  GLU A CG  1 
ATOM   111  C  CD  . GLU A 1 20  ? 3.319   -1.722  -18.961 1.00 47.84  ? 69  GLU A CD  1 
ATOM   112  O  OE1 . GLU A 1 20  ? 2.931   -2.919  -19.021 1.00 42.79  ? 69  GLU A OE1 1 
ATOM   113  O  OE2 . GLU A 1 20  ? 4.490   -1.422  -18.687 1.00 46.99  ? 69  GLU A OE2 1 
ATOM   114  N  N   . GLY A 1 21  ? -2.446  0.405   -19.163 1.00 44.73  ? 70  GLY A N   1 
ATOM   115  C  CA  . GLY A 1 21  ? -3.817  -0.121  -19.251 1.00 48.43  ? 70  GLY A CA  1 
ATOM   116  C  C   . GLY A 1 21  ? -4.232  -0.991  -18.078 1.00 56.86  ? 70  GLY A C   1 
ATOM   117  O  O   . GLY A 1 21  ? -5.279  -1.619  -18.119 1.00 51.19  ? 70  GLY A O   1 
ATOM   118  N  N   . LYS A 1 22  ? -3.429  -1.033  -17.012 1.00 45.93  ? 71  LYS A N   1 
ATOM   119  C  CA  . LYS A 1 22  ? -3.764  -1.938  -15.904 1.00 45.07  ? 71  LYS A CA  1 
ATOM   120  C  C   . LYS A 1 22  ? -3.859  -1.111  -14.617 1.00 36.54  ? 71  LYS A C   1 
ATOM   121  O  O   . LYS A 1 22  ? -3.472  0.061   -14.604 1.00 38.19  ? 71  LYS A O   1 
ATOM   122  C  CB  . LYS A 1 22  ? -2.727  -3.065  -15.783 1.00 43.60  ? 71  LYS A CB  1 
ATOM   123  C  CG  . LYS A 1 22  ? -2.685  -4.007  -17.003 1.00 45.79  ? 71  LYS A CG  1 
ATOM   124  C  CD  . LYS A 1 22  ? -1.828  -5.249  -16.722 1.00 50.65  ? 71  LYS A CD  1 
ATOM   125  C  CE  . LYS A 1 22  ? -2.055  -6.378  -17.730 1.00 53.38  ? 71  LYS A CE  1 
ATOM   126  N  NZ  . LYS A 1 22  ? -1.780  -5.837  -19.093 1.00 61.47  ? 71  LYS A NZ  1 
ATOM   127  N  N   . VAL A 1 23  ? -4.329  -1.740  -13.542 1.00 36.18  ? 72  VAL A N   1 
ATOM   128  C  CA  . VAL A 1 23  ? -4.606  -1.068  -12.291 1.00 34.89  ? 72  VAL A CA  1 
ATOM   129  C  C   . VAL A 1 23  ? -3.655  -1.583  -11.231 1.00 34.32  ? 72  VAL A C   1 
ATOM   130  O  O   . VAL A 1 23  ? -3.565  -2.778  -11.013 1.00 36.06  ? 72  VAL A O   1 
ATOM   131  C  CB  . VAL A 1 23  ? -6.055  -1.323  -11.832 1.00 36.45  ? 72  VAL A CB  1 
ATOM   132  C  CG1 . VAL A 1 23  ? -6.303  -0.641  -10.497 1.00 36.03  ? 72  VAL A CG1 1 
ATOM   133  C  CG2 . VAL A 1 23  ? -7.053  -0.804  -12.902 1.00 40.20  ? 72  VAL A CG2 1 
ATOM   134  N  N   . ILE A 1 24  ? -2.996  -0.670  -10.540 1.00 33.05  ? 73  ILE A N   1 
ATOM   135  C  CA  . ILE A 1 24  ? -2.040  -1.085  -9.549  1.00 36.74  ? 73  ILE A CA  1 
ATOM   136  C  C   . ILE A 1 24  ? -2.559  -0.540  -8.221  1.00 33.86  ? 73  ILE A C   1 
ATOM   137  O  O   . ILE A 1 24  ? -2.690  0.663   -8.045  1.00 36.46  ? 73  ILE A O   1 
ATOM   138  C  CB  . ILE A 1 24  ? -0.623  -0.537  -9.787  1.00 39.24  ? 73  ILE A CB  1 
ATOM   139  C  CG1 . ILE A 1 24  ? -0.079  -0.984  -11.165 1.00 35.29  ? 73  ILE A CG1 1 
ATOM   140  C  CG2 . ILE A 1 24  ? 0.275   -1.011  -8.629  1.00 36.56  ? 73  ILE A CG2 1 
ATOM   141  C  CD1 . ILE A 1 24  ? 1.180   -0.207  -11.592 1.00 39.28  ? 73  ILE A CD1 1 
ATOM   142  N  N   . LEU A 1 25  ? -2.863  -1.425  -7.299  1.00 34.01  ? 74  LEU A N   1 
ATOM   143  C  CA  . LEU A 1 25  ? -3.343  -0.972  -5.987  1.00 32.80  ? 74  LEU A CA  1 
ATOM   144  C  C   . LEU A 1 25  ? -2.129  -0.810  -5.081  1.00 34.68  ? 74  LEU A C   1 
ATOM   145  O  O   . LEU A 1 25  ? -1.303  -1.731  -4.980  1.00 37.60  ? 74  LEU A O   1 
ATOM   146  C  CB  . LEU A 1 25  ? -4.337  -1.991  -5.454  1.00 38.92  ? 74  LEU A CB  1 
ATOM   147  C  CG  . LEU A 1 25  ? -5.027  -1.618  -4.114  1.00 43.93  ? 74  LEU A CG  1 
ATOM   148  C  CD1 . LEU A 1 25  ? -5.430  -0.180  -4.177  1.00 55.43  ? 74  LEU A CD1 1 
ATOM   149  C  CD2 . LEU A 1 25  ? -6.315  -2.436  -3.931  1.00 42.44  ? 74  LEU A CD2 1 
ATOM   150  N  N   . VAL A 1 26  ? -1.965  0.358   -4.483  1.00 32.91  ? 75  VAL A N   1 
ATOM   151  C  CA  . VAL A 1 26  ? -0.681  0.654   -3.754  1.00 31.92  ? 75  VAL A CA  1 
ATOM   152  C  C   . VAL A 1 26  ? -1.085  1.010   -2.311  1.00 34.88  ? 75  VAL A C   1 
ATOM   153  O  O   . VAL A 1 26  ? -1.920  1.914   -2.101  1.00 34.01  ? 75  VAL A O   1 
ATOM   154  C  CB  . VAL A 1 26  ? 0.051   1.864   -4.365  1.00 35.62  ? 75  VAL A CB  1 
ATOM   155  C  CG1 . VAL A 1 26  ? 1.315   2.179   -3.543  1.00 36.39  ? 75  VAL A CG1 1 
ATOM   156  C  CG2 . VAL A 1 26  ? 0.461   1.580   -5.820  1.00 35.67  ? 75  VAL A CG2 1 
ATOM   157  N  N   . ALA A 1 27  ? -0.575  0.261   -1.325  1.00 30.83  ? 76  ALA A N   1 
ATOM   158  C  CA  . ALA A 1 27  ? -0.736  0.660   0.064   1.00 29.99  ? 76  ALA A CA  1 
ATOM   159  C  C   . ALA A 1 27  ? 0.594   1.182   0.644   1.00 36.61  ? 76  ALA A C   1 
ATOM   160  O  O   . ALA A 1 27  ? 1.675   0.551   0.419   1.00 32.76  ? 76  ALA A O   1 
ATOM   161  C  CB  . ALA A 1 27  ? -1.264  -0.517  0.875   1.00 31.93  ? 76  ALA A CB  1 
ATOM   162  N  N   . VAL A 1 28  ? 0.519   2.281   1.414   1.00 33.17  ? 77  VAL A N   1 
ATOM   163  C  CA  . VAL A 1 28  ? 1.687   2.911   2.053   1.00 32.19  ? 77  VAL A CA  1 
ATOM   164  C  C   . VAL A 1 28  ? 1.536   2.937   3.515   1.00 37.15  ? 77  VAL A C   1 
ATOM   165  O  O   . VAL A 1 28  ? 0.521   3.459   4.033   1.00 34.44  ? 77  VAL A O   1 
ATOM   166  C  CB  . VAL A 1 28  ? 1.889   4.381   1.560   1.00 37.54  ? 77  VAL A CB  1 
ATOM   167  C  CG1 . VAL A 1 28  ? 3.176   4.946   2.150   1.00 35.35  ? 77  VAL A CG1 1 
ATOM   168  C  CG2 . VAL A 1 28  ? 1.991   4.435   0.020   1.00 33.91  ? 77  VAL A CG2 1 
ATOM   169  N  N   . HIS A 1 29  ? 2.506   2.345   4.231   1.00 34.40  ? 78  HIS A N   1 
ATOM   170  C  CA  . HIS A 1 29  ? 2.486   2.486   5.683   1.00 33.21  ? 78  HIS A CA  1 
ATOM   171  C  C   . HIS A 1 29  ? 3.089   3.904   5.946   1.00 39.85  ? 78  HIS A C   1 
ATOM   172  O  O   . HIS A 1 29  ? 4.302   4.164   5.758   1.00 40.54  ? 78  HIS A O   1 
ATOM   173  C  CB  . HIS A 1 29  ? 3.276   1.365   6.391   1.00 31.77  ? 78  HIS A CB  1 
ATOM   174  C  CG  . HIS A 1 29  ? 3.293   1.518   7.884   1.00 35.58  ? 78  HIS A CG  1 
ATOM   175  N  ND1 . HIS A 1 29  ? 4.424   1.909   8.572   1.00 36.98  ? 78  HIS A ND1 1 
ATOM   176  C  CD2 . HIS A 1 29  ? 2.308   1.408   8.806   1.00 33.59  ? 78  HIS A CD2 1 
ATOM   177  C  CE1 . HIS A 1 29  ? 4.148   1.969   9.865   1.00 36.72  ? 78  HIS A CE1 1 
ATOM   178  N  NE2 . HIS A 1 29  ? 2.859   1.706   10.029  1.00 38.74  ? 78  HIS A NE2 1 
ATOM   179  N  N   . VAL A 1 30  ? 2.241   4.832   6.362   1.00 35.98  ? 79  VAL A N   1 
ATOM   180  C  CA  . VAL A 1 30  ? 2.619   6.247   6.297   1.00 38.84  ? 79  VAL A CA  1 
ATOM   181  C  C   . VAL A 1 30  ? 3.822   6.533   7.275   1.00 37.44  ? 79  VAL A C   1 
ATOM   182  O  O   . VAL A 1 30  ? 4.769   7.162   6.889   1.00 41.62  ? 79  VAL A O   1 
ATOM   183  C  CB  . VAL A 1 30  ? 1.371   7.166   6.602   1.00 46.43  ? 79  VAL A CB  1 
ATOM   184  C  CG1 . VAL A 1 30  ? 1.760   8.661   6.618   1.00 46.65  ? 79  VAL A CG1 1 
ATOM   185  C  CG2 . VAL A 1 30  ? 0.240   6.955   5.567   1.00 41.38  ? 79  VAL A CG2 1 
ATOM   186  N  N   . ALA A 1 31  ? 3.792   6.058   8.503   1.00 37.64  ? 80  ALA A N   1 
ATOM   187  C  CA  . ALA A 1 31  ? 4.923   6.361   9.427   1.00 40.26  ? 80  ALA A CA  1 
ATOM   188  C  C   . ALA A 1 31  ? 6.266   5.940   8.879   1.00 46.75  ? 80  ALA A C   1 
ATOM   189  O  O   . ALA A 1 31  ? 7.249   6.594   9.153   1.00 47.01  ? 80  ALA A O   1 
ATOM   190  C  CB  . ALA A 1 31  ? 4.697   5.679   10.771  1.00 37.55  ? 80  ALA A CB  1 
ATOM   191  N  N   . SER A 1 32  ? 6.331   4.870   8.069   1.00 43.65  ? 81  SER A N   1 
ATOM   192  C  CA  . SER A 1 32  ? 7.629   4.304   7.606   1.00 35.95  ? 81  SER A CA  1 
ATOM   193  C  C   . SER A 1 32  ? 7.950   4.523   6.150   1.00 40.09  ? 81  SER A C   1 
ATOM   194  O  O   . SER A 1 32  ? 9.085   4.513   5.817   1.00 41.61  ? 81  SER A O   1 
ATOM   195  C  CB  . SER A 1 32  ? 7.656   2.791   7.880   1.00 42.76  ? 81  SER A CB  1 
ATOM   196  O  OG  . SER A 1 32  ? 6.666   2.137   7.033   1.00 39.99  ? 81  SER A OG  1 
ATOM   197  N  N   . GLY A 1 33  ? 6.969   4.703   5.252   1.00 38.81  ? 82  GLY A N   1 
ATOM   198  C  CA  . GLY A 1 33  ? 7.253   4.754   3.811   1.00 32.22  ? 82  GLY A CA  1 
ATOM   199  C  C   . GLY A 1 33  ? 7.196   3.361   3.140   1.00 33.59  ? 82  GLY A C   1 
ATOM   200  O  O   . GLY A 1 33  ? 7.327   3.254   1.917   1.00 38.13  ? 82  GLY A O   1 
ATOM   201  N  N   . TYR A 1 34  ? 6.976   2.311   3.934   1.00 33.73  ? 83  TYR A N   1 
ATOM   202  C  CA  . TYR A 1 34  ? 6.922   0.913   3.425   1.00 33.48  ? 83  TYR A CA  1 
ATOM   203  C  C   . TYR A 1 34  ? 5.687   0.799   2.549   1.00 36.22  ? 83  TYR A C   1 
ATOM   204  O  O   . TYR A 1 34  ? 4.608   1.369   2.876   1.00 34.12  ? 83  TYR A O   1 
ATOM   205  C  CB  . TYR A 1 34  ? 6.772   -0.053  4.575   1.00 34.15  ? 83  TYR A CB  1 
ATOM   206  C  CG  . TYR A 1 34  ? 6.330   -1.470  4.179   1.00 39.30  ? 83  TYR A CG  1 
ATOM   207  C  CD1 . TYR A 1 34  ? 4.975   -1.798  4.152   1.00 33.19  ? 83  TYR A CD1 1 
ATOM   208  C  CD2 . TYR A 1 34  ? 7.273   -2.491  3.884   1.00 36.55  ? 83  TYR A CD2 1 
ATOM   209  C  CE1 . TYR A 1 34  ? 4.569   -3.080  3.830   1.00 35.52  ? 83  TYR A CE1 1 
ATOM   210  C  CE2 . TYR A 1 34  ? 6.847   -3.784  3.556   1.00 41.52  ? 83  TYR A CE2 1 
ATOM   211  C  CZ  . TYR A 1 34  ? 5.484   -4.055  3.527   1.00 37.86  ? 83  TYR A CZ  1 
ATOM   212  O  OH  . TYR A 1 34  ? 4.920   -5.278  3.172   1.00 38.94  ? 83  TYR A OH  1 
ATOM   213  N  N   . ILE A 1 35  ? 5.843   0.025   1.491   1.00 33.80  ? 84  ILE A N   1 
ATOM   214  C  CA  . ILE A 1 35  ? 4.820   -0.153  0.503   1.00 36.69  ? 84  ILE A CA  1 
ATOM   215  C  C   . ILE A 1 35  ? 4.494   -1.628  0.243   1.00 37.86  ? 84  ILE A C   1 
ATOM   216  O  O   . ILE A 1 35  ? 5.408   -2.489  0.311   1.00 32.47  ? 84  ILE A O   1 
ATOM   217  C  CB  . ILE A 1 35  ? 5.363   0.481   -0.803  1.00 43.70  ? 84  ILE A CB  1 
ATOM   218  C  CG1 . ILE A 1 35  ? 5.282   2.004   -0.656  1.00 43.88  ? 84  ILE A CG1 1 
ATOM   219  C  CG2 . ILE A 1 35  ? 4.612   0.002   -2.031  1.00 45.49  ? 84  ILE A CG2 1 
ATOM   220  C  CD1 . ILE A 1 35  ? 5.986   2.706   -1.803  1.00 62.69  ? 84  ILE A CD1 1 
ATOM   221  N  N   . GLU A 1 36  ? 3.212   -1.907  -0.061  1.00 38.10  ? 85  GLU A N   1 
ATOM   222  C  CA  . GLU A 1 36  ? 2.761   -3.173  -0.735  1.00 37.61  ? 85  GLU A CA  1 
ATOM   223  C  C   . GLU A 1 36  ? 1.904   -2.769  -1.894  1.00 40.70  ? 85  GLU A C   1 
ATOM   224  O  O   . GLU A 1 36  ? 1.134   -1.810  -1.789  1.00 40.63  ? 85  GLU A O   1 
ATOM   225  C  CB  . GLU A 1 36  ? 1.937   -4.106  0.158   1.00 40.41  ? 85  GLU A CB  1 
ATOM   226  C  CG  . GLU A 1 36  ? 2.575   -4.436  1.451   1.00 47.21  ? 85  GLU A CG  1 
ATOM   227  C  CD  . GLU A 1 36  ? 1.838   -5.510  2.222   1.00 55.75  ? 85  GLU A CD  1 
ATOM   228  O  OE1 . GLU A 1 36  ? 0.743   -5.980  1.809   1.00 51.04  ? 85  GLU A OE1 1 
ATOM   229  O  OE2 . GLU A 1 36  ? 2.391   -5.897  3.259   1.00 47.96  ? 85  GLU A OE2 1 
ATOM   230  N  N   . ALA A 1 37  ? 2.001   -3.499  -3.001  1.00 38.26  ? 86  ALA A N   1 
ATOM   231  C  CA  . ALA A 1 37  ? 1.257   -3.151  -4.218  1.00 34.78  ? 86  ALA A CA  1 
ATOM   232  C  C   . ALA A 1 37  ? 0.900   -4.417  -4.947  1.00 46.12  ? 86  ALA A C   1 
ATOM   233  O  O   . ALA A 1 37  ? 1.537   -5.475  -4.751  1.00 47.53  ? 86  ALA A O   1 
ATOM   234  C  CB  . ALA A 1 37  ? 2.026   -2.194  -5.127  1.00 38.18  ? 86  ALA A CB  1 
ATOM   235  N  N   . GLU A 1 38  ? -0.139  -4.360  -5.785  1.00 44.16  ? 87  GLU A N   1 
ATOM   236  C  CA  . GLU A 1 38  ? -0.622  -5.586  -6.421  1.00 40.86  ? 87  GLU A CA  1 
ATOM   237  C  C   . GLU A 1 38  ? -1.276  -5.068  -7.689  1.00 44.16  ? 87  GLU A C   1 
ATOM   238  O  O   . GLU A 1 38  ? -1.902  -3.998  -7.661  1.00 37.86  ? 87  GLU A O   1 
ATOM   239  C  CB  . GLU A 1 38  ? -1.676  -6.225  -5.508  1.00 46.14  ? 87  GLU A CB  1 
ATOM   240  C  CG  . GLU A 1 38  ? -2.049  -7.651  -5.808  1.00 60.91  ? 87  GLU A CG  1 
ATOM   241  C  CD  . GLU A 1 38  ? -1.049  -8.694  -5.304  1.00 69.03  ? 87  GLU A CD  1 
ATOM   242  O  OE1 . GLU A 1 38  ? -0.786  -8.780  -4.060  1.00 57.32  ? 87  GLU A OE1 1 
ATOM   243  O  OE2 . GLU A 1 38  ? -0.565  -9.460  -6.181  1.00 65.97  ? 87  GLU A OE2 1 
ATOM   244  N  N   . VAL A 1 39  ? -1.102  -5.780  -8.802  1.00 42.02  ? 88  VAL A N   1 
ATOM   245  C  CA  . VAL A 1 39  ? -1.792  -5.482  -10.047 1.00 41.79  ? 88  VAL A CA  1 
ATOM   246  C  C   . VAL A 1 39  ? -3.128  -6.156  -9.894  1.00 42.82  ? 88  VAL A C   1 
ATOM   247  O  O   . VAL A 1 39  ? -3.188  -7.374  -9.630  1.00 41.54  ? 88  VAL A O   1 
ATOM   248  C  CB  . VAL A 1 39  ? -1.027  -5.987  -11.300 1.00 39.13  ? 88  VAL A CB  1 
ATOM   249  C  CG1 . VAL A 1 39  ? -1.966  -5.906  -12.530 1.00 38.17  ? 88  VAL A CG1 1 
ATOM   250  C  CG2 . VAL A 1 39  ? 0.175   -5.102  -11.562 1.00 40.33  ? 88  VAL A CG2 1 
ATOM   251  N  N   . ILE A 1 40  ? -4.209  -5.381  -10.022 1.00 43.37  ? 89  ILE A N   1 
ATOM   252  C  CA  . ILE A 1 40  ? -5.549  -5.968  -9.913  1.00 42.25  ? 89  ILE A CA  1 
ATOM   253  C  C   . ILE A 1 40  ? -6.305  -5.905  -11.258 1.00 48.05  ? 89  ILE A C   1 
ATOM   254  O  O   . ILE A 1 40  ? -6.105  -4.978  -12.055 1.00 44.32  ? 89  ILE A O   1 
ATOM   255  C  CB  . ILE A 1 40  ? -6.335  -5.311  -8.736  1.00 42.67  ? 89  ILE A CB  1 
ATOM   256  C  CG1 . ILE A 1 40  ? -6.627  -3.851  -9.052  1.00 37.39  ? 89  ILE A CG1 1 
ATOM   257  C  CG2 . ILE A 1 40  ? -5.568  -5.510  -7.394  1.00 38.17  ? 89  ILE A CG2 1 
ATOM   258  C  CD1 . ILE A 1 40  ? -7.390  -3.106  -7.937  1.00 40.57  ? 89  ILE A CD1 1 
ATOM   259  N  N   . PRO A 1 41  ? -7.166  -6.905  -11.537 1.00 51.73  ? 90  PRO A N   1 
ATOM   260  C  CA  . PRO A 1 41  ? -7.759  -6.954  -12.881 1.00 49.85  ? 90  PRO A CA  1 
ATOM   261  C  C   . PRO A 1 41  ? -8.756  -5.848  -13.133 1.00 56.62  ? 90  PRO A C   1 
ATOM   262  O  O   . PRO A 1 41  ? -8.940  -5.488  -14.287 1.00 65.93  ? 90  PRO A O   1 
ATOM   263  C  CB  . PRO A 1 41  ? -8.514  -8.283  -12.905 1.00 51.84  ? 90  PRO A CB  1 
ATOM   264  C  CG  . PRO A 1 41  ? -8.715  -8.662  -11.476 1.00 51.27  ? 90  PRO A CG  1 
ATOM   265  C  CD  . PRO A 1 41  ? -7.542  -8.076  -10.723 1.00 51.52  ? 90  PRO A CD  1 
ATOM   266  N  N   . ALA A 1 42  ? -9.374  -5.292  -12.085 1.00 53.04  ? 91  ALA A N   1 
ATOM   267  C  CA  . ALA A 1 42  ? -10.373 -4.226  -12.282 1.00 55.05  ? 91  ALA A CA  1 
ATOM   268  C  C   . ALA A 1 42  ? -10.359 -3.341  -11.074 1.00 44.19  ? 91  ALA A C   1 
ATOM   269  O  O   . ALA A 1 42  ? -10.114 -3.837  -10.000 1.00 46.49  ? 91  ALA A O   1 
ATOM   270  C  CB  . ALA A 1 42  ? -11.772 -4.856  -12.439 1.00 54.69  ? 91  ALA A CB  1 
ATOM   271  N  N   . GLU A 1 43  ? -10.668 -2.049  -11.212 1.00 43.24  ? 92  GLU A N   1 
ATOM   272  C  CA  . GLU A 1 43  ? -10.653 -1.140  -10.080 1.00 43.14  ? 92  GLU A CA  1 
ATOM   273  C  C   . GLU A 1 43  ? -12.005 -1.187  -9.323  1.00 50.09  ? 92  GLU A C   1 
ATOM   274  O  O   . GLU A 1 43  ? -12.771 -0.230  -9.350  1.00 58.22  ? 92  GLU A O   1 
ATOM   275  C  CB  . GLU A 1 43  ? -10.381 0.257   -10.605 1.00 44.33  ? 92  GLU A CB  1 
ATOM   276  C  CG  . GLU A 1 43  ? -9.892  1.281   -9.599  1.00 48.68  ? 92  GLU A CG  1 
ATOM   277  C  CD  . GLU A 1 43  ? -9.363  2.557   -10.267 1.00 54.58  ? 92  GLU A CD  1 
ATOM   278  O  OE1 . GLU A 1 43  ? -9.152  3.551   -9.574  1.00 53.93  ? 92  GLU A OE1 1 
ATOM   279  O  OE2 . GLU A 1 43  ? -9.148  2.575   -11.498 1.00 64.97  ? 92  GLU A OE2 1 
ATOM   280  N  N   . THR A 1 44  ? -12.271 -2.282  -8.612  1.00 44.36  ? 93  THR A N   1 
ATOM   281  C  CA  . THR A 1 44  ? -13.552 -2.471  -7.956  1.00 42.84  ? 93  THR A CA  1 
ATOM   282  C  C   . THR A 1 44  ? -13.477 -2.631  -6.451  1.00 43.17  ? 93  THR A C   1 
ATOM   283  O  O   . THR A 1 44  ? -12.420 -2.940  -5.892  1.00 39.91  ? 93  THR A O   1 
ATOM   284  C  CB  . THR A 1 44  ? -14.191 -3.774  -8.443  1.00 43.64  ? 93  THR A CB  1 
ATOM   285  O  OG1 . THR A 1 44  ? -13.285 -4.860  -8.182  1.00 43.74  ? 93  THR A OG1 1 
ATOM   286  C  CG2 . THR A 1 44  ? -14.504 -3.708  -9.943  1.00 50.35  ? 93  THR A CG2 1 
ATOM   287  N  N   . GLY A 1 45  ? -14.645 -2.505  -5.832  1.00 38.55  ? 94  GLY A N   1 
ATOM   288  C  CA  . GLY A 1 45  ? -14.857 -2.722  -4.404  1.00 42.45  ? 94  GLY A CA  1 
ATOM   289  C  C   . GLY A 1 45  ? -14.386 -4.093  -3.978  1.00 39.42  ? 94  GLY A C   1 
ATOM   290  O  O   . GLY A 1 45  ? -13.716 -4.255  -2.981  1.00 38.08  ? 94  GLY A O   1 
ATOM   291  N  N   . GLN A 1 46  ? -14.676 -5.093  -4.784  1.00 39.50  ? 95  GLN A N   1 
ATOM   292  C  CA  . GLN A 1 46  ? -14.282 -6.443  -4.440  1.00 36.75  ? 95  GLN A CA  1 
ATOM   293  C  C   . GLN A 1 46  ? -12.770 -6.638  -4.346  1.00 36.02  ? 95  GLN A C   1 
ATOM   294  O  O   . GLN A 1 46  ? -12.285 -7.267  -3.392  1.00 32.95  ? 95  GLN A O   1 
ATOM   295  C  CB  . GLN A 1 46  ? -14.908 -7.511  -5.360  1.00 38.14  ? 95  GLN A CB  1 
ATOM   296  C  CG  . GLN A 1 46  ? -16.410 -7.526  -5.239  1.00 52.18  ? 95  GLN A CG  1 
ATOM   297  C  CD  . GLN A 1 46  ? -17.045 -8.839  -5.639  1.00 52.85  ? 95  GLN A CD  1 
ATOM   298  O  OE1 . GLN A 1 46  ? -16.350 -9.822  -5.943  1.00 49.08  ? 95  GLN A OE1 1 
ATOM   299  N  NE2 . GLN A 1 46  ? -18.396 -8.871  -5.611  1.00 54.65  ? 95  GLN A NE2 1 
ATOM   300  N  N   . GLU A 1 47  ? -12.048 -6.063  -5.281  1.00 32.99  ? 96  GLU A N   1 
ATOM   301  C  CA  . GLU A 1 47  ? -10.613 -6.177  -5.267  1.00 38.65  ? 96  GLU A CA  1 
ATOM   302  C  C   . GLU A 1 47  ? -10.010 -5.422  -4.084  1.00 37.28  ? 96  GLU A C   1 
ATOM   303  O  O   . GLU A 1 47  ? -9.055  -5.914  -3.467  1.00 38.61  ? 96  GLU A O   1 
ATOM   304  C  CB  . GLU A 1 47  ? -10.009 -5.649  -6.598  1.00 34.94  ? 96  GLU A CB  1 
ATOM   305  C  CG  . GLU A 1 47  ? -10.382 -6.535  -7.785  1.00 39.98  ? 96  GLU A CG  1 
ATOM   306  C  CD  . GLU A 1 47  ? -9.736  -7.925  -7.678  1.00 43.85  ? 96  GLU A CD  1 
ATOM   307  O  OE1 . GLU A 1 47  ? -8.651  -8.054  -7.088  1.00 42.30  ? 96  GLU A OE1 1 
ATOM   308  O  OE2 . GLU A 1 47  ? -10.343 -8.897  -8.143  1.00 48.23  ? 96  GLU A OE2 1 
ATOM   309  N  N   . THR A 1 48  ? -10.547 -4.232  -3.797  1.00 36.02  ? 97  THR A N   1 
ATOM   310  C  CA  . THR A 1 48  ? -10.075 -3.422  -2.648  1.00 33.83  ? 97  THR A CA  1 
ATOM   311  C  C   . THR A 1 48  ? -10.335 -4.156  -1.349  1.00 33.04  ? 97  THR A C   1 
ATOM   312  O  O   . THR A 1 48  ? -9.476  -4.208  -0.473  1.00 37.17  ? 97  THR A O   1 
ATOM   313  C  CB  . THR A 1 48  ? -10.776 -2.019  -2.616  1.00 32.41  ? 97  THR A CB  1 
ATOM   314  O  OG1 . THR A 1 48  ? -10.536 -1.348  -3.845  1.00 34.84  ? 97  THR A OG1 1 
ATOM   315  C  CG2 . THR A 1 48  ? -10.264 -1.144  -1.479  1.00 31.83  ? 97  THR A CG2 1 
ATOM   316  N  N   . ALA A 1 49  ? -11.521 -4.745  -1.224  1.00 31.32  ? 98  ALA A N   1 
ATOM   317  C  CA  . ALA A 1 49  ? -11.910 -5.453  0.008   1.00 34.54  ? 98  ALA A CA  1 
ATOM   318  C  C   . ALA A 1 49  ? -10.957 -6.613  0.252   1.00 36.20  ? 98  ALA A C   1 
ATOM   319  O  O   . ALA A 1 49  ? -10.500 -6.845  1.394   1.00 30.13  ? 98  ALA A O   1 
ATOM   320  C  CB  . ALA A 1 49  ? -13.390 -5.973  -0.103  1.00 31.14  ? 98  ALA A CB  1 
ATOM   321  N  N   . TYR A 1 50  ? -10.722 -7.388  -0.813  1.00 31.99  ? 99  TYR A N   1 
ATOM   322  C  CA  . TYR A 1 50  ? -9.889  -8.571  -0.690  1.00 33.41  ? 99  TYR A CA  1 
ATOM   323  C  C   . TYR A 1 50  ? -8.456  -8.129  -0.324  1.00 30.79  ? 99  TYR A C   1 
ATOM   324  O  O   . TYR A 1 50  ? -7.775  -8.723  0.495   1.00 32.48  ? 99  TYR A O   1 
ATOM   325  C  CB  . TYR A 1 50  ? -9.921  -9.337  -2.027  1.00 32.84  ? 99  TYR A CB  1 
ATOM   326  C  CG  . TYR A 1 50  ? -9.048  -10.601 -1.987  1.00 36.54  ? 99  TYR A CG  1 
ATOM   327  C  CD1 . TYR A 1 50  ? -9.401  -11.683 -1.180  1.00 36.20  ? 99  TYR A CD1 1 
ATOM   328  C  CD2 . TYR A 1 50  ? -7.856  -10.694 -2.731  1.00 38.73  ? 99  TYR A CD2 1 
ATOM   329  C  CE1 . TYR A 1 50  ? -8.625  -12.811 -1.142  1.00 36.27  ? 99  TYR A CE1 1 
ATOM   330  C  CE2 . TYR A 1 50  ? -7.054  -11.824 -2.685  1.00 37.54  ? 99  TYR A CE2 1 
ATOM   331  C  CZ  . TYR A 1 50  ? -7.461  -12.872 -1.893  1.00 38.71  ? 99  TYR A CZ  1 
ATOM   332  O  OH  . TYR A 1 50  ? -6.715  -13.974 -1.784  1.00 42.59  ? 99  TYR A OH  1 
ATOM   333  N  N   . PHE A 1 51  ? -8.004  -7.050  -0.940  1.00 29.72  ? 100 PHE A N   1 
ATOM   334  C  CA  . PHE A 1 51  ? -6.641  -6.571  -0.637  1.00 29.91  ? 100 PHE A CA  1 
ATOM   335  C  C   . PHE A 1 51  ? -6.503  -6.152  0.840   1.00 29.96  ? 100 PHE A C   1 
ATOM   336  O  O   . PHE A 1 51  ? -5.466  -6.422  1.546   1.00 30.46  ? 100 PHE A O   1 
ATOM   337  C  CB  . PHE A 1 51  ? -6.326  -5.430  -1.597  1.00 28.45  ? 100 PHE A CB  1 
ATOM   338  C  CG  . PHE A 1 51  ? -4.977  -4.818  -1.392  1.00 34.26  ? 100 PHE A CG  1 
ATOM   339  C  CD1 . PHE A 1 51  ? -4.750  -3.941  -0.324  1.00 32.42  ? 100 PHE A CD1 1 
ATOM   340  C  CD2 . PHE A 1 51  ? -3.922  -5.121  -2.271  1.00 40.13  ? 100 PHE A CD2 1 
ATOM   341  C  CE1 . PHE A 1 51  ? -3.467  -3.420  -0.093  1.00 37.22  ? 100 PHE A CE1 1 
ATOM   342  C  CE2 . PHE A 1 51  ? -2.644  -4.557  -2.087  1.00 39.00  ? 100 PHE A CE2 1 
ATOM   343  C  CZ  . PHE A 1 51  ? -2.415  -3.702  -1.000  1.00 36.56  ? 100 PHE A CZ  1 
ATOM   344  N  N   . LEU A 1 52  ? -7.539  -5.469  1.332   1.00 30.10  ? 101 LEU A N   1 
ATOM   345  C  CA  . LEU A 1 52  ? -7.558  -4.996  2.722   1.00 29.25  ? 101 LEU A CA  1 
ATOM   346  C  C   . LEU A 1 52  ? -7.549  -6.172  3.654   1.00 30.68  ? 101 LEU A C   1 
ATOM   347  O  O   . LEU A 1 52  ? -6.880  -6.143  4.686   1.00 30.42  ? 101 LEU A O   1 
ATOM   348  C  CB  . LEU A 1 52  ? -8.808  -4.127  2.984   1.00 33.01  ? 101 LEU A CB  1 
ATOM   349  C  CG  . LEU A 1 52  ? -8.741  -2.694  2.435   1.00 35.23  ? 101 LEU A CG  1 
ATOM   350  C  CD1 . LEU A 1 52  ? -10.155 -2.168  2.573   1.00 34.76  ? 101 LEU A CD1 1 
ATOM   351  C  CD2 . LEU A 1 52  ? -7.852  -1.829  3.338   1.00 36.53  ? 101 LEU A CD2 1 
ATOM   352  N  N   . LEU A 1 53  ? -8.295  -7.228  3.333   1.00 30.65  ? 102 LEU A N   1 
ATOM   353  C  CA  . LEU A 1 53  ? -8.193  -8.441  4.218   1.00 35.61  ? 102 LEU A CA  1 
ATOM   354  C  C   . LEU A 1 53  ? -6.789  -9.014  4.309   1.00 34.33  ? 102 LEU A C   1 
ATOM   355  O  O   . LEU A 1 53  ? -6.322  -9.362  5.396   1.00 36.71  ? 102 LEU A O   1 
ATOM   356  C  CB  . LEU A 1 53  ? -9.105  -9.549  3.751   1.00 35.92  ? 102 LEU A CB  1 
ATOM   357  C  CG  . LEU A 1 53  ? -10.595 -9.231  3.895   1.00 45.99  ? 102 LEU A CG  1 
ATOM   358  C  CD1 . LEU A 1 53  ? -11.424 -10.349 3.235   1.00 40.14  ? 102 LEU A CD1 1 
ATOM   359  C  CD2 . LEU A 1 53  ? -10.979 -8.970  5.359   1.00 36.88  ? 102 LEU A CD2 1 
ATOM   360  N  N   . LYS A 1 54  ? -6.096  -9.120  3.180   1.00 35.19  ? 103 LYS A N   1 
ATOM   361  C  CA  . LYS A 1 54  ? -4.728  -9.607  3.164   1.00 32.73  ? 103 LYS A CA  1 
ATOM   362  C  C   . LYS A 1 54  ? -3.809  -8.726  3.936   1.00 35.58  ? 103 LYS A C   1 
ATOM   363  O  O   . LYS A 1 54  ? -3.023  -9.169  4.771   1.00 36.22  ? 103 LYS A O   1 
ATOM   364  C  CB  . LYS A 1 54  ? -4.215  -9.633  1.722   1.00 34.02  ? 103 LYS A CB  1 
ATOM   365  C  CG  . LYS A 1 54  ? -4.762  -10.788 0.966   1.00 32.62  ? 103 LYS A CG  1 
ATOM   366  C  CD  . LYS A 1 54  ? -3.920  -11.060 -0.286  1.00 41.48  ? 103 LYS A CD  1 
ATOM   367  C  CE  . LYS A 1 54  ? -3.952  -9.911  -1.283  1.00 47.51  ? 103 LYS A CE  1 
ATOM   368  N  NZ  . LYS A 1 54  ? -3.963  -10.372 -2.690  1.00 53.45  ? 103 LYS A NZ  1 
ATOM   369  N  N   . LEU A 1 55  ? -3.904  -7.441  3.651   1.00 31.36  ? 104 LEU A N   1 
ATOM   370  C  CA  . LEU A 1 55  ? -3.103  -6.469  4.383   1.00 31.04  ? 104 LEU A CA  1 
ATOM   371  C  C   . LEU A 1 55  ? -3.255  -6.562  5.893   1.00 33.53  ? 104 LEU A C   1 
ATOM   372  O  O   . LEU A 1 55  ? -2.266  -6.555  6.638   1.00 31.47  ? 104 LEU A O   1 
ATOM   373  C  CB  . LEU A 1 55  ? -3.478  -5.049  3.900   1.00 32.81  ? 104 LEU A CB  1 
ATOM   374  C  CG  . LEU A 1 55  ? -2.601  -3.923  4.487   1.00 35.13  ? 104 LEU A CG  1 
ATOM   375  C  CD1 . LEU A 1 55  ? -1.188  -3.930  3.892   1.00 34.98  ? 104 LEU A CD1 1 
ATOM   376  C  CD2 . LEU A 1 55  ? -3.223  -2.575  4.197   1.00 34.19  ? 104 LEU A CD2 1 
ATOM   377  N  N   . ALA A 1 56  ? -4.497  -6.589  6.363   1.00 32.44  ? 105 ALA A N   1 
ATOM   378  C  CA  . ALA A 1 56  ? -4.781  -6.546  7.771   1.00 32.76  ? 105 ALA A CA  1 
ATOM   379  C  C   . ALA A 1 56  ? -4.305  -7.796  8.487   1.00 36.87  ? 105 ALA A C   1 
ATOM   380  O  O   . ALA A 1 56  ? -4.170  -7.784  9.692   1.00 35.52  ? 105 ALA A O   1 
ATOM   381  C  CB  . ALA A 1 56  ? -6.294  -6.396  7.978   1.00 31.87  ? 105 ALA A CB  1 
ATOM   382  N  N   . GLY A 1 57  ? -4.126  -8.903  7.768   1.00 30.14  ? 106 GLY A N   1 
ATOM   383  C  CA  . GLY A 1 57  ? -3.751  -10.174 8.407   1.00 28.51  ? 106 GLY A CA  1 
ATOM   384  C  C   . GLY A 1 57  ? -2.258  -10.150 8.663   1.00 36.51  ? 106 GLY A C   1 
ATOM   385  O  O   . GLY A 1 57  ? -1.717  -10.954 9.398   1.00 37.57  ? 106 GLY A O   1 
ATOM   386  N  N   . ARG A 1 58  ? -1.574  -9.200  8.042   1.00 36.79  ? 107 ARG A N   1 
ATOM   387  C  CA  . ARG A 1 58  ? -0.126  -9.147  8.119   1.00 38.77  ? 107 ARG A CA  1 
ATOM   388  C  C   . ARG A 1 58  ? 0.385   -8.011  9.054   1.00 41.77  ? 107 ARG A C   1 
ATOM   389  O  O   . ARG A 1 58  ? 1.389   -8.163  9.691   1.00 45.65  ? 107 ARG A O   1 
ATOM   390  C  CB  . ARG A 1 58  ? 0.344   -9.017  6.682   1.00 41.17  ? 107 ARG A CB  1 
ATOM   391  C  CG  . ARG A 1 58  ? 1.691   -8.406  6.500   1.00 53.84  ? 107 ARG A CG  1 
ATOM   392  C  CD  . ARG A 1 58  ? 2.238   -8.693  5.101   1.00 55.44  ? 107 ARG A CD  1 
ATOM   393  N  NE  . ARG A 1 58  ? 1.321   -8.416  3.984   1.00 57.79  ? 107 ARG A NE  1 
ATOM   394  C  CZ  . ARG A 1 58  ? 0.611   -9.311  3.297   1.00 53.98  ? 107 ARG A CZ  1 
ATOM   395  N  NH1 . ARG A 1 58  ? 0.610   -10.613 3.601   1.00 62.04  ? 107 ARG A NH1 1 
ATOM   396  N  NH2 . ARG A 1 58  ? -0.143  -8.886  2.305   1.00 50.44  ? 107 ARG A NH2 1 
ATOM   397  N  N   . TRP A 1 59  ? -0.302  -6.878  9.113   1.00 36.63  ? 108 TRP A N   1 
ATOM   398  C  CA  . TRP A 1 59  ? 0.101   -5.730  9.934   1.00 37.81  ? 108 TRP A CA  1 
ATOM   399  C  C   . TRP A 1 59  ? -1.069  -5.320  10.811  1.00 37.67  ? 108 TRP A C   1 
ATOM   400  O  O   . TRP A 1 59  ? -2.240  -5.596  10.441  1.00 37.11  ? 108 TRP A O   1 
ATOM   401  C  CB  . TRP A 1 59  ? 0.422   -4.567  8.996   1.00 36.25  ? 108 TRP A CB  1 
ATOM   402  C  CG  . TRP A 1 59  ? 1.466   -4.896  7.937   1.00 36.12  ? 108 TRP A CG  1 
ATOM   403  C  CD1 . TRP A 1 59  ? 1.233   -5.072  6.627   1.00 38.21  ? 108 TRP A CD1 1 
ATOM   404  C  CD2 . TRP A 1 59  ? 2.882   -5.137  8.125   1.00 35.74  ? 108 TRP A CD2 1 
ATOM   405  N  NE1 . TRP A 1 59  ? 2.366   -5.361  5.968   1.00 37.06  ? 108 TRP A NE1 1 
ATOM   406  C  CE2 . TRP A 1 59  ? 3.416   -5.414  6.848   1.00 39.10  ? 108 TRP A CE2 1 
ATOM   407  C  CE3 . TRP A 1 59  ? 3.742   -5.099  9.229   1.00 35.46  ? 108 TRP A CE3 1 
ATOM   408  C  CZ2 . TRP A 1 59  ? 4.807   -5.679  6.616   1.00 37.24  ? 108 TRP A CZ2 1 
ATOM   409  C  CZ3 . TRP A 1 59  ? 5.146   -5.386  9.019   1.00 36.16  ? 108 TRP A CZ3 1 
ATOM   410  C  CH2 . TRP A 1 59  ? 5.649   -5.678  7.721   1.00 35.05  ? 108 TRP A CH2 1 
ATOM   411  N  N   . PRO A 1 60  ? -0.804  -4.579  11.910  1.00 38.90  ? 109 PRO A N   1 
ATOM   412  C  CA  . PRO A 1 60  ? -1.929  -4.036  12.688  1.00 41.00  ? 109 PRO A CA  1 
ATOM   413  C  C   . PRO A 1 60  ? -2.496  -2.820  11.985  1.00 47.48  ? 109 PRO A C   1 
ATOM   414  O  O   . PRO A 1 60  ? -2.034  -1.728  12.243  1.00 51.91  ? 109 PRO A O   1 
ATOM   415  C  CB  . PRO A 1 60  ? -1.303  -3.647  14.054  1.00 39.61  ? 109 PRO A CB  1 
ATOM   416  C  CG  . PRO A 1 60  ? 0.175   -3.578  13.811  1.00 43.15  ? 109 PRO A CG  1 
ATOM   417  C  CD  . PRO A 1 60  ? 0.511   -4.134  12.431  1.00 42.98  ? 109 PRO A CD  1 
ATOM   418  N  N   . VAL A 1 61  ? -3.449  -3.031  11.063  1.00 40.25  ? 110 VAL A N   1 
ATOM   419  C  CA  . VAL A 1 61  ? -4.063  -1.938  10.312  1.00 42.53  ? 110 VAL A CA  1 
ATOM   420  C  C   . VAL A 1 61  ? -5.220  -1.306  11.170  1.00 46.48  ? 110 VAL A C   1 
ATOM   421  O  O   . VAL A 1 61  ? -6.255  -1.934  11.353  1.00 46.65  ? 110 VAL A O   1 
ATOM   422  C  CB  . VAL A 1 61  ? -4.599  -2.442  8.950   1.00 38.11  ? 110 VAL A CB  1 
ATOM   423  C  CG1 . VAL A 1 61  ? -5.254  -1.278  8.197   1.00 36.25  ? 110 VAL A CG1 1 
ATOM   424  C  CG2 . VAL A 1 61  ? -3.446  -3.076  8.112   1.00 31.68  ? 110 VAL A CG2 1 
ATOM   425  N  N   . LYS A 1 62  ? -5.042  -0.094  11.690  1.00 42.49  ? 111 LYS A N   1 
ATOM   426  C  CA  . LYS A 1 62  ? -6.131  0.575   12.410  1.00 45.62  ? 111 LYS A CA  1 
ATOM   427  C  C   . LYS A 1 62  ? -6.972  1.478   11.508  1.00 40.88  ? 111 LYS A C   1 
ATOM   428  O  O   . LYS A 1 62  ? -8.185  1.446   11.553  1.00 38.23  ? 111 LYS A O   1 
ATOM   429  C  CB  . LYS A 1 62  ? -5.559  1.378   13.605  1.00 51.50  ? 111 LYS A CB  1 
ATOM   430  C  CG  . LYS A 1 62  ? -5.021  0.446   14.692  1.00 65.80  ? 111 LYS A CG  1 
ATOM   431  C  CD  . LYS A 1 62  ? -4.268  1.220   15.768  1.00 84.38  ? 111 LYS A CD  1 
ATOM   432  C  CE  . LYS A 1 62  ? -3.041  0.462   16.283  1.00 85.58  ? 111 LYS A CE  1 
ATOM   433  N  NZ  . LYS A 1 62  ? -2.182  1.310   17.160  1.00 84.23  ? 111 LYS A NZ  1 
ATOM   434  N  N   . THR A 1 63  ? -6.337  2.290   10.663  1.00 40.84  ? 112 THR A N   1 
ATOM   435  C  CA  . THR A 1 63  ? -7.103  3.275   9.904   1.00 37.25  ? 112 THR A CA  1 
ATOM   436  C  C   . THR A 1 63  ? -6.471  3.407   8.564   1.00 36.62  ? 112 THR A C   1 
ATOM   437  O  O   . THR A 1 63  ? -5.249  3.186   8.418   1.00 42.69  ? 112 THR A O   1 
ATOM   438  C  CB  . THR A 1 63  ? -7.100  4.700   10.566  1.00 42.42  ? 112 THR A CB  1 
ATOM   439  O  OG1 . THR A 1 63  ? -5.768  5.104   10.658  1.00 49.80  ? 112 THR A OG1 1 
ATOM   440  C  CG2 . THR A 1 63  ? -7.576  4.672   12.017  1.00 38.52  ? 112 THR A CG2 1 
ATOM   441  N  N   . VAL A 1 64  ? -7.313  3.669   7.579   1.00 36.12  ? 113 VAL A N   1 
ATOM   442  C  CA  . VAL A 1 64  ? -6.899  3.757   6.213   1.00 36.78  ? 113 VAL A CA  1 
ATOM   443  C  C   . VAL A 1 64  ? -7.370  5.077   5.591   1.00 37.19  ? 113 VAL A C   1 
ATOM   444  O  O   . VAL A 1 64  ? -8.544  5.433   5.698   1.00 39.81  ? 113 VAL A O   1 
ATOM   445  C  CB  . VAL A 1 64  ? -7.467  2.585   5.404   1.00 43.52  ? 113 VAL A CB  1 
ATOM   446  C  CG1 . VAL A 1 64  ? -6.944  2.690   3.948   1.00 47.77  ? 113 VAL A CG1 1 
ATOM   447  C  CG2 . VAL A 1 64  ? -7.003  1.256   5.999   1.00 35.78  ? 113 VAL A CG2 1 
ATOM   448  N  N   . HIS A 1 65  ? -6.431  5.791   4.977   1.00 34.08  ? 114 HIS A N   1 
ATOM   449  C  CA  A HIS A 1 65  ? -6.738  7.045   4.259   0.50 36.70  ? 114 HIS A CA  1 
ATOM   450  C  CA  B HIS A 1 65  ? -6.646  7.057   4.258   0.50 35.08  ? 114 HIS A CA  1 
ATOM   451  C  C   . HIS A 1 65  ? -6.592  6.734   2.772   1.00 40.44  ? 114 HIS A C   1 
ATOM   452  O  O   . HIS A 1 65  ? -5.966  5.741   2.377   1.00 36.57  ? 114 HIS A O   1 
ATOM   453  C  CB  A HIS A 1 65  ? -5.786  8.207   4.664   0.50 38.19  ? 114 HIS A CB  1 
ATOM   454  C  CB  B HIS A 1 65  ? -5.478  8.025   4.535   0.50 32.09  ? 114 HIS A CB  1 
ATOM   455  C  CG  A HIS A 1 65  ? -6.127  9.537   4.031   0.50 44.32  ? 114 HIS A CG  1 
ATOM   456  C  CG  B HIS A 1 65  ? -5.470  8.586   5.921   0.50 35.73  ? 114 HIS A CG  1 
ATOM   457  N  ND1 A HIS A 1 65  ? -7.401  10.091  4.069   0.50 44.37  ? 114 HIS A ND1 1 
ATOM   458  N  ND1 B HIS A 1 65  ? -4.361  9.200   6.478   0.50 35.67  ? 114 HIS A ND1 1 
ATOM   459  C  CD2 A HIS A 1 65  ? -5.366  10.398  3.307   0.50 42.79  ? 114 HIS A CD2 1 
ATOM   460  C  CD2 B HIS A 1 65  ? -6.445  8.632   6.866   0.50 38.78  ? 114 HIS A CD2 1 
ATOM   461  C  CE1 A HIS A 1 65  ? -7.389  11.252  3.432   0.50 48.90  ? 114 HIS A CE1 1 
ATOM   462  C  CE1 B HIS A 1 65  ? -4.661  9.592   7.710   0.50 37.71  ? 114 HIS A CE1 1 
ATOM   463  N  NE2 A HIS A 1 65  ? -6.172  11.456  2.947   0.50 43.14  ? 114 HIS A NE2 1 
ATOM   464  N  NE2 B HIS A 1 65  ? -5.914  9.252   7.972   0.50 34.89  ? 114 HIS A NE2 1 
ATOM   465  N  N   . THR A 1 66  ? -7.227  7.542   1.944   1.00 35.71  ? 115 THR A N   1 
ATOM   466  C  CA  . THR A 1 66  ? -7.072  7.378   0.516   1.00 34.73  ? 115 THR A CA  1 
ATOM   467  C  C   . THR A 1 66  ? -7.203  8.760   -0.062  1.00 35.54  ? 115 THR A C   1 
ATOM   468  O  O   . THR A 1 66  ? -7.685  9.669   0.628   1.00 38.82  ? 115 THR A O   1 
ATOM   469  C  CB  . THR A 1 66  ? -8.169  6.433   -0.047  1.00 33.29  ? 115 THR A CB  1 
ATOM   470  O  OG1 . THR A 1 66  ? -8.019  6.325   -1.479  1.00 35.60  ? 115 THR A OG1 1 
ATOM   471  C  CG2 . THR A 1 66  ? -9.572  6.973   0.307   1.00 40.40  ? 115 THR A CG2 1 
ATOM   472  N  N   . ASP A 1 67  ? -6.800  8.932   -1.314  1.00 33.93  ? 116 ASP A N   1 
ATOM   473  C  CA  . ASP A 1 67  ? -7.078  10.194  -2.032  1.00 36.15  ? 116 ASP A CA  1 
ATOM   474  C  C   . ASP A 1 67  ? -8.373  10.098  -2.862  1.00 35.67  ? 116 ASP A C   1 
ATOM   475  O  O   . ASP A 1 67  ? -8.696  11.022  -3.589  1.00 38.55  ? 116 ASP A O   1 
ATOM   476  C  CB  . ASP A 1 67  ? -5.896  10.522  -2.976  1.00 40.08  ? 116 ASP A CB  1 
ATOM   477  C  CG  . ASP A 1 67  ? -4.671  11.060  -2.208  1.00 51.08  ? 116 ASP A CG  1 
ATOM   478  O  OD1 . ASP A 1 67  ? -4.804  11.398  -0.989  1.00 47.90  ? 116 ASP A OD1 1 
ATOM   479  O  OD2 . ASP A 1 67  ? -3.582  11.113  -2.816  1.00 55.67  ? 116 ASP A OD2 1 
ATOM   480  N  N   . ASN A 1 68  ? -9.062  8.950   -2.825  1.00 33.00  ? 117 ASN A N   1 
ATOM   481  C  CA  . ASN A 1 68  ? -10.363 8.831   -3.498  1.00 32.62  ? 117 ASN A CA  1 
ATOM   482  C  C   . ASN A 1 68  ? -11.336 8.148   -2.566  1.00 34.91  ? 117 ASN A C   1 
ATOM   483  O  O   . ASN A 1 68  ? -11.482 6.917   -2.575  1.00 36.08  ? 117 ASN A O   1 
ATOM   484  C  CB  . ASN A 1 68  ? -10.215 8.080   -4.835  1.00 36.72  ? 117 ASN A CB  1 
ATOM   485  C  CG  . ASN A 1 68  ? -11.509 8.031   -5.671  1.00 41.77  ? 117 ASN A CG  1 
ATOM   486  O  OD1 . ASN A 1 68  ? -11.495 7.607   -6.840  1.00 41.01  ? 117 ASN A OD1 1 
ATOM   487  N  ND2 . ASN A 1 68  ? -12.593 8.467   -5.114  1.00 31.92  ? 117 ASN A ND2 1 
ATOM   488  N  N   . GLY A 1 69  ? -11.984 8.960   -1.731  1.00 34.39  ? 118 GLY A N   1 
ATOM   489  C  CA  . GLY A 1 69  ? -12.891 8.423   -0.728  1.00 35.27  ? 118 GLY A CA  1 
ATOM   490  C  C   . GLY A 1 69  ? -14.015 7.547   -1.317  1.00 34.20  ? 118 GLY A C   1 
ATOM   491  O  O   . GLY A 1 69  ? -14.516 6.635   -0.653  1.00 34.62  ? 118 GLY A O   1 
ATOM   492  N  N   . SER A 1 70  ? -14.478 7.842   -2.532  1.00 33.42  ? 119 SER A N   1 
ATOM   493  C  CA  . SER A 1 70  ? -15.491 6.956   -3.125  1.00 35.28  ? 119 SER A CA  1 
ATOM   494  C  C   . SER A 1 70  ? -15.007 5.477   -3.273  1.00 37.53  ? 119 SER A C   1 
ATOM   495  O  O   . SER A 1 70  ? -15.827 4.603   -3.447  1.00 35.95  ? 119 SER A O   1 
ATOM   496  C  CB  . SER A 1 70  ? -15.990 7.458   -4.473  1.00 35.46  ? 119 SER A CB  1 
ATOM   497  O  OG  . SER A 1 70  ? -15.050 7.305   -5.517  1.00 36.32  ? 119 SER A OG  1 
ATOM   498  N  N   . ASN A 1 71  ? -13.698 5.233   -3.155  1.00 38.30  ? 120 ASN A N   1 
ATOM   499  C  CA  . ASN A 1 71  ? -13.077 3.877   -3.235  1.00 39.26  ? 120 ASN A CA  1 
ATOM   500  C  C   . ASN A 1 71  ? -13.682 3.004   -2.129  1.00 34.91  ? 120 ASN A C   1 
ATOM   501  O  O   . ASN A 1 71  ? -13.660 1.782   -2.235  1.00 38.94  ? 120 ASN A O   1 
ATOM   502  C  CB  . ASN A 1 71  ? -11.540 3.968   -2.909  1.00 39.05  ? 120 ASN A CB  1 
ATOM   503  C  CG  . ASN A 1 71  ? -10.618 4.309   -4.108  1.00 48.64  ? 120 ASN A CG  1 
ATOM   504  O  OD1 . ASN A 1 71  ? -10.990 4.140   -5.288  1.00 41.25  ? 120 ASN A OD1 1 
ATOM   505  N  ND2 . ASN A 1 71  ? -9.323  4.737   -3.785  1.00 35.16  ? 120 ASN A ND2 1 
ATOM   506  N  N   . PHE A 1 72  ? -14.120 3.608   -1.026  1.00 34.39  ? 121 PHE A N   1 
ATOM   507  C  CA  . PHE A 1 72  ? -14.541 2.844   0.132   1.00 38.93  ? 121 PHE A CA  1 
ATOM   508  C  C   . PHE A 1 72  ? -16.044 2.867   0.403   1.00 41.14  ? 121 PHE A C   1 
ATOM   509  O  O   . PHE A 1 72  ? -16.448 2.608   1.522   1.00 43.26  ? 121 PHE A O   1 
ATOM   510  C  CB  . PHE A 1 72  ? -13.885 3.363   1.430   1.00 40.25  ? 121 PHE A CB  1 
ATOM   511  C  CG  . PHE A 1 72  ? -12.361 3.316   1.438   1.00 40.00  ? 121 PHE A CG  1 
ATOM   512  C  CD1 . PHE A 1 72  ? -11.652 2.337   0.731   1.00 41.15  ? 121 PHE A CD1 1 
ATOM   513  C  CD2 . PHE A 1 72  ? -11.629 4.236   2.264   1.00 47.24  ? 121 PHE A CD2 1 
ATOM   514  C  CE1 . PHE A 1 72  ? -10.239 2.284   0.785   1.00 41.00  ? 121 PHE A CE1 1 
ATOM   515  C  CE2 . PHE A 1 72  ? -10.228 4.215   2.308   1.00 44.47  ? 121 PHE A CE2 1 
ATOM   516  C  CZ  . PHE A 1 72  ? -9.532  3.249   1.547   1.00 48.08  ? 121 PHE A CZ  1 
ATOM   517  N  N   . THR A 1 73  ? -16.855 3.172   -0.596  1.00 40.36  ? 122 THR A N   1 
ATOM   518  C  CA  . THR A 1 73  ? -18.302 3.147   -0.373  1.00 42.36  ? 122 THR A CA  1 
ATOM   519  C  C   . THR A 1 73  ? -18.966 1.782   -0.629  1.00 41.18  ? 122 THR A C   1 
ATOM   520  O  O   . THR A 1 73  ? -20.118 1.606   -0.213  1.00 42.85  ? 122 THR A O   1 
ATOM   521  C  CB  . THR A 1 73  ? -18.965 4.132   -1.308  1.00 47.63  ? 122 THR A CB  1 
ATOM   522  O  OG1 . THR A 1 73  ? -18.672 3.693   -2.651  1.00 46.49  ? 122 THR A OG1 1 
ATOM   523  C  CG2 . THR A 1 73  ? -18.413 5.544   -1.079  1.00 42.20  ? 122 THR A CG2 1 
ATOM   524  N  N   . SER A 1 74  ? -18.299 0.817   -1.272  1.00 35.73  ? 123 SER A N   1 
ATOM   525  C  CA  . SER A 1 74  ? -19.006 -0.421  -1.586  1.00 38.63  ? 123 SER A CA  1 
ATOM   526  C  C   . SER A 1 74  ? -19.279 -1.228  -0.321  1.00 43.20  ? 123 SER A C   1 
ATOM   527  O  O   . SER A 1 74  ? -18.530 -1.160  0.647   1.00 39.43  ? 123 SER A O   1 
ATOM   528  C  CB  . SER A 1 74  ? -18.250 -1.306  -2.592  1.00 45.89  ? 123 SER A CB  1 
ATOM   529  O  OG  . SER A 1 74  ? -17.013 -1.736  -2.034  1.00 48.87  ? 123 SER A OG  1 
ATOM   530  N  N   . THR A 1 75  ? -20.350 -2.014  -0.342  1.00 42.01  ? 124 THR A N   1 
ATOM   531  C  CA  . THR A 1 75  ? -20.660 -2.766  0.863   1.00 50.21  ? 124 THR A CA  1 
ATOM   532  C  C   . THR A 1 75  ? -19.583 -3.823  1.087   1.00 42.13  ? 124 THR A C   1 
ATOM   533  O  O   . THR A 1 75  ? -19.290 -4.185  2.190   1.00 40.61  ? 124 THR A O   1 
ATOM   534  C  CB  . THR A 1 75  ? -22.102 -3.376  0.893   1.00 50.72  ? 124 THR A CB  1 
ATOM   535  O  OG1 . THR A 1 75  ? -22.073 -4.759  0.533   1.00 61.92  ? 124 THR A OG1 1 
ATOM   536  C  CG2 . THR A 1 75  ? -23.047 -2.643  0.042   1.00 41.70  ? 124 THR A CG2 1 
ATOM   537  N  N   . THR A 1 76  ? -18.977 -4.283  0.002   1.00 38.59  ? 125 THR A N   1 
ATOM   538  C  CA  . THR A 1 76  ? -17.961 -5.296  0.093   1.00 44.81  ? 125 THR A CA  1 
ATOM   539  C  C   . THR A 1 76  ? -16.719 -4.757  0.859   1.00 37.82  ? 125 THR A C   1 
ATOM   540  O  O   . THR A 1 76  ? -16.170 -5.394  1.782   1.00 38.53  ? 125 THR A O   1 
ATOM   541  C  CB  . THR A 1 76  ? -17.796 -5.712  -1.373  1.00 50.04  ? 125 THR A CB  1 
ATOM   542  O  OG1 . THR A 1 76  ? -18.013 -7.110  -1.544  1.00 61.11  ? 125 THR A OG1 1 
ATOM   543  C  CG2 . THR A 1 76  ? -16.626 -5.234  -1.988  1.00 36.79  ? 125 THR A CG2 1 
ATOM   544  N  N   . VAL A 1 77  ? -16.297 -3.546  0.526   1.00 33.37  ? 126 VAL A N   1 
ATOM   545  C  CA  . VAL A 1 77  ? -15.246 -2.881  1.282   1.00 33.52  ? 126 VAL A CA  1 
ATOM   546  C  C   . VAL A 1 77  ? -15.683 -2.626  2.750   1.00 39.36  ? 126 VAL A C   1 
ATOM   547  O  O   . VAL A 1 77  ? -14.926 -2.828  3.651   1.00 35.13  ? 126 VAL A O   1 
ATOM   548  C  CB  . VAL A 1 77  ? -14.787 -1.523  0.643   1.00 34.19  ? 126 VAL A CB  1 
ATOM   549  C  CG1 . VAL A 1 77  ? -13.830 -0.730  1.568   1.00 35.38  ? 126 VAL A CG1 1 
ATOM   550  C  CG2 . VAL A 1 77  ? -14.130 -1.736  -0.714  1.00 30.87  ? 126 VAL A CG2 1 
ATOM   551  N  N   . LYS A 1 78  ? -16.882 -2.114  2.988   1.00 37.76  ? 127 LYS A N   1 
ATOM   552  C  CA  . LYS A 1 78  ? -17.276 -1.819  4.375   1.00 39.59  ? 127 LYS A CA  1 
ATOM   553  C  C   . LYS A 1 78  ? -17.311 -3.147  5.153   1.00 37.47  ? 127 LYS A C   1 
ATOM   554  O  O   . LYS A 1 78  ? -16.933 -3.175  6.305   1.00 33.34  ? 127 LYS A O   1 
ATOM   555  C  CB  . LYS A 1 78  ? -18.670 -1.199  4.390   1.00 40.67  ? 127 LYS A CB  1 
ATOM   556  C  CG  . LYS A 1 78  ? -18.673 0.190   3.739   1.00 44.80  ? 127 LYS A CG  1 
ATOM   557  C  CD  . LYS A 1 78  ? -20.113 0.659   3.736   1.00 52.34  ? 127 LYS A CD  1 
ATOM   558  C  CE  . LYS A 1 78  ? -20.208 2.144   3.406   1.00 59.80  ? 127 LYS A CE  1 
ATOM   559  N  NZ  . LYS A 1 78  ? -21.677 2.364   3.274   1.00 68.76  ? 127 LYS A NZ  1 
ATOM   560  N  N   . ALA A 1 79  ? -17.782 -4.235  4.522   1.00 36.32  ? 128 ALA A N   1 
ATOM   561  C  CA  . ALA A 1 79  ? -17.730 -5.563  5.212   1.00 36.59  ? 128 ALA A CA  1 
ATOM   562  C  C   . ALA A 1 79  ? -16.280 -5.937  5.626   1.00 32.64  ? 128 ALA A C   1 
ATOM   563  O  O   . ALA A 1 79  ? -16.034 -6.460  6.736   1.00 33.71  ? 128 ALA A O   1 
ATOM   564  C  CB  . ALA A 1 79  ? -18.294 -6.644  4.278   1.00 35.61  ? 128 ALA A CB  1 
ATOM   565  N  N   . ALA A 1 80  ? -15.308 -5.721  4.714   1.00 34.32  ? 129 ALA A N   1 
ATOM   566  C  CA  . ALA A 1 80  ? -13.899 -6.138  4.986   1.00 30.28  ? 129 ALA A CA  1 
ATOM   567  C  C   . ALA A 1 80  ? -13.388 -5.299  6.133   1.00 29.15  ? 129 ALA A C   1 
ATOM   568  O  O   . ALA A 1 80  ? -12.786 -5.729  7.147   1.00 31.17  ? 129 ALA A O   1 
ATOM   569  C  CB  . ALA A 1 80  ? -13.032 -5.920  3.755   1.00 29.54  ? 129 ALA A CB  1 
HETATM 570  N  N   . CAF A 1 81  ? -13.587 -3.787  6.190   1.00 29.12  ? 130 CAF A N   1 
HETATM 571  C  CA  . CAF A 1 81  ? -13.116 -2.975  7.322   1.00 32.83  ? 130 CAF A CA  1 
HETATM 572  C  CB  . CAF A 1 81  ? -13.432 -1.524  6.979   1.00 30.45  ? 130 CAF A CB  1 
HETATM 573  C  C   . CAF A 1 81  ? -13.876 -3.296  8.608   1.00 33.01  ? 130 CAF A C   1 
HETATM 574  O  O   . CAF A 1 81  ? -13.276 -3.418  9.658   1.00 37.96  ? 130 CAF A O   1 
HETATM 575  S  SG  . CAF A 1 81  ? -12.466 -1.088  5.560   1.00 38.67  ? 130 CAF A SG  1 
HETATM 576  AS AS  . CAF A 1 81  ? -12.482 1.097   5.958   1.00 47.58  ? 130 CAF A AS  1 
HETATM 577  C  CE1 . CAF A 1 81  ? -11.267 1.254   4.401   1.00 42.06  ? 130 CAF A CE1 1 
HETATM 578  O  O1  . CAF A 1 81  ? -13.831 1.276   4.794   1.00 51.93  ? 130 CAF A O1  1 
ATOM   579  N  N   . TRP A 1 82  ? -15.238 -3.756  8.441   1.00 36.56  ? 131 TRP A N   1 
ATOM   580  C  CA  . TRP A 1 82  ? -15.932 -4.153  9.693   1.00 38.68  ? 131 TRP A CA  1 
ATOM   581  C  C   . TRP A 1 82  ? -15.289 -5.445  10.246  1.00 36.97  ? 131 TRP A C   1 
ATOM   582  O  O   . TRP A 1 82  ? -14.999 -5.559  11.424  1.00 38.39  ? 131 TRP A O   1 
ATOM   583  C  CB  . TRP A 1 82  ? -17.361 -4.480  9.308   1.00 38.53  ? 131 TRP A CB  1 
ATOM   584  C  CG  . TRP A 1 82  ? -18.069 -5.212  10.398  1.00 39.05  ? 131 TRP A CG  1 
ATOM   585  C  CD1 . TRP A 1 82  ? -18.576 -4.662  11.571  1.00 37.51  ? 131 TRP A CD1 1 
ATOM   586  C  CD2 . TRP A 1 82  ? -18.372 -6.620  10.450  1.00 39.47  ? 131 TRP A CD2 1 
ATOM   587  N  NE1 . TRP A 1 82  ? -19.162 -5.643  12.323  1.00 35.09  ? 131 TRP A NE1 1 
ATOM   588  C  CE2 . TRP A 1 82  ? -19.070 -6.845  11.670  1.00 39.87  ? 131 TRP A CE2 1 
ATOM   589  C  CE3 . TRP A 1 82  ? -18.141 -7.688  9.595   1.00 36.01  ? 131 TRP A CE3 1 
ATOM   590  C  CZ2 . TRP A 1 82  ? -19.491 -8.098  12.056  1.00 40.72  ? 131 TRP A CZ2 1 
ATOM   591  C  CZ3 . TRP A 1 82  ? -18.566 -8.946  9.965   1.00 42.64  ? 131 TRP A CZ3 1 
ATOM   592  C  CH2 . TRP A 1 82  ? -19.240 -9.151  11.189  1.00 43.08  ? 131 TRP A CH2 1 
ATOM   593  N  N   . TRP A 1 83  ? -15.068 -6.436  9.381   1.00 36.19  ? 132 TRP A N   1 
ATOM   594  C  CA  . TRP A 1 83  ? -14.609 -7.736  9.905   1.00 30.97  ? 132 TRP A CA  1 
ATOM   595  C  C   . TRP A 1 83  ? -13.189 -7.595  10.499  1.00 36.39  ? 132 TRP A C   1 
ATOM   596  O  O   . TRP A 1 83  ? -12.855 -8.148  11.553  1.00 33.18  ? 132 TRP A O   1 
ATOM   597  C  CB  . TRP A 1 83  ? -14.676 -8.803  8.794   1.00 33.52  ? 132 TRP A CB  1 
ATOM   598  C  CG  . TRP A 1 83  ? -14.400 -10.167 9.329   1.00 35.74  ? 132 TRP A CG  1 
ATOM   599  C  CD1 . TRP A 1 83  ? -15.308 -11.082 9.824   1.00 33.40  ? 132 TRP A CD1 1 
ATOM   600  C  CD2 . TRP A 1 83  ? -13.092 -10.772 9.467   1.00 37.68  ? 132 TRP A CD2 1 
ATOM   601  N  NE1 . TRP A 1 83  ? -14.626 -12.232 10.226  1.00 33.17  ? 132 TRP A NE1 1 
ATOM   602  C  CE2 . TRP A 1 83  ? -13.284 -12.068 10.009  1.00 37.77  ? 132 TRP A CE2 1 
ATOM   603  C  CE3 . TRP A 1 83  ? -11.790 -10.357 9.126   1.00 35.34  ? 132 TRP A CE3 1 
ATOM   604  C  CZ2 . TRP A 1 83  ? -12.215 -12.946 10.256  1.00 37.97  ? 132 TRP A CZ2 1 
ATOM   605  C  CZ3 . TRP A 1 83  ? -10.749 -11.228 9.335   1.00 34.16  ? 132 TRP A CZ3 1 
ATOM   606  C  CH2 . TRP A 1 83  ? -10.965 -12.518 9.905   1.00 35.64  ? 132 TRP A CH2 1 
ATOM   607  N  N   . ALA A 1 84  ? -12.349 -6.808  9.831   1.00 34.65  ? 133 ALA A N   1 
ATOM   608  C  CA  . ALA A 1 84  ? -10.962 -6.704  10.257  1.00 30.76  ? 133 ALA A CA  1 
ATOM   609  C  C   . ALA A 1 84  ? -10.760 -5.637  11.324  1.00 34.96  ? 133 ALA A C   1 
ATOM   610  O  O   . ALA A 1 84  ? -9.642  -5.481  11.833  1.00 36.62  ? 133 ALA A O   1 
ATOM   611  C  CB  . ALA A 1 84  ? -10.029 -6.448  9.034   1.00 33.52  ? 133 ALA A CB  1 
ATOM   612  N  N   . GLY A 1 85  ? -11.815 -4.892  11.674  1.00 34.66  ? 134 GLY A N   1 
ATOM   613  C  CA  . GLY A 1 85  ? -11.660 -3.817  12.692  1.00 36.10  ? 134 GLY A CA  1 
ATOM   614  C  C   . GLY A 1 85  ? -10.971 -2.566  12.195  1.00 35.92  ? 134 GLY A C   1 
ATOM   615  O  O   . GLY A 1 85  ? -10.305 -1.880  12.944  1.00 40.18  ? 134 GLY A O   1 
ATOM   616  N  N   . ILE A 1 86  ? -11.107 -2.245  10.936  1.00 34.89  ? 135 ILE A N   1 
ATOM   617  C  CA  . ILE A 1 86  ? -10.455 -1.043  10.365  1.00 38.75  ? 135 ILE A CA  1 
ATOM   618  C  C   . ILE A 1 86  ? -11.402 0.151   10.336  1.00 40.03  ? 135 ILE A C   1 
ATOM   619  O  O   . ILE A 1 86  ? -12.556 -0.022  10.021  1.00 39.32  ? 135 ILE A O   1 
ATOM   620  C  CB  . ILE A 1 86  ? -10.052 -1.302  8.884   1.00 35.89  ? 135 ILE A CB  1 
ATOM   621  C  CG1 . ILE A 1 86  ? -9.151  -2.529  8.788   1.00 37.02  ? 135 ILE A CG1 1 
ATOM   622  C  CG2 . ILE A 1 86  ? -9.281  -0.115  8.281   1.00 37.72  ? 135 ILE A CG2 1 
ATOM   623  C  CD1 . ILE A 1 86  ? -8.950  -3.032  7.338   1.00 32.41  ? 135 ILE A CD1 1 
ATOM   624  N  N   . LYS A 1 87  ? -10.888 1.363   10.514  1.00 48.78  ? 136 LYS A N   1 
ATOM   625  C  CA  . LYS A 1 87  ? -11.669 2.606   10.178  1.00 49.61  ? 136 LYS A CA  1 
ATOM   626  C  C   . LYS A 1 87  ? -11.109 3.427   9.044   1.00 51.87  ? 136 LYS A C   1 
ATOM   627  O  O   . LYS A 1 87  ? -9.935  3.382   8.727   1.00 38.53  ? 136 LYS A O   1 
ATOM   628  C  CB  . LYS A 1 87  ? -11.877 3.528   11.376  1.00 54.17  ? 136 LYS A CB  1 
ATOM   629  C  CG  . LYS A 1 87  ? -12.973 3.028   12.302  1.00 68.14  ? 136 LYS A CG  1 
ATOM   630  C  CD  . LYS A 1 87  ? -12.373 2.272   13.460  1.00 77.12  ? 136 LYS A CD  1 
ATOM   631  C  CE  . LYS A 1 87  ? -13.303 1.154   13.922  1.00 89.63  ? 136 LYS A CE  1 
ATOM   632  N  NZ  . LYS A 1 87  ? -14.180 1.552   15.066  1.00 87.96  ? 136 LYS A NZ  1 
ATOM   633  N  N   . GLN A 1 88  ? -11.995 4.133   8.366   1.00 53.01  ? 137 GLN A N   1 
ATOM   634  C  CA  . GLN A 1 88  ? -11.564 5.065   7.347   1.00 59.71  ? 137 GLN A CA  1 
ATOM   635  C  C   . GLN A 1 88  ? -11.365 6.445   7.961   1.00 68.54  ? 137 GLN A C   1 
ATOM   636  O  O   . GLN A 1 88  ? -11.921 6.739   9.022   1.00 68.41  ? 137 GLN A O   1 
ATOM   637  C  CB  . GLN A 1 88  ? -12.618 5.136   6.290   1.00 61.17  ? 137 GLN A CB  1 
ATOM   638  C  CG  . GLN A 1 88  ? -12.135 5.824   5.071   1.00 66.08  ? 137 GLN A CG  1 
ATOM   639  C  CD  . GLN A 1 88  ? -13.289 6.343   4.289   1.00 67.79  ? 137 GLN A CD  1 
ATOM   640  O  OE1 . GLN A 1 88  ? -14.440 6.038   4.573   1.00 61.00  ? 137 GLN A OE1 1 
ATOM   641  N  NE2 . GLN A 1 88  ? -12.990 7.121   3.279   1.00 85.53  ? 137 GLN A NE2 1 
ATOM   642  N  N   . GLU A 1 89  ? -10.553 7.273   7.302   1.00 77.63  ? 138 GLU A N   1 
ATOM   643  C  CA  . GLU A 1 89  ? -10.316 8.669   7.724   1.00 76.20  ? 138 GLU A CA  1 
ATOM   644  C  C   . GLU A 1 89  ? -10.117 9.647   6.556   1.00 72.84  ? 138 GLU A C   1 
ATOM   645  O  O   . GLU A 1 89  ? -9.273  9.418   5.659   1.00 71.10  ? 138 GLU A O   1 
ATOM   646  C  CB  . GLU A 1 89  ? -9.137  8.744   8.674   1.00 70.93  ? 138 GLU A CB  1 
ATOM   647  C  CG  . GLU A 1 89  ? -9.331  7.909   9.927   1.00 90.91  ? 138 GLU A CG  1 
ATOM   648  C  CD  . GLU A 1 89  ? -9.204  8.728   11.199  1.00 95.98  ? 138 GLU A CD  1 
ATOM   649  O  OE1 . GLU A 1 89  ? -8.540  9.788   11.116  1.00 78.25  ? 138 GLU A OE1 1 
ATOM   650  O  OE2 . GLU A 1 89  ? -9.760  8.308   12.259  1.00 94.95  ? 138 GLU A OE2 1 
ATOM   651  N  N   . PHE A 1 90  ? -10.940 10.701  6.547   1.00 68.37  ? 139 PHE A N   1 
ATOM   652  C  CA  . PHE A 1 90  ? -10.611 11.945  5.822   1.00 75.85  ? 139 PHE A CA  1 
ATOM   653  C  C   . PHE A 1 90  ? -9.904  12.882  6.838   1.00 82.87  ? 139 PHE A C   1 
ATOM   654  O  O   . PHE A 1 90  ? -8.748  13.288  6.631   1.00 78.72  ? 139 PHE A O   1 
ATOM   655  C  CB  . PHE A 1 90  ? -11.856 12.599  5.136   1.00 62.35  ? 139 PHE A CB  1 
ATOM   656  C  CG  . PHE A 1 90  ? -11.567 13.967  4.508   1.00 72.27  ? 139 PHE A CG  1 
ATOM   657  C  CD1 . PHE A 1 90  ? -10.554 14.123  3.538   1.00 69.26  ? 139 PHE A CD1 1 
ATOM   658  C  CD2 . PHE A 1 90  ? -12.285 15.113  4.902   1.00 70.60  ? 139 PHE A CD2 1 
ATOM   659  C  CE1 . PHE A 1 90  ? -10.278 15.374  2.980   1.00 64.06  ? 139 PHE A CE1 1 
ATOM   660  C  CE2 . PHE A 1 90  ? -11.998 16.368  4.344   1.00 75.37  ? 139 PHE A CE2 1 
ATOM   661  C  CZ  . PHE A 1 90  ? -10.989 16.494  3.383   1.00 58.45  ? 139 PHE A CZ  1 
ATOM   662  N  N   . GLY A 1 91  ? -10.585 13.147  7.958   1.00 88.88  ? 140 GLY A N   1 
ATOM   663  C  CA  . GLY A 1 91  ? -10.136 14.090  8.975   1.00 93.40  ? 140 GLY A CA  1 
ATOM   664  C  C   . GLY A 1 91  ? -11.109 15.254  9.089   1.00 101.82 ? 140 GLY A C   1 
ATOM   665  O  O   . GLY A 1 91  ? -10.704 16.368  9.421   1.00 106.76 ? 140 GLY A O   1 
ATOM   666  N  N   . ILE A 1 92  ? -12.391 14.980  8.809   1.00 106.37 ? 141 ILE A N   1 
ATOM   667  C  CA  . ILE A 1 92  ? -13.516 15.941  8.936   1.00 96.11  ? 141 ILE A CA  1 
ATOM   668  C  C   . ILE A 1 92  ? -13.441 17.114  7.942   1.00 96.95  ? 141 ILE A C   1 
ATOM   669  O  O   . ILE A 1 92  ? -14.053 17.091  6.857   1.00 91.66  ? 141 ILE A O   1 
ATOM   670  C  CB  . ILE A 1 92  ? -13.709 16.460  10.394  1.00 94.71  ? 141 ILE A CB  1 
ATOM   671  C  CG1 . ILE A 1 92  ? -13.704 15.308  11.415  1.00 82.74  ? 141 ILE A CG1 1 
ATOM   672  C  CG2 . ILE A 1 92  ? -15.009 17.252  10.517  1.00 90.40  ? 141 ILE A CG2 1 
ATOM   673  C  CD1 . ILE A 1 92  ? -12.337 14.843  11.868  1.00 81.42  ? 141 ILE A CD1 1 
ATOM   674  N  N   . GLU A 1 103 ? 6.397   10.845  -2.104  1.00 108.20 ? 152 GLU A N   1 
ATOM   675  C  CA  . GLU A 1 103 ? 5.022   11.191  -1.721  1.00 121.72 ? 152 GLU A CA  1 
ATOM   676  C  C   . GLU A 1 103 ? 4.484   12.395  -2.518  1.00 121.94 ? 152 GLU A C   1 
ATOM   677  O  O   . GLU A 1 103 ? 4.839   13.532  -2.220  1.00 139.01 ? 152 GLU A O   1 
ATOM   678  C  CB  . GLU A 1 103 ? 4.891   11.411  -0.197  1.00 120.36 ? 152 GLU A CB  1 
ATOM   679  C  CG  . GLU A 1 103 ? 4.346   10.218  0.596   1.00 111.07 ? 152 GLU A CG  1 
ATOM   680  C  CD  . GLU A 1 103 ? 2.835   9.986   0.420   1.00 117.35 ? 152 GLU A CD  1 
ATOM   681  O  OE1 . GLU A 1 103 ? 2.270   10.363  -0.636  1.00 111.99 ? 152 GLU A OE1 1 
ATOM   682  O  OE2 . GLU A 1 103 ? 2.196   9.406   1.335   1.00 101.82 ? 152 GLU A OE2 1 
ATOM   683  N  N   . SER A 1 104 ? 3.611   12.168  -3.504  1.00 110.93 ? 153 SER A N   1 
ATOM   684  C  CA  . SER A 1 104 ? 2.990   10.872  -3.764  1.00 103.31 ? 153 SER A CA  1 
ATOM   685  C  C   . SER A 1 104 ? 4.011   9.770   -4.098  1.00 97.35  ? 153 SER A C   1 
ATOM   686  O  O   . SER A 1 104 ? 4.997   9.994   -4.830  1.00 84.07  ? 153 SER A O   1 
ATOM   687  C  CB  . SER A 1 104 ? 1.926   10.996  -4.857  1.00 89.35  ? 153 SER A CB  1 
ATOM   688  O  OG  . SER A 1 104 ? 2.550   10.944  -6.124  1.00 89.43  ? 153 SER A OG  1 
ATOM   689  N  N   . MET A 1 105 ? 3.783   8.586   -3.516  1.00 94.40  ? 154 MET A N   1 
ATOM   690  C  CA  . MET A 1 105 ? 4.648   7.441   -3.784  1.00 81.09  ? 154 MET A CA  1 
ATOM   691  C  C   . MET A 1 105 ? 4.362   6.979   -5.192  1.00 69.57  ? 154 MET A C   1 
ATOM   692  O  O   . MET A 1 105 ? 5.254   6.478   -5.885  1.00 61.85  ? 154 MET A O   1 
ATOM   693  C  CB  . MET A 1 105 ? 4.496   6.302   -2.761  1.00 81.36  ? 154 MET A CB  1 
ATOM   694  C  CG  . MET A 1 105 ? 5.863   5.756   -2.302  1.00 77.59  ? 154 MET A CG  1 
ATOM   695  S  SD  . MET A 1 105 ? 6.533   6.499   -0.782  1.00 97.54  ? 154 MET A SD  1 
ATOM   696  C  CE  . MET A 1 105 ? 7.175   8.074   -1.359  1.00 99.52  ? 154 MET A CE  1 
ATOM   697  N  N   . ASN A 1 106 ? 3.134   7.209   -5.643  1.00 61.56  ? 155 ASN A N   1 
ATOM   698  C  CA  . ASN A 1 106 ? 2.796   6.879   -7.029  1.00 71.74  ? 155 ASN A CA  1 
ATOM   699  C  C   . ASN A 1 106 ? 3.810   7.280   -8.127  1.00 73.32  ? 155 ASN A C   1 
ATOM   700  O  O   . ASN A 1 106 ? 4.174   6.439   -8.973  1.00 65.10  ? 155 ASN A O   1 
ATOM   701  C  CB  . ASN A 1 106 ? 1.351   7.247   -7.334  1.00 75.99  ? 155 ASN A CB  1 
ATOM   702  C  CG  . ASN A 1 106 ? 0.377   6.340   -6.572  1.00 89.90  ? 155 ASN A CG  1 
ATOM   703  O  OD1 . ASN A 1 106 ? 0.799   5.535   -5.725  1.00 84.91  ? 155 ASN A OD1 1 
ATOM   704  N  ND2 . ASN A 1 106 ? -0.914  6.451   -6.871  1.00 95.22  ? 155 ASN A ND2 1 
ATOM   705  N  N   . LYS A 1 107 ? 4.292   8.524   -8.103  1.00 71.85  ? 156 LYS A N   1 
ATOM   706  C  CA  . LYS A 1 107 ? 5.375   8.941   -9.026  1.00 71.33  ? 156 LYS A CA  1 
ATOM   707  C  C   . LYS A 1 107 ? 6.706   8.148   -8.806  1.00 63.18  ? 156 LYS A C   1 
ATOM   708  O  O   . LYS A 1 107 ? 7.340   7.658   -9.746  1.00 57.96  ? 156 LYS A O   1 
ATOM   709  C  CB  . LYS A 1 107 ? 5.609   10.470  -8.941  1.00 78.50  ? 156 LYS A CB  1 
ATOM   710  C  CG  . LYS A 1 107 ? 6.227   10.955  -7.621  1.00 84.33  ? 156 LYS A CG  1 
ATOM   711  C  CD  . LYS A 1 107 ? 7.722   11.267  -7.777  1.00 93.14  ? 156 LYS A CD  1 
ATOM   712  C  CE  . LYS A 1 107 ? 8.505   11.136  -6.480  1.00 83.25  ? 156 LYS A CE  1 
ATOM   713  N  NZ  . LYS A 1 107 ? 7.656   11.376  -5.280  1.00 86.96  ? 156 LYS A NZ  1 
ATOM   714  N  N   . GLU A 1 108 ? 7.117   8.049   -7.551  1.00 57.94  ? 157 GLU A N   1 
ATOM   715  C  CA  . GLU A 1 108 ? 8.343   7.365   -7.145  1.00 63.07  ? 157 GLU A CA  1 
ATOM   716  C  C   . GLU A 1 108 ? 8.353   5.859   -7.576  1.00 64.76  ? 157 GLU A C   1 
ATOM   717  O  O   . GLU A 1 108 ? 9.340   5.313   -8.118  1.00 56.94  ? 157 GLU A O   1 
ATOM   718  C  CB  . GLU A 1 108 ? 8.439   7.561   -5.618  1.00 62.03  ? 157 GLU A CB  1 
ATOM   719  C  CG  . GLU A 1 108 ? 9.133   6.489   -4.793  1.00 83.77  ? 157 GLU A CG  1 
ATOM   720  C  CD  . GLU A 1 108 ? 10.649  6.481   -4.946  1.00 88.98  ? 157 GLU A CD  1 
ATOM   721  O  OE1 . GLU A 1 108 ? 11.201  7.284   -5.749  1.00 85.63  ? 157 GLU A OE1 1 
ATOM   722  O  OE2 . GLU A 1 108 ? 11.286  5.648   -4.252  1.00 88.77  ? 157 GLU A OE2 1 
ATOM   723  N  N   . LEU A 1 109 ? 7.208   5.222   -7.368  1.00 56.39  ? 158 LEU A N   1 
ATOM   724  C  CA  . LEU A 1 109 ? 7.063   3.812   -7.593  1.00 52.46  ? 158 LEU A CA  1 
ATOM   725  C  C   . LEU A 1 109 ? 7.089   3.622   -9.066  1.00 47.29  ? 158 LEU A C   1 
ATOM   726  O  O   . LEU A 1 109 ? 7.762   2.718   -9.541  1.00 45.84  ? 158 LEU A O   1 
ATOM   727  C  CB  . LEU A 1 109 ? 5.745   3.334   -7.015  1.00 49.68  ? 158 LEU A CB  1 
ATOM   728  C  CG  . LEU A 1 109 ? 5.389   1.874   -6.724  1.00 55.28  ? 158 LEU A CG  1 
ATOM   729  C  CD1 . LEU A 1 109 ? 4.130   1.420   -7.434  1.00 56.08  ? 158 LEU A CD1 1 
ATOM   730  C  CD2 . LEU A 1 109 ? 6.472   0.836   -6.856  1.00 52.64  ? 158 LEU A CD2 1 
ATOM   731  N  N   . LYS A 1 110 ? 6.354   4.472   -9.799  1.00 41.23  ? 159 LYS A N   1 
ATOM   732  C  CA  . LYS A 1 110 ? 6.426   4.469   -11.251 1.00 45.70  ? 159 LYS A CA  1 
ATOM   733  C  C   . LYS A 1 110 ? 7.846   4.686   -11.811 1.00 38.56  ? 159 LYS A C   1 
ATOM   734  O  O   . LYS A 1 110 ? 8.228   4.069   -12.791 1.00 46.22  ? 159 LYS A O   1 
ATOM   735  C  CB  . LYS A 1 110 ? 5.426   5.464   -11.826 1.00 55.34  ? 159 LYS A CB  1 
ATOM   736  C  CG  . LYS A 1 110 ? 4.023   4.900   -11.754 1.00 55.52  ? 159 LYS A CG  1 
ATOM   737  C  CD  . LYS A 1 110 ? 2.903   5.918   -11.883 1.00 61.70  ? 159 LYS A CD  1 
ATOM   738  C  CE  . LYS A 1 110 ? 2.207   5.686   -13.191 1.00 68.15  ? 159 LYS A CE  1 
ATOM   739  N  NZ  . LYS A 1 110 ? 0.784   6.120   -13.204 1.00 65.18  ? 159 LYS A NZ  1 
ATOM   740  N  N   . LYS A 1 111 ? 8.622   5.539   -11.171 1.00 43.34  ? 160 LYS A N   1 
ATOM   741  C  CA  . LYS A 1 111 ? 10.021  5.770   -11.550 1.00 45.35  ? 160 LYS A CA  1 
ATOM   742  C  C   . LYS A 1 111 ? 10.804  4.475   -11.418 1.00 40.59  ? 160 LYS A C   1 
ATOM   743  O  O   . LYS A 1 111 ? 11.451  4.027   -12.365 1.00 46.82  ? 160 LYS A O   1 
ATOM   744  C  CB  . LYS A 1 111 ? 10.660  6.766   -10.594 1.00 45.36  ? 160 LYS A CB  1 
ATOM   745  C  CG  . LYS A 1 111 ? 12.073  7.174   -11.023 1.00 58.98  ? 160 LYS A CG  1 
ATOM   746  C  CD  . LYS A 1 111 ? 12.863  7.785   -9.871  1.00 70.58  ? 160 LYS A CD  1 
ATOM   747  C  CE  . LYS A 1 111 ? 12.039  8.828   -9.124  1.00 88.31  ? 160 LYS A CE  1 
ATOM   748  N  NZ  . LYS A 1 111 ? 12.685  9.277   -7.855  1.00 90.81  ? 160 LYS A NZ  1 
ATOM   749  N  N   . ILE A 1 112 ? 10.712  3.857   -10.231 1.00 45.86  ? 161 ILE A N   1 
ATOM   750  C  CA  . ILE A 1 112 ? 11.322  2.517   -10.036 1.00 42.65  ? 161 ILE A CA  1 
ATOM   751  C  C   . ILE A 1 112 ? 10.807  1.510   -11.043 1.00 42.48  ? 161 ILE A C   1 
ATOM   752  O  O   . ILE A 1 112 ? 11.615  0.774   -11.687 1.00 44.95  ? 161 ILE A O   1 
ATOM   753  C  CB  . ILE A 1 112 ? 11.222  2.008   -8.570  1.00 43.90  ? 161 ILE A CB  1 
ATOM   754  C  CG1 . ILE A 1 112 ? 11.877  3.046   -7.636  1.00 42.77  ? 161 ILE A CG1 1 
ATOM   755  C  CG2 . ILE A 1 112 ? 12.044  0.714   -8.408  1.00 41.66  ? 161 ILE A CG2 1 
ATOM   756  C  CD1 . ILE A 1 112 ? 11.598  2.743   -6.171  1.00 47.61  ? 161 ILE A CD1 1 
ATOM   757  N  N   . ILE A 1 113 ? 9.482   1.465   -11.256 1.00 40.81  ? 162 ILE A N   1 
ATOM   758  C  CA  . ILE A 1 113 ? 8.945   0.488   -12.277 1.00 40.83  ? 162 ILE A CA  1 
ATOM   759  C  C   . ILE A 1 113 ? 9.579   0.731   -13.647 1.00 47.07  ? 162 ILE A C   1 
ATOM   760  O  O   . ILE A 1 113 ? 9.957   -0.229  -14.374 1.00 41.79  ? 162 ILE A O   1 
ATOM   761  C  CB  . ILE A 1 113 ? 7.389   0.527   -12.417 1.00 45.03  ? 162 ILE A CB  1 
ATOM   762  C  CG1 . ILE A 1 113 ? 6.709   0.073   -11.094 1.00 44.34  ? 162 ILE A CG1 1 
ATOM   763  C  CG2 . ILE A 1 113 ? 6.898   -0.229  -13.678 1.00 39.65  ? 162 ILE A CG2 1 
ATOM   764  C  CD1 . ILE A 1 113 ? 5.193   0.234   -11.076 1.00 40.49  ? 162 ILE A CD1 1 
ATOM   765  N  N   . GLY A 1 114 ? 9.695   2.011   -14.032 1.00 51.20  ? 163 GLY A N   1 
ATOM   766  C  CA  . GLY A 1 114 ? 10.343  2.303   -15.329 1.00 47.10  ? 163 GLY A CA  1 
ATOM   767  C  C   . GLY A 1 114 ? 11.805  1.855   -15.364 1.00 44.98  ? 163 GLY A C   1 
ATOM   768  O  O   . GLY A 1 114 ? 12.233  1.303   -16.313 1.00 50.41  ? 163 GLY A O   1 
ATOM   769  N  N   . GLN A 1 115 ? 12.543  2.030   -14.279 1.00 46.58  ? 164 GLN A N   1 
ATOM   770  C  CA  . GLN A 1 115 ? 13.911  1.533   -14.216 1.00 50.99  ? 164 GLN A CA  1 
ATOM   771  C  C   . GLN A 1 115 ? 14.066  0.005   -14.330 1.00 59.48  ? 164 GLN A C   1 
ATOM   772  O  O   . GLN A 1 115 ? 15.076  -0.437  -14.856 1.00 57.49  ? 164 GLN A O   1 
ATOM   773  C  CB  . GLN A 1 115 ? 14.605  2.048   -12.954 1.00 48.35  ? 164 GLN A CB  1 
ATOM   774  C  CG  . GLN A 1 115 ? 14.808  3.574   -13.012 1.00 50.91  ? 164 GLN A CG  1 
ATOM   775  C  CD  . GLN A 1 115 ? 15.089  4.164   -11.648 1.00 61.30  ? 164 GLN A CD  1 
ATOM   776  O  OE1 . GLN A 1 115 ? 14.987  3.472   -10.622 1.00 65.83  ? 164 GLN A OE1 1 
ATOM   777  N  NE2 . GLN A 1 115 ? 15.440  5.450   -11.618 1.00 69.78  ? 164 GLN A NE2 1 
ATOM   778  N  N   . VAL A 1 116 ? 13.093  -0.798  -13.855 1.00 55.12  ? 165 VAL A N   1 
ATOM   779  C  CA  . VAL A 1 116 ? 13.226  -2.255  -13.943 1.00 48.06  ? 165 VAL A CA  1 
ATOM   780  C  C   . VAL A 1 116 ? 12.407  -2.874  -15.018 1.00 47.58  ? 165 VAL A C   1 
ATOM   781  O  O   . VAL A 1 116 ? 12.478  -4.088  -15.187 1.00 53.07  ? 165 VAL A O   1 
ATOM   782  C  CB  . VAL A 1 116 ? 12.927  -3.037  -12.616 1.00 55.27  ? 165 VAL A CB  1 
ATOM   783  C  CG1 . VAL A 1 116 ? 13.937  -2.658  -11.548 1.00 58.06  ? 165 VAL A CG1 1 
ATOM   784  C  CG2 . VAL A 1 116 ? 11.484  -2.837  -12.090 1.00 46.67  ? 165 VAL A CG2 1 
ATOM   785  N  N   . ARG A 1 117 ? 11.613  -2.066  -15.733 1.00 44.22  ? 166 ARG A N   1 
ATOM   786  C  CA  . ARG A 1 117 ? 10.624  -2.622  -16.653 1.00 46.50  ? 166 ARG A CA  1 
ATOM   787  C  C   . ARG A 1 117 ? 11.088  -3.668  -17.635 1.00 50.04  ? 166 ARG A C   1 
ATOM   788  O  O   . ARG A 1 117 ? 10.331  -4.630  -17.938 1.00 48.55  ? 166 ARG A O   1 
ATOM   789  C  CB  . ARG A 1 117 ? 9.854   -1.517  -17.399 1.00 46.34  ? 166 ARG A CB  1 
ATOM   790  C  CG  . ARG A 1 117 ? 8.598   -1.984  -18.149 1.00 48.24  ? 166 ARG A CG  1 
ATOM   791  C  CD  . ARG A 1 117 ? 7.505   -2.437  -17.186 1.00 41.17  ? 166 ARG A CD  1 
ATOM   792  N  NE  . ARG A 1 117 ? 6.397   -3.124  -17.862 1.00 39.39  ? 166 ARG A NE  1 
ATOM   793  C  CZ  . ARG A 1 117 ? 6.401   -4.405  -18.268 1.00 41.71  ? 166 ARG A CZ  1 
ATOM   794  N  NH1 . ARG A 1 117 ? 7.429   -5.238  -18.080 1.00 41.89  ? 166 ARG A NH1 1 
ATOM   795  N  NH2 . ARG A 1 117 ? 5.337   -4.894  -18.821 1.00 38.86  ? 166 ARG A NH2 1 
ATOM   796  N  N   . ASP A 1 118 ? 12.299  -3.467  -18.163 1.00 54.72  ? 167 ASP A N   1 
ATOM   797  C  CA  . ASP A 1 118 ? 12.843  -4.347  -19.216 1.00 63.31  ? 167 ASP A CA  1 
ATOM   798  C  C   . ASP A 1 118 ? 13.280  -5.653  -18.609 1.00 59.93  ? 167 ASP A C   1 
ATOM   799  O  O   . ASP A 1 118 ? 13.516  -6.608  -19.347 1.00 69.44  ? 167 ASP A O   1 
ATOM   800  C  CB  . ASP A 1 118 ? 14.061  -3.708  -19.960 1.00 66.72  ? 167 ASP A CB  1 
ATOM   801  C  CG  . ASP A 1 118 ? 15.189  -3.227  -18.990 1.00 75.61  ? 167 ASP A CG  1 
ATOM   802  O  OD1 . ASP A 1 118 ? 15.029  -3.310  -17.755 1.00 85.71  ? 167 ASP A OD1 1 
ATOM   803  O  OD2 . ASP A 1 118 ? 16.241  -2.728  -19.461 1.00 89.67  ? 167 ASP A OD2 1 
ATOM   804  N  N   . GLN A 1 119 ? 13.422  -5.691  -17.278 1.00 54.68  ? 168 GLN A N   1 
ATOM   805  C  CA  . GLN A 1 119 ? 13.862  -6.910  -16.590 1.00 49.60  ? 168 GLN A CA  1 
ATOM   806  C  C   . GLN A 1 119 ? 12.697  -7.915  -16.516 1.00 51.18  ? 168 GLN A C   1 
ATOM   807  O  O   . GLN A 1 119 ? 12.859  -9.047  -16.046 1.00 53.73  ? 168 GLN A O   1 
ATOM   808  C  CB  . GLN A 1 119 ? 14.536  -6.606  -15.206 1.00 57.53  ? 168 GLN A CB  1 
ATOM   809  C  CG  . GLN A 1 119 ? 15.920  -5.878  -15.268 1.00 63.21  ? 168 GLN A CG  1 
ATOM   810  C  CD  . GLN A 1 119 ? 16.611  -5.444  -13.912 1.00 84.93  ? 168 GLN A CD  1 
ATOM   811  O  OE1 . GLN A 1 119 ? 16.862  -4.237  -13.721 1.00 93.01  ? 168 GLN A OE1 1 
ATOM   812  N  NE2 . GLN A 1 119 ? 16.989  -6.418  -13.002 1.00 63.20  ? 168 GLN A NE2 1 
ATOM   813  N  N   . ALA A 1 120 ? 11.515  -7.558  -17.005 1.00 42.75  ? 169 ALA A N   1 
ATOM   814  C  CA  . ALA A 1 120 ? 10.373  -8.498  -16.849 1.00 43.44  ? 169 ALA A CA  1 
ATOM   815  C  C   . ALA A 1 120 ? 9.413   -8.441  -17.983 1.00 42.66  ? 169 ALA A C   1 
ATOM   816  O  O   . ALA A 1 120 ? 9.232   -7.376  -18.570 1.00 45.84  ? 169 ALA A O   1 
ATOM   817  C  CB  . ALA A 1 120 ? 9.603   -8.206  -15.538 1.00 45.60  ? 169 ALA A CB  1 
ATOM   818  N  N   . GLU A 1 121 ? 8.783   -9.569  -18.279 1.00 40.53  ? 170 GLU A N   1 
ATOM   819  C  CA  . GLU A 1 121 ? 7.725   -9.584  -19.256 1.00 45.15  ? 170 GLU A CA  1 
ATOM   820  C  C   . GLU A 1 121 ? 6.450   -8.928  -18.708 1.00 49.11  ? 170 GLU A C   1 
ATOM   821  O  O   . GLU A 1 121 ? 5.915   -8.025  -19.321 1.00 45.39  ? 170 GLU A O   1 
ATOM   822  C  CB  . GLU A 1 121 ? 7.411   -11.018 -19.692 1.00 46.22  ? 170 GLU A CB  1 
ATOM   823  C  CG  . GLU A 1 121 ? 6.263   -11.054 -20.683 1.00 47.88  ? 170 GLU A CG  1 
ATOM   824  C  CD  . GLU A 1 121 ? 5.813   -12.445 -21.027 1.00 53.46  ? 170 GLU A CD  1 
ATOM   825  O  OE1 . GLU A 1 121 ? 4.702   -12.545 -21.568 1.00 66.47  ? 170 GLU A OE1 1 
ATOM   826  O  OE2 . GLU A 1 121 ? 6.510   -13.448 -20.750 1.00 57.36  ? 170 GLU A OE2 1 
ATOM   827  N  N   . HIS A 1 122 ? 5.971   -9.356  -17.541 1.00 40.50  ? 171 HIS A N   1 
ATOM   828  C  CA  . HIS A 1 122 ? 4.652   -8.871  -17.045 1.00 42.22  ? 171 HIS A CA  1 
ATOM   829  C  C   . HIS A 1 122 ? 4.770   -7.623  -16.198 1.00 37.87  ? 171 HIS A C   1 
ATOM   830  O  O   . HIS A 1 122 ? 5.708   -7.496  -15.386 1.00 35.88  ? 171 HIS A O   1 
ATOM   831  C  CB  . HIS A 1 122 ? 3.970   -10.006 -16.262 1.00 40.98  ? 171 HIS A CB  1 
ATOM   832  C  CG  . HIS A 1 122 ? 3.708   -11.215 -17.095 1.00 43.63  ? 171 HIS A CG  1 
ATOM   833  N  ND1 . HIS A 1 122 ? 4.221   -12.459 -16.793 1.00 46.22  ? 171 HIS A ND1 1 
ATOM   834  C  CD2 . HIS A 1 122 ? 2.993   -11.375 -18.234 1.00 45.84  ? 171 HIS A CD2 1 
ATOM   835  C  CE1 . HIS A 1 122 ? 3.825   -13.338 -17.703 1.00 43.33  ? 171 HIS A CE1 1 
ATOM   836  N  NE2 . HIS A 1 122 ? 3.066   -12.708 -18.578 1.00 46.16  ? 171 HIS A NE2 1 
ATOM   837  N  N   . LEU A 1 123 ? 3.816   -6.695  -16.329 1.00 34.81  ? 172 LEU A N   1 
ATOM   838  C  CA  . LEU A 1 123 ? 3.869   -5.490  -15.493 1.00 33.44  ? 172 LEU A CA  1 
ATOM   839  C  C   . LEU A 1 123 ? 3.830   -5.923  -14.007 1.00 33.65  ? 172 LEU A C   1 
ATOM   840  O  O   . LEU A 1 123 ? 4.467   -5.337  -13.158 1.00 35.00  ? 172 LEU A O   1 
ATOM   841  C  CB  . LEU A 1 123 ? 2.639   -4.622  -15.738 1.00 37.94  ? 172 LEU A CB  1 
ATOM   842  C  CG  . LEU A 1 123 ? 2.501   -3.368  -14.864 1.00 37.92  ? 172 LEU A CG  1 
ATOM   843  C  CD1 . LEU A 1 123 ? 3.748   -2.534  -14.925 1.00 43.62  ? 172 LEU A CD1 1 
ATOM   844  C  CD2 . LEU A 1 123 ? 1.273   -2.505  -15.214 1.00 38.83  ? 172 LEU A CD2 1 
ATOM   845  N  N   . LYS A 1 124 ? 3.067   -6.957  -13.701 1.00 32.85  ? 173 LYS A N   1 
ATOM   846  C  CA  . LYS A 1 124 ? 2.886   -7.316  -12.293 1.00 36.78  ? 173 LYS A CA  1 
ATOM   847  C  C   . LYS A 1 124 ? 4.237   -7.728  -11.717 1.00 37.93  ? 173 LYS A C   1 
ATOM   848  O  O   . LYS A 1 124 ? 4.536   -7.412  -10.571 1.00 35.23  ? 173 LYS A O   1 
ATOM   849  C  CB  . LYS A 1 124 ? 1.822   -8.395  -12.138 1.00 33.47  ? 173 LYS A CB  1 
ATOM   850  C  CG  . LYS A 1 124 ? 2.205   -9.773  -12.657 1.00 40.31  ? 173 LYS A CG  1 
ATOM   851  C  CD  . LYS A 1 124 ? 1.125   -10.769 -12.251 1.00 43.94  ? 173 LYS A CD  1 
ATOM   852  C  CE  . LYS A 1 124 ? 1.454   -12.141 -12.826 1.00 49.17  ? 173 LYS A CE  1 
ATOM   853  N  NZ  . LYS A 1 124 ? 0.505   -13.194 -12.371 1.00 53.76  ? 173 LYS A NZ  1 
ATOM   854  N  N   . THR A 1 125 ? 5.079   -8.374  -12.532 1.00 32.70  ? 174 THR A N   1 
ATOM   855  C  CA  . THR A 1 125 ? 6.424   -8.709  -12.059 1.00 34.38  ? 174 THR A CA  1 
ATOM   856  C  C   . THR A 1 125 ? 7.307   -7.478  -11.770 1.00 33.97  ? 174 THR A C   1 
ATOM   857  O  O   . THR A 1 125 ? 7.976   -7.383  -10.713 1.00 35.72  ? 174 THR A O   1 
ATOM   858  C  CB  . THR A 1 125 ? 7.111   -9.657  -13.065 1.00 33.24  ? 174 THR A CB  1 
ATOM   859  O  OG1 . THR A 1 125 ? 6.254   -10.795 -13.240 1.00 33.82  ? 174 THR A OG1 1 
ATOM   860  C  CG2 . THR A 1 125 ? 8.496   -10.112 -12.561 1.00 31.45  ? 174 THR A CG2 1 
ATOM   861  N  N   . ALA A 1 126 ? 7.314   -6.536  -12.699 1.00 33.25  ? 175 ALA A N   1 
ATOM   862  C  CA  . ALA A 1 126 ? 8.057   -5.293  -12.528 1.00 33.08  ? 175 ALA A CA  1 
ATOM   863  C  C   . ALA A 1 126 ? 7.548   -4.524  -11.314 1.00 31.83  ? 175 ALA A C   1 
ATOM   864  O  O   . ALA A 1 126 ? 8.323   -3.942  -10.544 1.00 35.58  ? 175 ALA A O   1 
ATOM   865  C  CB  . ALA A 1 126 ? 7.867   -4.466  -13.802 1.00 32.95  ? 175 ALA A CB  1 
ATOM   866  N  N   . VAL A 1 127 ? 6.237   -4.547  -11.085 1.00 34.05  ? 176 VAL A N   1 
ATOM   867  C  CA  . VAL A 1 127 ? 5.699   -3.850  -9.875  1.00 30.28  ? 176 VAL A CA  1 
ATOM   868  C  C   . VAL A 1 127 ? 6.327   -4.481  -8.586  1.00 33.48  ? 176 VAL A C   1 
ATOM   869  O  O   . VAL A 1 127 ? 6.771   -3.770  -7.663  1.00 32.01  ? 176 VAL A O   1 
ATOM   870  C  CB  . VAL A 1 127 ? 4.182   -3.985  -9.795  1.00 32.81  ? 176 VAL A CB  1 
ATOM   871  C  CG1 . VAL A 1 127 ? 3.643   -3.480  -8.394  1.00 30.12  ? 176 VAL A CG1 1 
ATOM   872  C  CG2 . VAL A 1 127 ? 3.485   -3.230  -10.971 1.00 34.31  ? 176 VAL A CG2 1 
ATOM   873  N  N   . GLN A 1 128 ? 6.386   -5.826  -8.512  1.00 36.51  ? 177 GLN A N   1 
ATOM   874  C  CA  . GLN A 1 128 ? 6.903   -6.427  -7.260  1.00 31.65  ? 177 GLN A CA  1 
ATOM   875  C  C   . GLN A 1 128 ? 8.421   -6.163  -7.161  1.00 31.71  ? 177 GLN A C   1 
ATOM   876  O  O   . GLN A 1 128 ? 8.924   -5.897  -6.059  1.00 31.70  ? 177 GLN A O   1 
ATOM   877  C  CB  . GLN A 1 128 ? 6.584   -7.937  -7.148  1.00 30.34  ? 177 GLN A CB  1 
ATOM   878  C  CG  . GLN A 1 128 ? 5.063   -8.195  -7.322  1.00 31.74  ? 177 GLN A CG  1 
ATOM   879  C  CD  . GLN A 1 128 ? 4.286   -7.386  -6.281  1.00 33.00  ? 177 GLN A CD  1 
ATOM   880  O  OE1 . GLN A 1 128 ? 4.865   -6.908  -5.295  1.00 36.42  ? 177 GLN A OE1 1 
ATOM   881  N  NE2 . GLN A 1 128 ? 3.018   -7.215  -6.490  1.00 31.19  ? 177 GLN A NE2 1 
ATOM   882  N  N   . MET A 1 129 ? 9.127   -6.205  -8.285  1.00 33.37  ? 178 MET A N   1 
ATOM   883  C  CA  . MET A 1 129 ? 10.592  -5.821  -8.276  1.00 33.97  ? 178 MET A CA  1 
ATOM   884  C  C   . MET A 1 129 ? 10.745  -4.412  -7.743  1.00 32.18  ? 178 MET A C   1 
ATOM   885  O  O   . MET A 1 129 ? 11.583  -4.107  -6.881  1.00 34.43  ? 178 MET A O   1 
ATOM   886  C  CB  . MET A 1 129 ? 11.192  -5.946  -9.682  1.00 33.39  ? 178 MET A CB  1 
ATOM   887  C  CG  . MET A 1 129 ? 11.169  -7.399  -10.161 1.00 37.73  ? 178 MET A CG  1 
ATOM   888  S  SD  . MET A 1 129 ? 11.644  -7.610  -11.922 1.00 45.01  ? 178 MET A SD  1 
ATOM   889  C  CE  . MET A 1 129 ? 13.364  -7.218  -11.832 1.00 42.49  ? 178 MET A CE  1 
ATOM   890  N  N   . ALA A 1 130 ? 9.842   -3.532  -8.195  1.00 32.64  ? 179 ALA A N   1 
ATOM   891  C  CA  . ALA A 1 130 ? 9.921   -2.136  -7.734  1.00 34.01  ? 179 ALA A CA  1 
ATOM   892  C  C   . ALA A 1 130 ? 9.581   -1.954  -6.246  1.00 34.39  ? 179 ALA A C   1 
ATOM   893  O  O   . ALA A 1 130 ? 10.205  -1.153  -5.505  1.00 35.84  ? 179 ALA A O   1 
ATOM   894  C  CB  . ALA A 1 130 ? 8.989   -1.297  -8.642  1.00 34.44  ? 179 ALA A CB  1 
ATOM   895  N  N   . VAL A 1 131 ? 8.571   -2.722  -5.764  1.00 33.42  ? 180 VAL A N   1 
ATOM   896  C  CA  . VAL A 1 131 ? 8.250   -2.674  -4.362  1.00 31.49  ? 180 VAL A CA  1 
ATOM   897  C  C   . VAL A 1 131 ? 9.469   -3.176  -3.591  1.00 33.68  ? 180 VAL A C   1 
ATOM   898  O  O   . VAL A 1 131 ? 9.860   -2.587  -2.611  1.00 29.37  ? 180 VAL A O   1 
ATOM   899  C  CB  . VAL A 1 131 ? 7.017   -3.575  -4.037  1.00 33.75  ? 180 VAL A CB  1 
ATOM   900  C  CG1 . VAL A 1 131 ? 6.853   -3.843  -2.521  1.00 28.55  ? 180 VAL A CG1 1 
ATOM   901  C  CG2 . VAL A 1 131 ? 5.754   -2.952  -4.653  1.00 35.70  ? 180 VAL A CG2 1 
ATOM   902  N  N   . PHE A 1 132 ? 10.044  -4.285  -4.032  1.00 33.13  ? 181 PHE A N   1 
ATOM   903  C  CA  . PHE A 1 132 ? 11.236  -4.828  -3.357  1.00 30.45  ? 181 PHE A CA  1 
ATOM   904  C  C   . PHE A 1 132 ? 12.309  -3.726  -3.328  1.00 35.83  ? 181 PHE A C   1 
ATOM   905  O  O   . PHE A 1 132 ? 12.880  -3.441  -2.283  1.00 33.33  ? 181 PHE A O   1 
ATOM   906  C  CB  . PHE A 1 132 ? 11.723  -6.036  -4.150  1.00 30.54  ? 181 PHE A CB  1 
ATOM   907  C  CG  . PHE A 1 132 ? 12.995  -6.657  -3.609  1.00 38.86  ? 181 PHE A CG  1 
ATOM   908  C  CD1 . PHE A 1 132 ? 14.263  -6.010  -3.768  1.00 38.97  ? 181 PHE A CD1 1 
ATOM   909  C  CD2 . PHE A 1 132 ? 12.962  -7.895  -2.981  1.00 38.13  ? 181 PHE A CD2 1 
ATOM   910  C  CE1 . PHE A 1 132 ? 15.452  -6.601  -3.261  1.00 38.33  ? 181 PHE A CE1 1 
ATOM   911  C  CE2 . PHE A 1 132 ? 14.141  -8.488  -2.488  1.00 39.31  ? 181 PHE A CE2 1 
ATOM   912  C  CZ  . PHE A 1 132 ? 15.378  -7.832  -2.616  1.00 37.40  ? 181 PHE A CZ  1 
ATOM   913  N  N   . ILE A 1 133 ? 12.568  -3.100  -4.472  1.00 33.10  ? 182 ILE A N   1 
ATOM   914  C  CA  . ILE A 1 133 ? 13.703  -2.117  -4.481  1.00 38.39  ? 182 ILE A CA  1 
ATOM   915  C  C   . ILE A 1 133 ? 13.423  -0.969  -3.550  1.00 40.67  ? 182 ILE A C   1 
ATOM   916  O  O   . ILE A 1 133 ? 14.288  -0.495  -2.809  1.00 40.06  ? 182 ILE A O   1 
ATOM   917  C  CB  . ILE A 1 133 ? 13.948  -1.568  -5.898  1.00 38.08  ? 182 ILE A CB  1 
ATOM   918  C  CG1 . ILE A 1 133 ? 14.664  -2.641  -6.745  1.00 38.22  ? 182 ILE A CG1 1 
ATOM   919  C  CG2 . ILE A 1 133 ? 14.727  -0.220  -5.844  1.00 38.08  ? 182 ILE A CG2 1 
ATOM   920  C  CD1 . ILE A 1 133 ? 14.259  -2.602  -8.226  1.00 41.00  ? 182 ILE A CD1 1 
ATOM   921  N  N   . HIS A 1 134 ? 12.173  -0.518  -3.546  1.00 37.44  ? 183 HIS A N   1 
ATOM   922  C  CA  . HIS A 1 134 ? 11.831  0.630   -2.715  1.00 35.88  ? 183 HIS A CA  1 
ATOM   923  C  C   . HIS A 1 134 ? 11.966  0.252   -1.261  1.00 38.38  ? 183 HIS A C   1 
ATOM   924  O  O   . HIS A 1 134 ? 12.504  1.015   -0.478  1.00 40.91  ? 183 HIS A O   1 
ATOM   925  C  CB  . HIS A 1 134 ? 10.345  1.090   -2.992  1.00 37.64  ? 183 HIS A CB  1 
ATOM   926  C  CG  . HIS A 1 134 ? 9.867   2.103   -2.011  1.00 39.58  ? 183 HIS A CG  1 
ATOM   927  N  ND1 . HIS A 1 134 ? 9.224   1.760   -0.834  1.00 43.79  ? 183 HIS A ND1 1 
ATOM   928  C  CD2 . HIS A 1 134 ? 10.050  3.450   -1.965  1.00 40.81  ? 183 HIS A CD2 1 
ATOM   929  C  CE1 . HIS A 1 134 ? 8.955   2.865   -0.144  1.00 39.69  ? 183 HIS A CE1 1 
ATOM   930  N  NE2 . HIS A 1 134 ? 9.460   3.900   -0.808  1.00 42.16  ? 183 HIS A NE2 1 
ATOM   931  N  N   . ASN A 1 135 ? 11.401  -0.898  -0.845  1.00 36.87  ? 184 ASN A N   1 
ATOM   932  C  CA  . ASN A 1 135 ? 11.426  -1.223  0.596   1.00 34.54  ? 184 ASN A CA  1 
ATOM   933  C  C   . ASN A 1 135 ? 12.844  -1.522  1.162   1.00 38.11  ? 184 ASN A C   1 
ATOM   934  O  O   . ASN A 1 135 ? 13.059  -1.439  2.391   1.00 38.40  ? 184 ASN A O   1 
ATOM   935  C  CB  . ASN A 1 135 ? 10.473  -2.441  0.977   1.00 29.84  ? 184 ASN A CB  1 
ATOM   936  C  CG  . ASN A 1 135 ? 8.965   -2.093  0.803   1.00 40.22  ? 184 ASN A CG  1 
ATOM   937  O  OD1 . ASN A 1 135 ? 8.596   -0.915  0.805   1.00 38.79  ? 184 ASN A OD1 1 
ATOM   938  N  ND2 . ASN A 1 135 ? 8.101   -3.113  0.596   1.00 33.02  ? 184 ASN A ND2 1 
ATOM   939  N  N   . LYS A 1 136 ? 13.736  -2.029  0.307   1.00 40.92  ? 185 LYS A N   1 
ATOM   940  C  CA  . LYS A 1 136 ? 15.075  -2.451  0.803   1.00 49.07  ? 185 LYS A CA  1 
ATOM   941  C  C   . LYS A 1 136 ? 16.106  -1.326  0.751   1.00 53.92  ? 185 LYS A C   1 
ATOM   942  O  O   . LYS A 1 136 ? 17.072  -1.362  1.501   1.00 55.67  ? 185 LYS A O   1 
ATOM   943  C  CB  . LYS A 1 136 ? 15.631  -3.668  0.059   1.00 45.14  ? 185 LYS A CB  1 
ATOM   944  C  CG  . LYS A 1 136 ? 14.717  -4.884  0.003   1.00 47.96  ? 185 LYS A CG  1 
ATOM   945  C  CD  . LYS A 1 136 ? 14.254  -5.419  1.361   1.00 48.15  ? 185 LYS A CD  1 
ATOM   946  C  CE  . LYS A 1 136 ? 13.573  -6.781  1.171   1.00 52.07  ? 185 LYS A CE  1 
ATOM   947  N  NZ  . LYS A 1 136 ? 13.144  -7.504  2.416   1.00 53.91  ? 185 LYS A NZ  1 
ATOM   948  N  N   . LYS A 1 137 ? 15.862  -0.331  -0.100  1.00 54.92  ? 186 LYS A N   1 
ATOM   949  C  CA  . LYS A 1 137 ? 16.755  0.802   -0.313  1.00 61.69  ? 186 LYS A CA  1 
ATOM   950  C  C   . LYS A 1 137 ? 17.076  1.628   0.939   1.00 69.79  ? 186 LYS A C   1 
ATOM   951  O  O   . LYS A 1 137 ? 16.183  2.153   1.645   1.00 59.39  ? 186 LYS A O   1 
ATOM   952  C  CB  . LYS A 1 137 ? 16.199  1.703   -1.419  1.00 60.81  ? 186 LYS A CB  1 
ATOM   953  C  CG  . LYS A 1 137 ? 17.129  2.831   -1.784  1.00 73.74  ? 186 LYS A CG  1 
ATOM   954  C  CD  . LYS A 1 137 ? 17.043  3.137   -3.266  1.00 80.87  ? 186 LYS A CD  1 
ATOM   955  C  CE  . LYS A 1 137 ? 18.050  4.218   -3.611  1.00 95.23  ? 186 LYS A CE  1 
ATOM   956  N  NZ  . LYS A 1 137 ? 17.822  5.456   -2.809  1.00 98.66  ? 186 LYS A NZ  1 
ATOM   957  N  N   . ARG A 1 138 ? 18.379  1.749   1.188   1.00 81.39  ? 187 ARG A N   1 
ATOM   958  C  CA  . ARG A 1 138 ? 18.896  2.537   2.295   1.00 89.47  ? 187 ARG A CA  1 
ATOM   959  C  C   . ARG A 1 138 ? 18.590  4.025   2.184   1.00 86.10  ? 187 ARG A C   1 
ATOM   960  O  O   . ARG A 1 138 ? 19.042  4.685   1.263   1.00 86.24  ? 187 ARG A O   1 
ATOM   961  C  CB  . ARG A 1 138 ? 20.398  2.345   2.427   1.00 96.48  ? 187 ARG A CB  1 
ATOM   962  C  CG  . ARG A 1 138 ? 20.824  2.593   3.864   1.00 116.16 ? 187 ARG A CG  1 
ATOM   963  C  CD  . ARG A 1 138 ? 19.738  2.070   4.809   1.00 108.06 ? 187 ARG A CD  1 
ATOM   964  N  NE  . ARG A 1 138 ? 19.698  0.605   4.824   1.00 103.71 ? 187 ARG A NE  1 
ATOM   965  C  CZ  . ARG A 1 138 ? 19.781  -0.152  5.916   1.00 97.92  ? 187 ARG A CZ  1 
ATOM   966  N  NH1 . ARG A 1 138 ? 19.877  0.402   7.116   1.00 105.69 ? 187 ARG A NH1 1 
ATOM   967  N  NH2 . ARG A 1 138 ? 19.747  -1.472  5.809   1.00 98.85  ? 187 ARG A NH2 1 
ATOM   968  N  N   . LYS A 1 139 ? 17.801  4.539   3.117   1.00 93.03  ? 188 LYS A N   1 
ATOM   969  C  CA  . LYS A 1 139 ? 17.522  5.966   3.155   1.00 96.68  ? 188 LYS A CA  1 
ATOM   970  C  C   . LYS A 1 139 ? 18.334  6.508   4.331   1.00 103.61 ? 188 LYS A C   1 
ATOM   971  O  O   . LYS A 1 139 ? 17.787  7.105   5.249   1.00 105.77 ? 188 LYS A O   1 
ATOM   972  C  CB  . LYS A 1 139 ? 16.010  6.217   3.293   1.00 87.06  ? 188 LYS A CB  1 
ATOM   973  N  N   . GLY A 1 140 ? 19.657  6.310   4.268   1.00 112.32 ? 189 GLY A N   1 
ATOM   974  C  CA  . GLY A 1 140 ? 20.517  6.268   5.465   1.00 115.17 ? 189 GLY A CA  1 
ATOM   975  C  C   . GLY A 1 140 ? 21.665  7.244   5.751   1.00 124.09 ? 189 GLY A C   1 
ATOM   976  O  O   . GLY A 1 140 ? 21.639  8.399   5.314   1.00 107.17 ? 189 GLY A O   1 
ATOM   977  N  N   . GLY A 1 141 ? 22.661  6.753   6.514   1.00 127.01 ? 190 GLY A N   1 
ATOM   978  C  CA  . GLY A 1 141 ? 23.836  7.521   6.969   1.00 118.63 ? 190 GLY A CA  1 
ATOM   979  C  C   . GLY A 1 141 ? 24.347  7.060   8.330   1.00 112.36 ? 190 GLY A C   1 
ATOM   980  O  O   . GLY A 1 141 ? 23.609  7.088   9.343   1.00 116.46 ? 190 GLY A O   1 
ATOM   981  N  N   . GLY A 1 144 ? 20.319  5.749   9.319   1.00 76.65  ? 193 GLY A N   1 
ATOM   982  C  CA  . GLY A 1 144 ? 19.396  5.661   8.181   1.00 84.49  ? 193 GLY A CA  1 
ATOM   983  C  C   . GLY A 1 144 ? 18.970  4.248   7.760   1.00 88.73  ? 193 GLY A C   1 
ATOM   984  O  O   . GLY A 1 144 ? 19.771  3.461   7.255   1.00 81.89  ? 193 GLY A O   1 
ATOM   985  N  N   . TYR A 1 145 ? 17.690  3.934   7.948   1.00 86.03  ? 194 TYR A N   1 
ATOM   986  C  CA  . TYR A 1 145 ? 17.174  2.599   7.648   1.00 69.11  ? 194 TYR A CA  1 
ATOM   987  C  C   . TYR A 1 145 ? 16.429  2.546   6.315   1.00 55.85  ? 194 TYR A C   1 
ATOM   988  O  O   . TYR A 1 145 ? 16.239  3.564   5.661   1.00 52.92  ? 194 TYR A O   1 
ATOM   989  C  CB  . TYR A 1 145 ? 16.331  2.107   8.824   1.00 71.68  ? 194 TYR A CB  1 
ATOM   990  C  CG  . TYR A 1 145 ? 17.214  1.957   10.010  1.00 83.26  ? 194 TYR A CG  1 
ATOM   991  C  CD1 . TYR A 1 145 ? 17.462  3.044   10.855  1.00 90.47  ? 194 TYR A CD1 1 
ATOM   992  C  CD2 . TYR A 1 145 ? 17.897  0.774   10.229  1.00 82.24  ? 194 TYR A CD2 1 
ATOM   993  C  CE1 . TYR A 1 145 ? 18.322  2.925   11.921  1.00 95.76  ? 194 TYR A CE1 1 
ATOM   994  C  CE2 . TYR A 1 145 ? 18.758  0.639   11.291  1.00 94.06  ? 194 TYR A CE2 1 
ATOM   995  C  CZ  . TYR A 1 145 ? 18.965  1.716   12.131  1.00 103.73 ? 194 TYR A CZ  1 
ATOM   996  O  OH  . TYR A 1 145 ? 19.816  1.575   13.192  1.00 105.67 ? 194 TYR A OH  1 
ATOM   997  N  N   . SER A 1 146 ? 16.050  1.347   5.904   1.00 51.91  ? 195 SER A N   1 
ATOM   998  C  CA  . SER A 1 146 ? 15.134  1.198   4.784   1.00 48.16  ? 195 SER A CA  1 
ATOM   999  C  C   . SER A 1 146 ? 13.702  1.290   5.325   1.00 39.77  ? 195 SER A C   1 
ATOM   1000 O  O   . SER A 1 146 ? 13.435  1.171   6.523   1.00 41.73  ? 195 SER A O   1 
ATOM   1001 C  CB  . SER A 1 146 ? 15.361  -0.149  4.070   1.00 45.36  ? 195 SER A CB  1 
ATOM   1002 O  OG  . SER A 1 146 ? 15.072  -1.142  5.006   1.00 51.31  ? 195 SER A OG  1 
ATOM   1003 N  N   . ALA A 1 147 ? 12.776  1.508   4.404   1.00 45.85  ? 196 ALA A N   1 
ATOM   1004 C  CA  . ALA A 1 147 ? 11.364  1.510   4.751   1.00 39.06  ? 196 ALA A CA  1 
ATOM   1005 C  C   . ALA A 1 147 ? 10.984  0.172   5.384   1.00 35.04  ? 196 ALA A C   1 
ATOM   1006 O  O   . ALA A 1 147 ? 10.295  0.132   6.400   1.00 39.62  ? 196 ALA A O   1 
ATOM   1007 C  CB  . ALA A 1 147 ? 10.579  1.807   3.472   1.00 36.64  ? 196 ALA A CB  1 
ATOM   1008 N  N   . GLY A 1 148 ? 11.547  -0.953  4.879   1.00 40.54  ? 197 GLY A N   1 
ATOM   1009 C  CA  . GLY A 1 148 ? 11.187  -2.284  5.424   1.00 36.41  ? 197 GLY A CA  1 
ATOM   1010 C  C   . GLY A 1 148 ? 11.726  -2.483  6.835   1.00 45.50  ? 197 GLY A C   1 
ATOM   1011 O  O   . GLY A 1 148 ? 11.093  -3.171  7.667   1.00 37.79  ? 197 GLY A O   1 
ATOM   1012 N  N   . GLU A 1 149 ? 12.905  -1.920  7.124   1.00 43.30  ? 198 GLU A N   1 
ATOM   1013 C  CA  . GLU A 1 149 ? 13.404  -1.945  8.512   1.00 45.50  ? 198 GLU A CA  1 
ATOM   1014 C  C   . GLU A 1 149 ? 12.565  -1.063  9.416   1.00 42.91  ? 198 GLU A C   1 
ATOM   1015 O  O   . GLU A 1 149 ? 12.243  -1.434  10.559  1.00 45.28  ? 198 GLU A O   1 
ATOM   1016 C  CB  . GLU A 1 149 ? 14.893  -1.530  8.564   1.00 47.74  ? 198 GLU A CB  1 
ATOM   1017 C  CG  . GLU A 1 149 ? 15.790  -2.587  7.929   1.00 49.43  ? 198 GLU A CG  1 
ATOM   1018 C  CD  . GLU A 1 149 ? 17.178  -2.050  7.595   1.00 60.80  ? 198 GLU A CD  1 
ATOM   1019 O  OE1 . GLU A 1 149 ? 17.353  -0.805  7.437   1.00 63.64  ? 198 GLU A OE1 1 
ATOM   1020 O  OE2 . GLU A 1 149 ? 18.093  -2.886  7.474   1.00 59.33  ? 198 GLU A OE2 1 
ATOM   1021 N  N   . ARG A 1 150 ? 12.192  0.096   8.894   1.00 44.11  ? 199 ARG A N   1 
ATOM   1022 C  CA  . ARG A 1 150 ? 11.471  1.071   9.734   1.00 49.73  ? 199 ARG A CA  1 
ATOM   1023 C  C   . ARG A 1 150 ? 10.103  0.587   10.163  1.00 47.27  ? 199 ARG A C   1 
ATOM   1024 O  O   . ARG A 1 150 ? 9.728   0.684   11.341  1.00 46.16  ? 199 ARG A O   1 
ATOM   1025 C  CB  . ARG A 1 150 ? 11.398  2.457   9.052   1.00 53.39  ? 199 ARG A CB  1 
ATOM   1026 C  CG  . ARG A 1 150 ? 12.673  3.285   9.224   1.00 65.66  ? 199 ARG A CG  1 
ATOM   1027 C  CD  . ARG A 1 150 ? 12.509  4.721   8.733   1.00 63.58  ? 199 ARG A CD  1 
ATOM   1028 N  NE  . ARG A 1 150 ? 11.841  4.776   7.430   1.00 59.04  ? 199 ARG A NE  1 
ATOM   1029 C  CZ  . ARG A 1 150 ? 12.456  4.819   6.244   1.00 66.37  ? 199 ARG A CZ  1 
ATOM   1030 N  NH1 . ARG A 1 150 ? 13.782  4.846   6.144   1.00 69.45  ? 199 ARG A NH1 1 
ATOM   1031 N  NH2 . ARG A 1 150 ? 11.741  4.865   5.129   1.00 62.94  ? 199 ARG A NH2 1 
ATOM   1032 N  N   . ILE A 1 151 ? 9.367   -0.048  9.240   1.00 44.87  ? 200 ILE A N   1 
ATOM   1033 C  CA  . ILE A 1 151 ? 8.034   -0.486  9.622   1.00 38.83  ? 200 ILE A CA  1 
ATOM   1034 C  C   . ILE A 1 151 ? 8.128   -1.501  10.761  1.00 40.04  ? 200 ILE A C   1 
ATOM   1035 O  O   . ILE A 1 151 ? 7.418   -1.443  11.760  1.00 41.22  ? 200 ILE A O   1 
ATOM   1036 C  CB  . ILE A 1 151 ? 7.194   -1.022  8.393   1.00 37.78  ? 200 ILE A CB  1 
ATOM   1037 C  CG1 . ILE A 1 151 ? 5.781   -1.408  8.861   1.00 38.46  ? 200 ILE A CG1 1 
ATOM   1038 C  CG2 . ILE A 1 151 ? 7.871   -2.239  7.677   1.00 37.63  ? 200 ILE A CG2 1 
ATOM   1039 C  CD1 . ILE A 1 151 ? 4.816   -1.809  7.728   1.00 36.06  ? 200 ILE A CD1 1 
ATOM   1040 N  N   . VAL A 1 152 ? 9.030   -2.459  10.610  1.00 39.00  ? 201 VAL A N   1 
ATOM   1041 C  CA  . VAL A 1 152 ? 9.081   -3.538  11.557  1.00 43.20  ? 201 VAL A CA  1 
ATOM   1042 C  C   . VAL A 1 152 ? 9.490   -2.942  12.938  1.00 46.82  ? 201 VAL A C   1 
ATOM   1043 O  O   . VAL A 1 152 ? 8.934   -3.285  13.998  1.00 45.23  ? 201 VAL A O   1 
ATOM   1044 C  CB  . VAL A 1 152 ? 10.046  -4.555  10.922  1.00 49.35  ? 201 VAL A CB  1 
ATOM   1045 C  CG1 . VAL A 1 152 ? 11.145  -4.989  11.821  1.00 46.36  ? 201 VAL A CG1 1 
ATOM   1046 C  CG2 . VAL A 1 152 ? 9.277   -5.712  10.263  1.00 46.79  ? 201 VAL A CG2 1 
ATOM   1047 N  N   . ASP A 1 153 ? 10.436  -2.015  12.904  1.00 44.08  ? 202 ASP A N   1 
ATOM   1048 C  CA  . ASP A 1 153 ? 10.887  -1.394  14.183  1.00 53.44  ? 202 ASP A CA  1 
ATOM   1049 C  C   . ASP A 1 153 ? 9.800   -0.462  14.781  1.00 51.60  ? 202 ASP A C   1 
ATOM   1050 O  O   . ASP A 1 153 ? 9.521   -0.493  15.994  1.00 53.05  ? 202 ASP A O   1 
ATOM   1051 C  CB  . ASP A 1 153 ? 12.249  -0.707  13.993  1.00 61.18  ? 202 ASP A CB  1 
ATOM   1052 C  CG  . ASP A 1 153 ? 12.711  0.106   15.245  1.00 73.02  ? 202 ASP A CG  1 
ATOM   1053 O  OD1 . ASP A 1 153 ? 12.593  -0.371  16.406  1.00 67.85  ? 202 ASP A OD1 1 
ATOM   1054 O  OD2 . ASP A 1 153 ? 13.196  1.233   15.035  1.00 62.22  ? 202 ASP A OD2 1 
ATOM   1055 N  N   . ILE A 1 154 ? 9.140   0.320   13.935  1.00 48.46  ? 203 ILE A N   1 
ATOM   1056 C  CA  . ILE A 1 154 ? 7.973   1.103   14.397  1.00 46.54  ? 203 ILE A CA  1 
ATOM   1057 C  C   . ILE A 1 154 ? 6.925   0.203   15.006  1.00 49.13  ? 203 ILE A C   1 
ATOM   1058 O  O   . ILE A 1 154 ? 6.440   0.458   16.104  1.00 54.96  ? 203 ILE A O   1 
ATOM   1059 C  CB  . ILE A 1 154 ? 7.394   1.975   13.259  1.00 48.97  ? 203 ILE A CB  1 
ATOM   1060 C  CG1 . ILE A 1 154 ? 8.411   3.073   12.876  1.00 45.45  ? 203 ILE A CG1 1 
ATOM   1061 C  CG2 . ILE A 1 154 ? 5.996   2.478   13.612  1.00 46.55  ? 203 ILE A CG2 1 
ATOM   1062 C  CD1 . ILE A 1 154 ? 8.196   3.819   11.551  1.00 46.15  ? 203 ILE A CD1 1 
ATOM   1063 N  N   . ILE A 1 155 ? 6.648   -0.932  14.379  1.00 48.15  ? 204 ILE A N   1 
ATOM   1064 C  CA  . ILE A 1 155 ? 5.603   -1.782  14.916  1.00 47.01  ? 204 ILE A CA  1 
ATOM   1065 C  C   . ILE A 1 155 ? 6.024   -2.599  16.149  1.00 55.80  ? 204 ILE A C   1 
ATOM   1066 O  O   . ILE A 1 155 ? 5.228   -2.802  17.079  1.00 52.63  ? 204 ILE A O   1 
ATOM   1067 C  CB  . ILE A 1 155 ? 4.964   -2.693  13.832  1.00 50.01  ? 204 ILE A CB  1 
ATOM   1068 C  CG1 . ILE A 1 155 ? 4.023   -1.869  12.937  1.00 49.39  ? 204 ILE A CG1 1 
ATOM   1069 C  CG2 . ILE A 1 155 ? 4.131   -3.764  14.489  1.00 42.88  ? 204 ILE A CG2 1 
ATOM   1070 C  CD1 . ILE A 1 155 ? 4.049   -2.303  11.498  1.00 54.25  ? 204 ILE A CD1 1 
ATOM   1071 N  N   . ALA A 1 156 ? 7.256   -3.098  16.150  1.00 55.35  ? 205 ALA A N   1 
ATOM   1072 C  CA  . ALA A 1 156 ? 7.765   -3.808  17.322  1.00 57.57  ? 205 ALA A CA  1 
ATOM   1073 C  C   . ALA A 1 156 ? 7.751   -2.917  18.587  1.00 55.45  ? 205 ALA A C   1 
ATOM   1074 O  O   . ALA A 1 156 ? 7.266   -3.353  19.660  1.00 55.06  ? 205 ALA A O   1 
ATOM   1075 C  CB  . ALA A 1 156 ? 9.150   -4.308  17.065  1.00 46.69  ? 205 ALA A CB  1 
ATOM   1076 N  N   . THR A 1 157 ? 8.250   -1.688  18.423  1.00 56.27  ? 206 THR A N   1 
ATOM   1077 C  CA  . THR A 1 157 ? 8.347   -0.702  19.495  1.00 60.85  ? 206 THR A CA  1 
ATOM   1078 C  C   . THR A 1 157 ? 6.950   -0.421  20.042  1.00 68.27  ? 206 THR A C   1 
ATOM   1079 O  O   . THR A 1 157 ? 6.742   -0.448  21.238  1.00 59.01  ? 206 THR A O   1 
ATOM   1080 C  CB  . THR A 1 157 ? 9.044   0.581   18.992  1.00 59.34  ? 206 THR A CB  1 
ATOM   1081 O  OG1 . THR A 1 157 ? 10.371  0.247   18.586  1.00 62.92  ? 206 THR A OG1 1 
ATOM   1082 C  CG2 . THR A 1 157 ? 9.156   1.643   20.064  1.00 51.93  ? 206 THR A CG2 1 
ATOM   1083 N  N   . ASP A 1 158 ? 5.981   -0.230  19.149  1.00 69.69  ? 207 ASP A N   1 
ATOM   1084 C  CA  . ASP A 1 158 ? 4.585   -0.022  19.535  1.00 60.42  ? 207 ASP A CA  1 
ATOM   1085 C  C   . ASP A 1 158 ? 3.918   -1.232  20.210  1.00 69.35  ? 207 ASP A C   1 
ATOM   1086 O  O   . ASP A 1 158 ? 2.935   -1.063  20.922  1.00 70.51  ? 207 ASP A O   1 
ATOM   1087 C  CB  . ASP A 1 158 ? 3.779   0.410   18.324  1.00 62.65  ? 207 ASP A CB  1 
ATOM   1088 C  CG  . ASP A 1 158 ? 2.451   1.030   18.701  1.00 72.01  ? 207 ASP A CG  1 
ATOM   1089 O  OD1 . ASP A 1 158 ? 2.432   2.253   18.963  1.00 82.21  ? 207 ASP A OD1 1 
ATOM   1090 O  OD2 . ASP A 1 158 ? 1.431   0.301   18.736  1.00 66.48  ? 207 ASP A OD2 1 
ATOM   1091 N  N   . ILE A 1 159 ? 4.427   -2.447  19.999  1.00 71.36  ? 208 ILE A N   1 
ATOM   1092 C  CA  . ILE A 1 159 ? 4.014   -3.609  20.819  1.00 80.09  ? 208 ILE A CA  1 
ATOM   1093 C  C   . ILE A 1 159 ? 4.529   -3.463  22.253  1.00 86.41  ? 208 ILE A C   1 
ATOM   1094 O  O   . ILE A 1 159 ? 3.796   -3.760  23.202  1.00 73.97  ? 208 ILE A O   1 
ATOM   1095 C  CB  . ILE A 1 159 ? 4.516   -4.977  20.259  1.00 80.86  ? 208 ILE A CB  1 
ATOM   1096 C  CG1 . ILE A 1 159 ? 3.870   -5.310  18.896  1.00 81.54  ? 208 ILE A CG1 1 
ATOM   1097 C  CG2 . ILE A 1 159 ? 4.286   -6.097  21.275  1.00 72.79  ? 208 ILE A CG2 1 
ATOM   1098 C  CD1 . ILE A 1 159 ? 2.351   -5.229  18.888  1.00 78.58  ? 208 ILE A CD1 1 
ATOM   1099 N  N   . GLN A 1 160 ? 5.791   -3.015  22.363  1.00 95.92  ? 209 GLN A N   1 
ATOM   1100 C  CA  . GLN A 1 160 ? 6.561   -2.909  23.622  1.00 102.19 ? 209 GLN A CA  1 
ATOM   1101 C  C   . GLN A 1 160 ? 6.474   -1.509  24.233  1.00 107.48 ? 209 GLN A C   1 
ATOM   1102 O  O   . GLN A 1 160 ? 5.603   -1.217  25.057  1.00 102.20 ? 209 GLN A O   1 
ATOM   1103 C  CB  . GLN A 1 160 ? 8.041   -3.232  23.376  1.00 95.50  ? 209 GLN A CB  1 
ATOM   1104 C  CG  . GLN A 1 160 ? 8.299   -4.568  22.693  1.00 106.82 ? 209 GLN A CG  1 
ATOM   1105 C  CD  . GLN A 1 160 ? 8.582   -5.702  23.667  1.00 108.30 ? 209 GLN A CD  1 
ATOM   1106 O  OE1 . GLN A 1 160 ? 9.718   -5.888  24.112  1.00 105.86 ? 209 GLN A OE1 1 
ATOM   1107 N  NE2 . GLN A 1 160 ? 7.551   -6.484  23.987  1.00 107.58 ? 209 GLN A NE2 1 
HETATM 1108 N  N1  . LF8 B 2 .   ? -19.514 -10.551 -1.534  1.00 41.85  ? 301 LF8 A N1  1 
HETATM 1109 C  C2  . LF8 B 2 .   ? -19.962 -9.862  -0.457  1.00 45.18  ? 301 LF8 A C2  1 
HETATM 1110 C  C3  . LF8 B 2 .   ? -19.211 -9.779  0.742   1.00 40.75  ? 301 LF8 A C3  1 
HETATM 1111 C  C4  . LF8 B 2 .   ? -17.968 -10.426 0.744   1.00 35.53  ? 301 LF8 A C4  1 
HETATM 1112 C  C5  . LF8 B 2 .   ? -17.514 -11.113 -0.408  1.00 34.46  ? 301 LF8 A C5  1 
HETATM 1113 C  C6  . LF8 B 2 .   ? -18.324 -11.156 -1.572  1.00 40.23  ? 301 LF8 A C6  1 
HETATM 1114 C  C7  . LF8 B 2 .   ? -17.130 -10.334 1.936   1.00 37.78  ? 301 LF8 A C7  1 
HETATM 1115 C  C8  . LF8 B 2 .   ? -17.068 -11.449 2.776   1.00 41.09  ? 301 LF8 A C8  1 
HETATM 1116 C  C9  . LF8 B 2 .   ? -16.277 -11.404 3.906   1.00 40.47  ? 301 LF8 A C9  1 
HETATM 1117 C  C10 . LF8 B 2 .   ? -15.574 -10.225 4.156   1.00 41.01  ? 301 LF8 A C10 1 
HETATM 1118 C  C11 . LF8 B 2 .   ? -15.580 -9.123  3.317   1.00 36.73  ? 301 LF8 A C11 1 
HETATM 1119 C  C12 . LF8 B 2 .   ? -16.416 -9.159  2.186   1.00 37.89  ? 301 LF8 A C12 1 
HETATM 1120 CL CL  . LF8 B 2 .   ? -14.572 -10.264 5.617   1.00 43.25  ? 301 LF8 A CL  1 
HETATM 1121 C  C14 . LF8 B 2 .   ? -19.703 -9.008  1.971   1.00 33.28  ? 301 LF8 A C14 1 
HETATM 1122 C  C15 . LF8 B 2 .   ? -18.078 -11.899 -2.886  1.00 38.99  ? 301 LF8 A C15 1 
HETATM 1123 C  C16 . LF8 B 2 .   ? -21.323 -9.240  -0.642  1.00 50.74  ? 301 LF8 A C16 1 
HETATM 1124 C  C17 . LF8 B 2 .   ? -21.524 -7.938  -1.085  1.00 56.05  ? 301 LF8 A C17 1 
HETATM 1125 C  C18 . LF8 B 2 .   ? -22.851 -7.458  -1.229  1.00 60.30  ? 301 LF8 A C18 1 
HETATM 1126 C  C19 . LF8 B 2 .   ? -23.952 -8.294  -0.963  1.00 69.61  ? 301 LF8 A C19 1 
HETATM 1127 C  C20 . LF8 B 2 .   ? -23.735 -9.615  -0.554  1.00 70.83  ? 301 LF8 A C20 1 
HETATM 1128 C  C21 . LF8 B 2 .   ? -22.413 -10.058 -0.408  1.00 58.25  ? 301 LF8 A C21 1 
HETATM 1129 C  C22 . LF8 B 2 .   ? -25.370 -7.774  -1.122  1.00 68.42  ? 301 LF8 A C22 1 
HETATM 1130 C  C23 . LF8 B 2 .   ? -24.877 -10.579 -0.249  1.00 71.97  ? 301 LF8 A C23 1 
HETATM 1131 C  C24 . LF8 B 2 .   ? -16.209 -11.834 -0.321  1.00 37.22  ? 301 LF8 A C24 1 
HETATM 1132 C  C25 . LF8 B 2 .   ? -16.576 -13.303 -0.221  1.00 40.56  ? 301 LF8 A C25 1 
HETATM 1133 O  O26 . LF8 B 2 .   ? -15.418 -11.665 -1.478  1.00 35.76  ? 301 LF8 A O26 1 
HETATM 1134 C  C27 . LF8 B 2 .   ? -14.556 -10.529 -1.637  1.00 36.89  ? 301 LF8 A C27 1 
HETATM 1135 C  C28 . LF8 B 2 .   ? -15.329 -9.258  -1.833  1.00 32.73  ? 301 LF8 A C28 1 
HETATM 1136 C  C29 . LF8 B 2 .   ? -13.747 -10.777 -2.934  1.00 32.79  ? 301 LF8 A C29 1 
HETATM 1137 C  C30 . LF8 B 2 .   ? -13.687 -10.442 -0.393  1.00 35.23  ? 301 LF8 A C30 1 
HETATM 1138 O  O33 . LF8 B 2 .   ? -15.812 -14.134 -0.721  1.00 40.04  ? 301 LF8 A O33 1 
HETATM 1139 O  O34 . LF8 B 2 .   ? -17.634 -13.677 0.336   1.00 37.39  ? 301 LF8 A O34 1 
HETATM 1140 S  S   . SO4 C 3 .   ? -19.596 -4.209  -4.325  1.00 115.59 ? 302 SO4 A S   1 
HETATM 1141 O  O1  . SO4 C 3 .   ? -18.133 -4.024  -4.376  1.00 100.59 ? 302 SO4 A O1  1 
HETATM 1142 O  O2  . SO4 C 3 .   ? -20.173 -2.990  -4.932  1.00 106.09 ? 302 SO4 A O2  1 
HETATM 1143 O  O3  . SO4 C 3 .   ? -20.152 -4.415  -2.954  1.00 83.94  ? 302 SO4 A O3  1 
HETATM 1144 O  O4  . SO4 C 3 .   ? -19.930 -5.390  -5.155  1.00 107.10 ? 302 SO4 A O4  1 
HETATM 1145 S  S   . SO4 D 3 .   ? 1.265   -8.359  -19.020 1.00 75.89  ? 303 SO4 A S   1 
HETATM 1146 O  O1  . SO4 D 3 .   ? 0.138   -8.083  -19.982 1.00 80.45  ? 303 SO4 A O1  1 
HETATM 1147 O  O2  . SO4 D 3 .   ? 1.868   -7.099  -18.508 1.00 54.79  ? 303 SO4 A O2  1 
HETATM 1148 O  O3  . SO4 D 3 .   ? 0.706   -9.213  -17.917 1.00 72.50  ? 303 SO4 A O3  1 
HETATM 1149 O  O4  . SO4 D 3 .   ? 2.329   -9.128  -19.719 1.00 66.32  ? 303 SO4 A O4  1 
HETATM 1150 S  S   . SO4 E 3 .   ? -2.882  7.639   -12.146 1.00 87.59  ? 304 SO4 A S   1 
HETATM 1151 O  O1  . SO4 E 3 .   ? -2.743  8.874   -12.970 1.00 85.13  ? 304 SO4 A O1  1 
HETATM 1152 O  O2  . SO4 E 3 .   ? -2.362  7.998   -10.789 1.00 62.97  ? 304 SO4 A O2  1 
HETATM 1153 O  O3  . SO4 E 3 .   ? -4.296  7.154   -12.037 1.00 87.30  ? 304 SO4 A O3  1 
HETATM 1154 O  O4  . SO4 E 3 .   ? -2.134  6.558   -12.844 1.00 85.18  ? 304 SO4 A O4  1 
HETATM 1155 O  O   . HOH F 4 .   ? -7.500  -7.584  -4.687  1.00 33.99  ? 401 HOH A O   1 
HETATM 1156 O  O   . HOH F 4 .   ? -2.670  -11.850 5.192   1.00 32.40  ? 402 HOH A O   1 
HETATM 1157 O  O   . HOH F 4 .   ? 3.845   -6.127  -2.775  1.00 32.74  ? 403 HOH A O   1 
HETATM 1158 O  O   . HOH F 4 .   ? -17.493 -1.499  -6.903  1.00 46.08  ? 404 HOH A O   1 
HETATM 1159 O  O   . HOH F 4 .   ? -5.189  -11.928 6.094   1.00 33.19  ? 405 HOH A O   1 
HETATM 1160 O  O   . HOH F 4 .   ? -21.090 -10.543 -3.928  1.00 50.09  ? 406 HOH A O   1 
HETATM 1161 O  O   . HOH F 4 .   ? -21.955 -2.128  -2.788  1.00 48.41  ? 407 HOH A O   1 
HETATM 1162 O  O   . HOH F 4 .   ? -24.085 -4.153  -3.360  1.00 66.20  ? 408 HOH A O   1 
HETATM 1163 O  O   . HOH F 4 .   ? -17.215 -4.297  -6.596  1.00 62.26  ? 409 HOH A O   1 
HETATM 1164 O  O   . HOH F 4 .   ? -17.372 -5.982  -8.646  1.00 68.07  ? 410 HOH A O   1 
HETATM 1165 O  O   . HOH F 4 .   ? 0.753   -7.919  -15.362 1.00 39.38  ? 411 HOH A O   1 
HETATM 1166 O  O   . HOH F 4 .   ? -4.801  -8.648  -12.577 1.00 62.26  ? 412 HOH A O   1 
HETATM 1167 O  O   . HOH F 4 .   ? -12.645 0.246   -4.213  1.00 40.29  ? 413 HOH A O   1 
HETATM 1168 O  O   . HOH F 4 .   ? -15.407 6.944   1.768   1.00 49.36  ? 414 HOH A O   1 
HETATM 1169 O  O   . HOH F 4 .   ? -15.164 9.233   6.211   1.00 69.26  ? 415 HOH A O   1 
HETATM 1170 O  O   . HOH F 4 .   ? 1.805   4.681   9.736   1.00 43.26  ? 416 HOH A O   1 
HETATM 1171 O  O   . HOH F 4 .   ? -4.802  -5.745  11.402  1.00 42.66  ? 417 HOH A O   1 
HETATM 1172 O  O   . HOH F 4 .   ? -7.209  -4.674  10.965  1.00 38.10  ? 418 HOH A O   1 
HETATM 1173 O  O   . HOH F 4 .   ? -12.460 -1.394  15.441  1.00 65.83  ? 419 HOH A O   1 
HETATM 1174 O  O   . HOH F 4 .   ? -7.326  5.652   -5.727  1.00 38.46  ? 420 HOH A O   1 
HETATM 1175 O  O   . HOH F 4 .   ? -5.020  -8.412  -4.472  1.00 44.13  ? 421 HOH A O   1 
HETATM 1176 O  O   . HOH F 4 .   ? -0.602  -11.894 1.810   1.00 65.84  ? 422 HOH A O   1 
HETATM 1177 O  O   . HOH F 4 .   ? -6.593  7.973   -4.860  1.00 49.36  ? 423 HOH A O   1 
HETATM 1178 O  O   . HOH F 4 .   ? 1.605   7.337   -15.509 1.00 59.90  ? 424 HOH A O   1 
HETATM 1179 O  O   . HOH F 4 .   ? 7.321   8.429   -12.500 1.00 58.29  ? 425 HOH A O   1 
HETATM 1180 O  O   . HOH F 4 .   ? 1.028   -4.476  -19.402 1.00 51.91  ? 426 HOH A O   1 
HETATM 1181 O  O   . HOH F 4 .   ? 13.459  2.161   1.783   1.00 45.33  ? 427 HOH A O   1 
HETATM 1182 O  O   . HOH F 4 .   ? -13.947 1.188   -6.428  1.00 46.17  ? 428 HOH A O   1 
HETATM 1183 O  O   . HOH F 4 .   ? -15.822 0.541   -2.763  1.00 43.56  ? 429 HOH A O   1 
HETATM 1184 O  O   . HOH F 4 .   ? -13.963 -10.596 -6.998  1.00 58.34  ? 430 HOH A O   1 
HETATM 1185 O  O   . HOH F 4 .   ? 7.221   1.583   -16.948 1.00 53.75  ? 431 HOH A O   1 
HETATM 1186 O  O   . HOH F 4 .   ? 17.754  6.906   -9.769  1.00 58.52  ? 432 HOH A O   1 
HETATM 1187 O  O   . HOH F 4 .   ? -0.983  -13.220 -9.992  1.00 59.28  ? 433 HOH A O   1 
HETATM 1188 O  O   . HOH F 4 .   ? 9.057   -13.953 -20.758 1.00 51.04  ? 434 HOH A O   1 
HETATM 1189 O  O   . HOH F 4 .   ? 6.486   2.758   17.502  1.00 64.01  ? 435 HOH A O   1 
HETATM 1190 O  O   . HOH F 4 .   ? 12.809  -2.670  18.561  1.00 64.31  ? 436 HOH A O   1 
HETATM 1191 O  O   . HOH F 4 .   ? -4.297  -8.924  -7.614  1.00 57.69  ? 437 HOH A O   1 
HETATM 1192 O  O   . HOH F 4 .   ? -15.059 5.264   -7.134  1.00 46.94  ? 438 HOH A O   1 
HETATM 1193 O  O   . HOH F 4 .   ? 1.178   3.378   -19.365 1.00 58.71  ? 439 HOH A O   1 
HETATM 1194 O  O   . HOH F 4 .   ? -2.331  3.097   -18.098 1.00 51.86  ? 440 HOH A O   1 
HETATM 1195 O  O   . HOH F 4 .   ? 11.838  5.456   -14.898 1.00 58.17  ? 441 HOH A O   1 
HETATM 1196 O  O   . HOH F 4 .   ? -12.850 3.594   -6.529  1.00 45.02  ? 442 HOH A O   1 
HETATM 1197 O  O   . HOH F 4 .   ? -7.353  -10.047 -7.250  1.00 56.60  ? 443 HOH A O   1 
HETATM 1198 O  O   . HOH F 4 .   ? 0.145   -0.961  10.894  1.00 45.66  ? 444 HOH A O   1 
HETATM 1199 O  O   . HOH F 4 .   ? -14.706 -1.144  11.910  1.00 49.29  ? 445 HOH A O   1 
HETATM 1200 O  O   . HOH F 4 .   ? -10.031 0.982   13.559  1.00 57.98  ? 446 HOH A O   1 
HETATM 1201 O  O   . HOH F 4 .   ? -14.711 4.150   8.853   1.00 55.93  ? 447 HOH A O   1 
HETATM 1202 O  O   . HOH F 4 .   ? 6.786   3.327   -15.226 1.00 55.34  ? 448 HOH A O   1 
HETATM 1203 O  O   . HOH F 4 .   ? 1.848   -15.592 -12.119 1.00 53.76  ? 449 HOH A O   1 
HETATM 1204 O  O   . HOH F 4 .   ? -0.430  -11.561 -16.225 1.00 71.88  ? 450 HOH A O   1 
HETATM 1205 O  O   . HOH F 4 .   ? -1.543  -8.635  -14.441 1.00 57.27  ? 451 HOH A O   1 
HETATM 1206 O  O   . HOH F 4 .   ? -20.368 -13.087 0.406   1.00 49.22  ? 452 HOH A O   1 
HETATM 1207 O  O   . HOH F 4 .   ? 9.580   -6.180  -20.895 1.00 53.30  ? 453 HOH A O   1 
# 
